data_7ORL
#
_entry.id   7ORL
#
_cell.length_a   1.00
_cell.length_b   1.00
_cell.length_c   1.00
_cell.angle_alpha   90.00
_cell.angle_beta   90.00
_cell.angle_gamma   90.00
#
_symmetry.space_group_name_H-M   'P 1'
#
loop_
_entity.id
_entity.type
_entity.pdbx_description
1 polymer "RNA (5'-D(*(GTG))-R(P*AP*AP*UP*AP*CP*UP*AP*UP*AP*GP*UP*A)-3')"
2 polymer 'RNA-directed RNA polymerase L'
3 polymer "RNA (5'-R(P*AP*CP*GP*AP*GP*UP*GP*UP*CP*GP*UP*AP*CP*CP*AP*AP*G)-3')"
4 polymer "RNA (5'-R(P*CP*UP*UP*GP*GP*UP*AP*GP*UP*AP*CP*AP*CP*UP*AP*CP*U)-3')"
5 non-polymer "7-METHYL-GUANOSINE-5'-TRIPHOSPHATE-5'-GUANOSINE"
6 non-polymer 'MAGNESIUM ION'
7 non-polymer 'PYROPHOSPHATE 2-'
8 non-polymer 'ZINC ION'
#
loop_
_entity_poly.entity_id
_entity_poly.type
_entity_poly.pdbx_seq_one_letter_code
_entity_poly.pdbx_strand_id
1 'polyribonucleotide' AAUGCUAUAAUAGUA P
2 'polypeptide(L)'
;MDYQEYQQFLARINTARDACVAKDIDVDLLMARKDYFGRELCKSLNIEYRNDVPFIDIILDIRPEVDPLTIDAPHITPDN
YLYINNVLYIIDYKVSVSNESSVITYDKYYELTRDISDRLSIPIEIVIIRIDPVSRDLHINSDRFKELYPTIVVDINFNQ
FFDLKQLLYEKFGDDEEFLLKVAHGDFTLTAPWCKTGCPEFWKHPIYKEFKMSMPVPERRLFEESVKFNAYESERWNTNL
VKIREYTKKDYSEHISKSAKNIFLASGFYKQPNKNEISEGWTLMVERVQDQREISKSLHDQKPSIHFIWGAHNPGNSNNA
TFKLILLSKSLQSIKGISTYTEAFKSLGKMMDIGDKAIEYEEFCMSLKSKARSSWKQIMNKKLEPKQINNALVLWEQQFM
INNDLIDKSEKLKLFKNFCGIGKHKQFKNKMLEDLEVSKPKILDFDDANMYLASLTMMEQSKKILSKSNGLKPDNFILNE
FGSRIKDANKETYDNMHKIFETGYWQCISDFSTLMKNILSVSQYNRHNTFRIAMCANNNVFAIVFPSADIKTKKATVVYS
IIVLHKEEENIFNPGCLHGTFKCMNGYISISRAIRLDKERCQRIVSSPGLFLTTCLLFKHDNPTLVMSDIMNFSIYTSLS
ITKSVLSLTEPARYMIMNSLAISSNVKDYIAEKFSPYTKTLFSVYMTRLIKNACFDAYDQRQRVQLRDIYLSDYDITQKG
IKDNRELTSIWFPGSVTLKEYLTQIYLPFYFNAKGLHEKHHVMVDLAKTILEIECEQRENIKEIWSTNCTKQTVNLKILI
HSLCKNLLADTSRHNHLRNRIENRNNFRRSITTISTFTSSKSCLKIGDFRKEKELQSVKQKKILEVQSRKMRLANPMFVT
DEQVCLEVGHCNYEMLRNAMPNYTDYISTKVFDRLYELLDKKVLTDKPVIEQIMDMMIDHKKFYFTFFNKGQKTSKDREI
FVGEYEAKMCMYAVERIAKERCKLNPDEMISEPGDGKLKVLEQKSEQEIRFLVETTRQKNREIDEAIEALATEGSGWSHP
QFEKGSGYESNLGKIEKLSLGKAKGLKMEINADMSKWSAQDVFYKYFWLIALDPILYPQEKERILYFMCNYMDKELILPD
ELLFNLLDQKVAYQNDIIATMTNQLNSNTVLIKRNWLQGNFNYTSSYVHSCAMSVYKEILKEAITLLDGSILVNSLVHSD
DNQTSITIVQDKMENDKIIDFAMKEFERACLTFGCQANMKKTYVTNCIKEFVSLFNLYGEPFSIYGRFLLTSVGDCAYIG
PYEDLASRISSAQTAIKHGCPPSLAWVSIAISHWMTSLTYNMLPGQSNDPIDYFPAENRKDIPIELNGVLDAPLSMISTV
GLESGNLYFLIKLLSKYTPVMQKRESVVNQIAEVKNWKVEDLTDNEIFRLKILRYLVLDAEMDPSDIMGETSDMRGRSIL
TPRKFTTAGSLRKLYSFSKYQDRLSSPGGMVELFTYLLEKPELLVTKGEDMKDYMESVIFRYNSKRFKESLSIQNPAQLF
IEQILFSHKPVIDFSGIRDKYINLHDSRALEKEPDILGKVTFTEAYRLLMRDLSSLELTNDDIQVIYSYIILNDPMMITI
ANTHILSIYGSPQRRMGMSCSTMPEFRNLKLIHHSPALVLRAYSKNNPDIQGADPTEMARDLVHLKEFVENTNLEEKMKV
RIAMNEAEKGQRDIVFELKEMTRFYQVCYEYVKSTEHKIKVFILPAKSYTTTDFCSLMQGNLIKDKEWYTVHYLKQILSG
GHKAIMQHNATSEQNIAFECFKLITHFADSFIDSLSRSAFLQLIIDEFSYKDVKVSKLYDIIKNGYNRTDFIPLLFRTGD
LRQADLDKYDAMKSHERVTWNDWQTSRHLDMGSINLTITGYNRSITIIGEDNKLTYAELCLTRKTPENITISGRKLLGSR
HGLKFENMSKIQTYPGNYYITYRKKDRHQFVYQIHSHESITRRNEEHMAIRTRIYNEITPVCVVNVAEVDGDQRILIRSL
DYLNNDIFSLSRIKVGLDEFATIKKAHFSKMVSFEGPPIKTGLLDLTELMKSQDLLNLNYDNIRNSNLISFSKLICCEGS
DNINDGLEFLSDDPMNFTEGEAIHSTPIFNIYYSKRGERHMTYRNAIKLLIERETKIFEEAFTFSENGFISPENLGCLEA
VVSLIKLLKTNEWSTVIDKCIHICLIKNGMDHMYHSFDVPKCFMGNPITRDINWVMFREFINSLPGTDIPPWNVMTENFK
KKCIALINSKFETQRDFSEFTKLMKKEGGRSNIEFD
;
A
3 'polyribonucleotide' ACGAGUGUCGUACCAAG H
4 'polyribonucleotide' UAUCUAUACUUGGUAGUACACUACU T
#
# COMPACT_ATOMS: atom_id res chain seq x y z
N MET B 1 -9.67 -23.25 41.46
CA MET B 1 -11.02 -22.75 41.70
C MET B 1 -11.80 -22.61 40.39
N ASP B 2 -13.11 -22.89 40.48
CA ASP B 2 -14.05 -22.80 39.36
C ASP B 2 -13.80 -23.91 38.35
N TYR B 3 -14.84 -24.30 37.62
CA TYR B 3 -14.75 -25.37 36.64
C TYR B 3 -14.46 -24.84 35.24
N GLN B 4 -15.11 -23.75 34.83
CA GLN B 4 -14.82 -23.13 33.54
C GLN B 4 -13.40 -22.61 33.48
N GLU B 5 -12.93 -21.98 34.56
CA GLU B 5 -11.56 -21.52 34.62
C GLU B 5 -10.58 -22.69 34.55
N TYR B 6 -10.91 -23.77 35.25
CA TYR B 6 -10.06 -24.96 35.21
C TYR B 6 -9.97 -25.53 33.80
N GLN B 7 -11.11 -25.60 33.10
CA GLN B 7 -11.10 -26.10 31.74
C GLN B 7 -10.32 -25.19 30.80
N GLN B 8 -10.47 -23.87 30.95
CA GLN B 8 -9.71 -22.94 30.12
C GLN B 8 -8.21 -23.11 30.36
N PHE B 9 -7.81 -23.22 31.63
CA PHE B 9 -6.39 -23.40 31.94
C PHE B 9 -5.87 -24.71 31.37
N LEU B 10 -6.64 -25.79 31.48
CA LEU B 10 -6.21 -27.07 30.92
C LEU B 10 -6.09 -27.00 29.40
N ALA B 11 -7.03 -26.33 28.74
CA ALA B 11 -6.93 -26.15 27.29
C ALA B 11 -5.69 -25.36 26.92
N ARG B 12 -5.37 -24.34 27.71
CA ARG B 12 -4.16 -23.56 27.47
C ARG B 12 -2.90 -24.40 27.67
N ILE B 13 -2.91 -25.29 28.66
CA ILE B 13 -1.75 -26.14 28.94
C ILE B 13 -1.48 -27.07 27.76
N ASN B 14 -2.52 -27.72 27.24
CA ASN B 14 -2.33 -28.74 26.22
C ASN B 14 -1.74 -28.16 24.95
N THR B 15 -2.24 -26.99 24.52
CA THR B 15 -1.79 -26.41 23.26
C THR B 15 -0.44 -25.73 23.43
N ALA B 16 -0.05 -25.41 24.67
CA ALA B 16 1.20 -24.70 24.91
C ALA B 16 2.40 -25.55 24.50
N ARG B 17 3.30 -24.95 23.71
CA ARG B 17 4.49 -25.64 23.26
C ARG B 17 5.74 -24.77 23.29
N ASP B 18 5.63 -23.51 23.68
CA ASP B 18 6.76 -22.58 23.69
C ASP B 18 7.06 -22.16 25.12
N ALA B 19 8.31 -21.77 25.37
CA ALA B 19 8.72 -21.35 26.71
C ALA B 19 7.98 -20.11 27.16
N CYS B 20 7.80 -19.14 26.25
CA CYS B 20 7.10 -17.91 26.61
C CYS B 20 5.65 -18.18 26.95
N VAL B 21 4.99 -19.05 26.19
CA VAL B 21 3.59 -19.38 26.48
C VAL B 21 3.48 -20.04 27.85
N ALA B 22 4.38 -20.97 28.16
CA ALA B 22 4.35 -21.63 29.47
C ALA B 22 4.62 -20.64 30.59
N LYS B 23 5.55 -19.71 30.38
CA LYS B 23 5.81 -18.69 31.39
C LYS B 23 4.58 -17.81 31.60
N ASP B 24 3.88 -17.46 30.52
CA ASP B 24 2.65 -16.67 30.67
C ASP B 24 1.59 -17.46 31.44
N ILE B 25 1.45 -18.75 31.15
CA ILE B 25 0.48 -19.56 31.88
C ILE B 25 0.84 -19.62 33.36
N ASP B 26 2.13 -19.77 33.68
CA ASP B 26 2.55 -19.82 35.07
C ASP B 26 2.25 -18.50 35.77
N VAL B 27 2.54 -17.37 35.10
CA VAL B 27 2.27 -16.06 35.70
C VAL B 27 0.78 -15.88 35.94
N ASP B 28 -0.05 -16.27 34.96
CA ASP B 28 -1.49 -16.12 35.12
C ASP B 28 -2.03 -17.06 36.20
N LEU B 29 -1.43 -18.24 36.35
CA LEU B 29 -1.83 -19.14 37.42
C LEU B 29 -1.52 -18.54 38.79
N LEU B 30 -0.33 -17.96 38.94
CA LEU B 30 0.01 -17.29 40.20
C LEU B 30 -0.93 -16.12 40.46
N MET B 31 -1.26 -15.36 39.42
CA MET B 31 -2.19 -14.25 39.58
C MET B 31 -3.59 -14.74 39.97
N ALA B 32 -4.01 -15.88 39.41
CA ALA B 32 -5.32 -16.44 39.77
C ALA B 32 -5.33 -16.91 41.22
N ARG B 33 -4.23 -17.53 41.64
CA ARG B 33 -4.11 -17.97 43.05
C ARG B 33 -4.24 -16.73 43.94
N LYS B 34 -3.56 -15.65 43.57
CA LYS B 34 -3.59 -14.41 44.38
C LYS B 34 -5.02 -13.88 44.40
N ASP B 35 -5.69 -13.95 43.24
CA ASP B 35 -7.09 -13.44 43.16
C ASP B 35 -7.96 -14.28 44.10
N TYR B 36 -7.78 -15.60 44.10
CA TYR B 36 -8.61 -16.48 44.94
C TYR B 36 -8.39 -16.07 46.39
N PHE B 37 -7.12 -15.92 46.77
CA PHE B 37 -6.81 -15.62 48.17
C PHE B 37 -7.36 -14.26 48.57
N GLY B 38 -7.22 -13.26 47.69
CA GLY B 38 -7.71 -11.93 48.01
C GLY B 38 -9.21 -11.88 48.15
N ARG B 39 -9.92 -12.55 47.24
CA ARG B 39 -11.38 -12.59 47.32
C ARG B 39 -11.84 -13.27 48.62
N GLU B 40 -11.21 -14.40 48.97
CA GLU B 40 -11.59 -15.09 50.19
C GLU B 40 -11.27 -14.26 51.43
N LEU B 41 -10.13 -13.58 51.44
CA LEU B 41 -9.80 -12.73 52.57
C LEU B 41 -10.76 -11.55 52.68
N CYS B 42 -11.17 -10.99 51.54
CA CYS B 42 -12.13 -9.89 51.56
C CYS B 42 -13.49 -10.36 52.07
N LYS B 43 -13.92 -11.56 51.66
CA LYS B 43 -15.18 -12.09 52.15
C LYS B 43 -15.12 -12.36 53.65
N SER B 44 -13.99 -12.88 54.13
CA SER B 44 -13.89 -13.19 55.56
C SER B 44 -13.76 -11.93 56.40
N LEU B 45 -13.07 -10.91 55.89
CA LEU B 45 -12.78 -9.71 56.65
C LEU B 45 -13.90 -8.67 56.57
N ASN B 46 -14.98 -8.96 55.85
CA ASN B 46 -16.15 -8.08 55.76
C ASN B 46 -15.78 -6.70 55.21
N ILE B 47 -14.93 -6.67 54.19
CA ILE B 47 -14.54 -5.45 53.52
C ILE B 47 -14.70 -5.65 52.01
N GLU B 48 -14.81 -4.52 51.31
CA GLU B 48 -15.01 -4.57 49.86
C GLU B 48 -13.81 -5.20 49.17
N TYR B 49 -14.08 -5.95 48.10
CA TYR B 49 -13.04 -6.63 47.35
C TYR B 49 -12.45 -5.65 46.32
N ARG B 50 -11.21 -5.23 46.55
CA ARG B 50 -10.49 -4.35 45.65
C ARG B 50 -9.11 -4.93 45.39
N ASN B 51 -8.56 -4.64 44.21
CA ASN B 51 -7.24 -5.10 43.82
C ASN B 51 -6.52 -4.03 43.02
N ASP B 52 -5.36 -3.60 43.52
CA ASP B 52 -4.49 -2.66 42.82
C ASP B 52 -5.22 -1.37 42.44
N VAL B 53 -5.97 -0.83 43.39
CA VAL B 53 -6.65 0.45 43.14
C VAL B 53 -5.63 1.58 43.20
N PRO B 54 -5.77 2.64 42.41
CA PRO B 54 -4.81 3.75 42.48
C PRO B 54 -4.84 4.43 43.84
N PHE B 55 -3.68 4.92 44.27
CA PHE B 55 -3.58 5.56 45.58
C PHE B 55 -4.38 6.86 45.64
N ILE B 56 -4.30 7.67 44.58
CA ILE B 56 -5.03 8.93 44.57
C ILE B 56 -6.53 8.67 44.65
N ASP B 57 -6.99 7.57 44.06
CA ASP B 57 -8.39 7.19 44.22
C ASP B 57 -8.73 6.98 45.69
N ILE B 58 -7.84 6.32 46.44
CA ILE B 58 -8.05 6.13 47.87
C ILE B 58 -8.07 7.48 48.59
N ILE B 59 -7.17 8.39 48.19
CA ILE B 59 -7.11 9.69 48.83
C ILE B 59 -8.43 10.43 48.69
N LEU B 60 -8.98 10.46 47.47
CA LEU B 60 -10.29 11.09 47.30
C LEU B 60 -11.41 10.28 47.95
N ASP B 61 -11.22 8.97 48.12
CA ASP B 61 -12.20 8.17 48.82
C ASP B 61 -12.33 8.59 50.28
N ILE B 62 -11.20 8.66 50.98
CA ILE B 62 -11.25 8.90 52.42
C ILE B 62 -11.59 10.36 52.72
N ARG B 63 -10.99 11.31 52.01
CA ARG B 63 -11.16 12.74 52.26
C ARG B 63 -11.47 13.45 50.96
N PRO B 64 -12.75 13.49 50.56
CA PRO B 64 -13.14 14.17 49.32
C PRO B 64 -13.32 15.67 49.49
N GLU B 65 -12.29 16.33 50.03
CA GLU B 65 -12.28 17.76 50.21
C GLU B 65 -10.99 18.43 49.72
N VAL B 66 -9.97 17.65 49.40
CA VAL B 66 -8.69 18.17 48.91
C VAL B 66 -8.65 17.99 47.40
N ASP B 67 -8.03 18.94 46.71
CA ASP B 67 -7.96 18.88 45.26
C ASP B 67 -7.05 17.73 44.83
N PRO B 68 -7.54 16.79 44.02
CA PRO B 68 -6.65 15.73 43.51
C PRO B 68 -5.50 16.25 42.69
N LEU B 69 -5.69 17.36 41.97
CA LEU B 69 -4.64 17.86 41.09
C LEU B 69 -3.43 18.34 41.88
N THR B 70 -3.65 19.04 43.00
CA THR B 70 -2.53 19.64 43.72
C THR B 70 -1.75 18.59 44.51
N ILE B 71 -2.40 17.50 44.91
CA ILE B 71 -1.74 16.53 45.78
C ILE B 71 -0.79 15.66 44.95
N ASP B 72 0.29 15.22 45.57
CA ASP B 72 1.30 14.40 44.92
C ASP B 72 1.48 13.12 45.72
N ALA B 73 1.03 12.00 45.16
CA ALA B 73 1.03 10.73 45.85
C ALA B 73 1.83 9.69 45.07
N PRO B 74 2.40 8.70 45.74
CA PRO B 74 3.15 7.66 45.02
C PRO B 74 2.25 6.89 44.07
N HIS B 75 2.84 6.44 42.96
CA HIS B 75 2.09 5.77 41.90
C HIS B 75 1.89 4.27 42.16
N ILE B 76 2.28 3.78 43.33
CA ILE B 76 2.04 2.37 43.66
C ILE B 76 0.54 2.13 43.74
N THR B 77 0.14 0.88 43.48
CA THR B 77 -1.27 0.52 43.53
C THR B 77 -1.50 -0.39 44.72
N PRO B 78 -2.01 0.13 45.84
CA PRO B 78 -2.34 -0.75 46.97
C PRO B 78 -3.40 -1.78 46.59
N ASP B 79 -3.25 -2.99 47.13
CA ASP B 79 -4.26 -4.01 46.89
C ASP B 79 -5.60 -3.62 47.52
N ASN B 80 -5.56 -3.09 48.74
CA ASN B 80 -6.77 -2.66 49.41
C ASN B 80 -6.44 -1.58 50.42
N TYR B 81 -7.46 -0.83 50.83
CA TYR B 81 -7.32 0.22 51.82
C TYR B 81 -8.44 0.10 52.84
N LEU B 82 -8.14 0.46 54.09
CA LEU B 82 -9.13 0.44 55.15
C LEU B 82 -8.96 1.70 55.99
N TYR B 83 -10.04 2.46 56.13
CA TYR B 83 -10.04 3.70 56.90
C TYR B 83 -10.85 3.50 58.16
N ILE B 84 -10.24 3.75 59.31
CA ILE B 84 -10.89 3.62 60.60
C ILE B 84 -10.20 4.56 61.57
N ASN B 85 -10.95 5.03 62.56
CA ASN B 85 -10.48 5.89 63.67
C ASN B 85 -9.39 6.87 63.22
N ASN B 86 -9.65 7.56 62.11
CA ASN B 86 -8.75 8.58 61.57
C ASN B 86 -7.38 8.00 61.21
N VAL B 87 -7.38 6.72 60.84
CA VAL B 87 -6.16 6.04 60.40
C VAL B 87 -6.47 5.23 59.16
N LEU B 88 -5.58 5.30 58.18
CA LEU B 88 -5.72 4.56 56.93
C LEU B 88 -4.72 3.40 56.93
N TYR B 89 -5.20 2.21 56.62
CA TYR B 89 -4.37 1.00 56.57
C TYR B 89 -4.26 0.53 55.13
N ILE B 90 -3.03 0.36 54.67
CA ILE B 90 -2.75 -0.10 53.30
C ILE B 90 -2.56 -1.60 53.34
N ILE B 91 -3.46 -2.33 52.68
CA ILE B 91 -3.49 -3.80 52.72
C ILE B 91 -2.87 -4.33 51.45
N ASP B 92 -1.92 -5.25 51.60
CA ASP B 92 -1.25 -5.91 50.49
C ASP B 92 -1.34 -7.41 50.67
N TYR B 93 -1.86 -8.10 49.66
CA TYR B 93 -2.04 -9.55 49.72
C TYR B 93 -0.78 -10.22 49.19
N LYS B 94 -0.23 -11.16 49.98
CA LYS B 94 0.98 -11.93 49.55
C LYS B 94 0.75 -13.42 49.80
N VAL B 95 1.13 -14.29 48.86
CA VAL B 95 0.94 -15.76 49.00
C VAL B 95 2.31 -16.44 48.90
N SER B 96 3.18 -16.22 49.90
CA SER B 96 4.57 -16.78 49.86
C SER B 96 5.02 -17.20 51.25
N VAL B 97 6.04 -18.06 51.33
CA VAL B 97 6.60 -18.46 52.66
C VAL B 97 7.74 -17.51 53.02
N SER B 98 8.06 -16.55 52.14
CA SER B 98 9.23 -15.67 52.40
C SER B 98 8.81 -14.37 53.08
N ASN B 99 9.26 -14.14 54.32
CA ASN B 99 8.98 -12.86 55.01
C ASN B 99 9.75 -11.75 54.28
N GLU B 100 10.94 -12.08 53.75
CA GLU B 100 11.80 -11.05 53.10
C GLU B 100 11.07 -10.40 51.93
N SER B 101 10.36 -11.19 51.13
CA SER B 101 9.70 -10.62 49.92
C SER B 101 8.72 -9.54 50.37
N SER B 102 8.02 -9.76 51.48
CA SER B 102 7.00 -8.80 51.96
C SER B 102 7.60 -7.67 52.81
N VAL B 103 8.69 -7.92 53.54
CA VAL B 103 9.33 -6.81 54.29
C VAL B 103 9.91 -5.82 53.28
N ILE B 104 10.32 -6.29 52.10
CA ILE B 104 10.79 -5.35 51.05
C ILE B 104 9.60 -4.47 50.65
N THR B 105 8.44 -5.11 50.46
CA THR B 105 7.23 -4.33 50.09
C THR B 105 6.93 -3.38 51.24
N TYR B 106 7.06 -3.85 52.48
CA TYR B 106 6.66 -2.95 53.59
C TYR B 106 7.57 -1.74 53.57
N ASP B 107 8.87 -1.94 53.43
CA ASP B 107 9.79 -0.78 53.52
C ASP B 107 9.48 0.17 52.35
N LYS B 108 9.27 -0.37 51.15
CA LYS B 108 9.06 0.57 50.02
C LYS B 108 7.79 1.36 50.28
N TYR B 109 6.72 0.70 50.73
CA TYR B 109 5.44 1.43 50.90
C TYR B 109 5.65 2.49 51.98
N TYR B 110 6.33 2.13 53.06
CA TYR B 110 6.53 3.07 54.20
C TYR B 110 7.31 4.30 53.72
N GLU B 111 8.35 4.08 52.93
CA GLU B 111 9.20 5.25 52.56
C GLU B 111 8.44 6.12 51.55
N LEU B 112 7.52 5.52 50.80
CA LEU B 112 6.74 6.30 49.85
C LEU B 112 5.56 7.00 50.52
N THR B 113 4.91 6.33 51.48
CA THR B 113 3.65 6.84 52.01
C THR B 113 3.87 7.84 53.13
N ARG B 114 5.13 7.98 53.58
CA ARG B 114 5.45 8.97 54.65
C ARG B 114 5.24 10.40 54.14
N ASP B 115 5.57 10.69 52.88
CA ASP B 115 5.36 12.05 52.31
C ASP B 115 3.86 12.37 52.33
N ILE B 116 3.04 11.45 51.81
CA ILE B 116 1.58 11.69 51.74
C ILE B 116 1.06 11.85 53.17
N SER B 117 1.58 11.05 54.11
CA SER B 117 1.09 11.11 55.50
C SER B 117 1.37 12.50 56.10
N ASP B 118 2.57 13.05 55.86
CA ASP B 118 2.87 14.41 56.37
C ASP B 118 1.98 15.44 55.66
N ARG B 119 1.79 15.29 54.35
CA ARG B 119 1.02 16.32 53.60
C ARG B 119 -0.45 16.32 54.07
N LEU B 120 -1.03 15.15 54.33
CA LEU B 120 -2.48 15.10 54.70
C LEU B 120 -2.64 15.11 56.22
N SER B 121 -1.60 14.69 56.95
CA SER B 121 -1.61 14.60 58.42
C SER B 121 -2.40 13.40 58.91
N ILE B 122 -2.65 12.41 58.05
CA ILE B 122 -3.23 11.14 58.46
C ILE B 122 -2.10 10.13 58.54
N PRO B 123 -1.86 9.51 59.69
CA PRO B 123 -0.82 8.47 59.76
C PRO B 123 -1.20 7.28 58.90
N ILE B 124 -0.35 6.97 57.94
CA ILE B 124 -0.58 5.91 56.98
C ILE B 124 0.19 4.68 57.44
N GLU B 125 -0.53 3.63 57.81
CA GLU B 125 0.06 2.39 58.30
C GLU B 125 -0.08 1.32 57.22
N ILE B 126 1.01 0.61 56.96
CA ILE B 126 1.05 -0.40 55.92
C ILE B 126 0.98 -1.78 56.57
N VAL B 127 0.05 -2.60 56.09
CA VAL B 127 -0.12 -3.96 56.58
C VAL B 127 0.00 -4.92 55.41
N ILE B 128 0.75 -5.99 55.60
CA ILE B 128 0.92 -7.04 54.61
C ILE B 128 0.41 -8.35 55.19
N ILE B 129 -0.56 -8.96 54.52
CA ILE B 129 -1.11 -10.25 54.92
C ILE B 129 -0.40 -11.33 54.12
N ARG B 130 0.14 -12.31 54.85
CA ARG B 130 0.93 -13.38 54.20
C ARG B 130 0.32 -14.74 54.52
N ILE B 131 0.20 -15.60 53.52
CA ILE B 131 -0.31 -16.96 53.66
C ILE B 131 0.69 -17.92 53.05
N ASP B 132 0.95 -19.02 53.74
CA ASP B 132 1.83 -20.06 53.21
C ASP B 132 0.99 -21.09 52.46
N PRO B 133 1.15 -21.24 51.14
CA PRO B 133 0.26 -22.13 50.39
C PRO B 133 0.33 -23.59 50.83
N VAL B 134 1.50 -24.07 51.26
CA VAL B 134 1.63 -25.48 51.62
C VAL B 134 0.79 -25.81 52.85
N SER B 135 0.81 -24.95 53.85
CA SER B 135 0.02 -25.11 55.07
C SER B 135 -0.68 -23.80 55.38
N ARG B 136 -2.00 -23.83 55.37
CA ARG B 136 -2.78 -22.60 55.51
C ARG B 136 -2.55 -21.97 56.88
N ASP B 137 -1.95 -20.77 56.87
CA ASP B 137 -1.75 -19.99 58.08
C ASP B 137 -1.61 -18.53 57.68
N LEU B 138 -2.00 -17.65 58.60
CA LEU B 138 -2.07 -16.22 58.31
C LEU B 138 -1.05 -15.47 59.15
N HIS B 139 -0.28 -14.60 58.50
CA HIS B 139 0.72 -13.78 59.15
C HIS B 139 0.47 -12.32 58.81
N ILE B 140 0.46 -11.46 59.83
CA ILE B 140 0.14 -10.05 59.69
C ILE B 140 1.35 -9.23 60.11
N ASN B 141 1.78 -8.32 59.25
CA ASN B 141 2.95 -7.49 59.56
C ASN B 141 2.61 -6.42 60.58
N SER B 142 1.40 -5.86 60.52
CA SER B 142 1.03 -4.73 61.35
C SER B 142 0.33 -5.20 62.62
N ASP B 143 0.78 -4.70 63.76
CA ASP B 143 0.14 -5.03 65.03
C ASP B 143 -1.21 -4.37 65.15
N ARG B 144 -1.38 -3.17 64.60
CA ARG B 144 -2.67 -2.49 64.64
C ARG B 144 -3.72 -3.26 63.86
N PHE B 145 -3.35 -3.79 62.70
CA PHE B 145 -4.30 -4.53 61.87
C PHE B 145 -4.80 -5.78 62.58
N LYS B 146 -3.90 -6.53 63.20
CA LYS B 146 -4.32 -7.72 63.94
C LYS B 146 -5.09 -7.33 65.20
N GLU B 147 -4.87 -6.12 65.70
CA GLU B 147 -5.66 -5.63 66.82
C GLU B 147 -7.10 -5.35 66.39
N LEU B 148 -7.28 -4.84 65.17
CA LEU B 148 -8.62 -4.54 64.68
C LEU B 148 -9.48 -5.79 64.59
N TYR B 149 -8.91 -6.88 64.08
CA TYR B 149 -9.63 -8.15 63.98
C TYR B 149 -9.03 -9.14 64.97
N PRO B 150 -9.70 -9.42 66.10
CA PRO B 150 -9.09 -10.29 67.12
C PRO B 150 -8.74 -11.67 66.60
N THR B 151 -9.56 -12.22 65.70
CA THR B 151 -9.31 -13.53 65.11
C THR B 151 -9.26 -13.38 63.59
N ILE B 152 -8.30 -14.07 62.97
CA ILE B 152 -8.16 -14.08 61.51
C ILE B 152 -8.29 -15.53 61.06
N VAL B 153 -9.45 -15.89 60.52
CA VAL B 153 -9.69 -17.27 60.12
C VAL B 153 -10.29 -17.33 58.71
N VAL B 154 -9.49 -17.84 57.78
CA VAL B 154 -10.01 -18.20 56.46
C VAL B 154 -9.84 -19.69 56.27
N ASP B 155 -10.66 -20.27 55.37
CA ASP B 155 -10.65 -21.70 55.10
C ASP B 155 -10.45 -21.91 53.60
N ILE B 156 -9.19 -21.92 53.17
CA ILE B 156 -8.83 -22.03 51.76
C ILE B 156 -7.62 -22.94 51.63
N ASN B 157 -7.62 -23.77 50.59
CA ASN B 157 -6.48 -24.63 50.26
C ASN B 157 -6.22 -24.53 48.77
N PHE B 158 -4.96 -24.29 48.40
CA PHE B 158 -4.58 -24.15 47.00
C PHE B 158 -4.14 -25.49 46.39
N ASN B 159 -5.00 -26.50 46.53
CA ASN B 159 -4.68 -27.80 45.95
C ASN B 159 -4.90 -27.81 44.44
N GLN B 160 -5.90 -27.06 43.96
CA GLN B 160 -6.13 -26.98 42.53
C GLN B 160 -4.98 -26.31 41.81
N PHE B 161 -4.48 -25.19 42.35
CA PHE B 161 -3.40 -24.47 41.70
C PHE B 161 -2.11 -25.27 41.69
N PHE B 162 -1.80 -25.95 42.81
CA PHE B 162 -0.55 -26.69 42.90
C PHE B 162 -0.51 -27.83 41.90
N ASP B 163 -1.63 -28.54 41.74
CA ASP B 163 -1.67 -29.67 40.81
C ASP B 163 -1.47 -29.20 39.37
N LEU B 164 -2.12 -28.10 38.98
CA LEU B 164 -1.97 -27.59 37.62
C LEU B 164 -0.54 -27.08 37.38
N LYS B 165 0.04 -26.41 38.37
CA LYS B 165 1.42 -25.97 38.26
C LYS B 165 2.36 -27.16 38.11
N GLN B 166 2.10 -28.24 38.86
CA GLN B 166 2.91 -29.45 38.73
C GLN B 166 2.76 -30.06 37.35
N LEU B 167 1.54 -30.07 36.81
CA LEU B 167 1.34 -30.57 35.45
C LEU B 167 2.12 -29.74 34.43
N LEU B 168 2.06 -28.41 34.57
CA LEU B 168 2.81 -27.53 33.67
C LEU B 168 4.30 -27.78 33.77
N TYR B 169 4.81 -27.94 35.00
CA TYR B 169 6.23 -28.22 35.17
C TYR B 169 6.61 -29.57 34.57
N GLU B 170 5.74 -30.57 34.73
CA GLU B 170 6.01 -31.89 34.16
C GLU B 170 6.08 -31.83 32.64
N LYS B 171 5.18 -31.06 32.02
CA LYS B 171 5.22 -30.93 30.57
C LYS B 171 6.50 -30.24 30.10
N PHE B 172 6.92 -29.18 30.81
CA PHE B 172 8.05 -28.37 30.39
C PHE B 172 9.27 -28.49 31.32
N GLY B 173 9.38 -29.59 32.06
CA GLY B 173 10.56 -29.78 32.89
C GLY B 173 11.83 -29.95 32.07
N ASP B 174 11.72 -30.62 30.93
CA ASP B 174 12.88 -30.80 30.06
C ASP B 174 13.33 -29.49 29.43
N ASP B 175 12.39 -28.58 29.16
CA ASP B 175 12.71 -27.31 28.51
C ASP B 175 13.55 -26.45 29.44
N GLU B 176 14.84 -26.33 29.14
CA GLU B 176 15.73 -25.53 29.97
C GLU B 176 15.35 -24.06 29.92
N GLU B 177 14.98 -23.57 28.74
CA GLU B 177 14.62 -22.16 28.59
C GLU B 177 13.43 -21.82 29.48
N PHE B 178 12.46 -22.72 29.59
CA PHE B 178 11.34 -22.51 30.50
C PHE B 178 11.81 -22.41 31.94
N LEU B 179 12.76 -23.26 32.34
CA LEU B 179 13.27 -23.22 33.71
C LEU B 179 13.97 -21.90 34.01
N LEU B 180 14.66 -21.34 33.01
CA LEU B 180 15.28 -20.03 33.20
C LEU B 180 14.23 -18.94 33.38
N LYS B 181 13.14 -19.00 32.60
CA LYS B 181 12.14 -17.95 32.63
C LYS B 181 11.42 -17.88 33.97
N VAL B 182 11.09 -19.03 34.56
CA VAL B 182 10.32 -19.04 35.79
C VAL B 182 11.14 -18.52 36.96
N ALA B 183 12.47 -18.54 36.82
CA ALA B 183 13.33 -18.05 37.90
C ALA B 183 13.12 -16.56 38.14
N HIS B 184 13.00 -15.78 37.08
CA HIS B 184 12.88 -14.33 37.19
C HIS B 184 11.42 -13.89 36.97
N GLY B 185 11.23 -12.58 36.89
CA GLY B 185 9.90 -12.02 36.77
C GLY B 185 9.30 -12.17 35.39
N ASP B 186 8.30 -11.33 35.12
CA ASP B 186 7.57 -11.38 33.85
C ASP B 186 8.46 -11.01 32.67
N PHE B 187 9.49 -10.19 32.92
CA PHE B 187 10.41 -9.80 31.86
C PHE B 187 11.33 -10.98 31.54
N THR B 188 11.22 -11.50 30.33
CA THR B 188 11.90 -12.74 29.94
C THR B 188 12.97 -12.45 28.90
N LEU B 189 14.16 -13.02 29.11
CA LEU B 189 15.23 -13.02 28.13
C LEU B 189 15.64 -14.46 27.83
N THR B 190 15.99 -14.71 26.58
CA THR B 190 16.36 -16.08 26.19
C THR B 190 17.80 -16.36 26.59
N ALA B 191 18.36 -17.45 26.09
CA ALA B 191 19.73 -17.79 26.40
C ALA B 191 20.69 -16.78 25.77
N PRO B 192 21.82 -16.51 26.41
CA PRO B 192 22.76 -15.53 25.86
C PRO B 192 23.26 -15.93 24.48
N TRP B 193 23.48 -14.94 23.63
CA TRP B 193 24.00 -15.19 22.29
C TRP B 193 25.51 -15.35 22.26
N CYS B 194 26.19 -15.15 23.39
CA CYS B 194 27.62 -15.43 23.48
C CYS B 194 28.00 -15.57 24.94
N LYS B 195 29.17 -16.17 25.18
CA LYS B 195 29.66 -16.38 26.54
C LYS B 195 30.71 -15.36 26.96
N THR B 196 31.46 -14.80 26.01
CA THR B 196 32.51 -13.84 26.32
C THR B 196 32.27 -12.54 25.55
N GLY B 197 32.63 -11.43 26.19
CA GLY B 197 32.56 -10.14 25.57
C GLY B 197 33.80 -9.83 24.75
N CYS B 198 34.01 -8.55 24.49
CA CYS B 198 35.17 -8.09 23.74
C CYS B 198 35.89 -7.00 24.53
N PRO B 199 36.88 -7.37 25.34
CA PRO B 199 37.63 -6.36 26.09
C PRO B 199 38.37 -5.37 25.19
N GLU B 200 38.62 -5.72 23.92
CA GLU B 200 39.28 -4.81 23.01
C GLU B 200 38.41 -3.62 22.65
N PHE B 201 37.11 -3.69 22.94
CA PHE B 201 36.22 -2.56 22.64
C PHE B 201 36.58 -1.34 23.44
N TRP B 202 36.93 -1.51 24.73
CA TRP B 202 37.27 -0.39 25.57
C TRP B 202 38.55 0.32 25.16
N LYS B 203 39.36 -0.31 24.30
CA LYS B 203 40.59 0.28 23.81
C LYS B 203 40.48 0.78 22.38
N HIS B 204 39.29 0.76 21.79
CA HIS B 204 39.14 1.23 20.43
C HIS B 204 39.30 2.74 20.35
N PRO B 205 40.03 3.25 19.36
CA PRO B 205 40.16 4.71 19.23
C PRO B 205 38.83 5.42 19.07
N ILE B 206 37.89 4.82 18.35
CA ILE B 206 36.57 5.43 18.18
C ILE B 206 35.86 5.54 19.52
N TYR B 207 35.91 4.47 20.31
CA TYR B 207 35.28 4.51 21.63
C TYR B 207 35.98 5.51 22.54
N LYS B 208 37.30 5.62 22.44
CA LYS B 208 38.02 6.59 23.25
C LYS B 208 37.60 8.02 22.89
N GLU B 209 37.49 8.32 21.60
CA GLU B 209 37.03 9.63 21.18
C GLU B 209 35.60 9.88 21.67
N PHE B 210 34.75 8.87 21.56
CA PHE B 210 33.36 9.00 22.02
C PHE B 210 33.31 9.28 23.52
N LYS B 211 34.19 8.65 24.29
CA LYS B 211 34.20 8.86 25.74
C LYS B 211 34.74 10.24 26.10
N MET B 212 35.82 10.67 25.45
CA MET B 212 36.39 11.98 25.76
C MET B 212 35.43 13.10 25.34
N SER B 213 34.66 12.89 24.27
CA SER B 213 33.69 13.91 23.85
C SER B 213 32.62 14.10 24.90
N MET B 214 32.32 13.06 25.68
CA MET B 214 31.25 13.13 26.66
C MET B 214 31.73 13.81 27.95
N PRO B 215 30.82 14.40 28.71
CA PRO B 215 31.17 14.89 30.04
C PRO B 215 31.39 13.74 31.01
N VAL B 216 32.04 14.06 32.13
CA VAL B 216 32.57 13.01 33.02
C VAL B 216 31.46 12.12 33.60
N PRO B 217 30.41 12.65 34.22
CA PRO B 217 29.39 11.73 34.79
C PRO B 217 28.71 10.87 33.73
N GLU B 218 28.53 11.43 32.55
CA GLU B 218 27.89 10.68 31.44
C GLU B 218 28.76 9.48 31.08
N ARG B 219 30.09 9.66 31.08
CA ARG B 219 30.98 8.54 30.80
C ARG B 219 30.74 7.40 31.78
N ARG B 220 30.63 7.72 33.07
CA ARG B 220 30.33 6.69 34.07
C ARG B 220 28.99 6.04 33.82
N LEU B 221 27.98 6.85 33.48
CA LEU B 221 26.66 6.30 33.20
C LEU B 221 26.68 5.36 32.00
N PHE B 222 27.38 5.75 30.93
CA PHE B 222 27.48 4.89 29.75
C PHE B 222 28.21 3.59 30.08
N GLU B 223 29.34 3.69 30.79
CA GLU B 223 30.11 2.50 31.11
C GLU B 223 29.33 1.55 32.02
N GLU B 224 28.52 2.11 32.92
CA GLU B 224 27.66 1.28 33.77
C GLU B 224 26.55 0.64 32.95
N SER B 225 25.96 1.40 32.01
CA SER B 225 24.86 0.86 31.21
C SER B 225 25.33 -0.27 30.31
N VAL B 226 26.55 -0.16 29.77
CA VAL B 226 27.06 -1.21 28.88
C VAL B 226 27.18 -2.54 29.65
N LYS B 227 27.65 -2.48 30.88
CA LYS B 227 27.88 -3.69 31.67
C LYS B 227 26.67 -4.09 32.51
N PHE B 228 25.57 -3.36 32.43
CA PHE B 228 24.38 -3.70 33.19
C PHE B 228 23.67 -4.90 32.57
N ASN B 229 23.15 -5.77 33.43
CA ASN B 229 22.48 -7.00 33.00
C ASN B 229 21.11 -7.07 33.65
N ALA B 230 20.15 -7.67 32.94
CA ALA B 230 18.76 -7.61 33.39
C ALA B 230 18.48 -8.56 34.54
N TYR B 231 18.80 -9.84 34.39
CA TYR B 231 18.42 -10.84 35.39
C TYR B 231 19.09 -10.58 36.74
N GLU B 232 20.40 -10.37 36.75
CA GLU B 232 21.12 -10.28 38.01
C GLU B 232 20.74 -9.02 38.79
N SER B 233 20.08 -8.08 38.14
CA SER B 233 19.55 -6.92 38.86
C SER B 233 18.20 -7.27 39.49
N GLU B 234 17.80 -6.45 40.47
CA GLU B 234 16.55 -6.70 41.18
C GLU B 234 15.34 -6.55 40.25
N ARG B 235 15.37 -5.55 39.38
CA ARG B 235 14.31 -5.33 38.41
C ARG B 235 14.91 -5.03 37.04
N TRP B 236 14.13 -5.27 36.00
CA TRP B 236 14.61 -5.04 34.65
C TRP B 236 14.67 -3.55 34.32
N ASN B 237 13.69 -2.79 34.79
CA ASN B 237 13.64 -1.35 34.53
C ASN B 237 14.18 -0.58 35.73
N THR B 238 15.48 -0.77 35.98
CA THR B 238 16.16 -0.05 37.05
C THR B 238 17.28 0.83 36.53
N ASN B 239 17.98 0.41 35.47
CA ASN B 239 19.02 1.26 34.90
C ASN B 239 18.42 2.38 34.09
N LEU B 240 17.37 2.09 33.32
CA LEU B 240 16.69 3.13 32.55
C LEU B 240 16.07 4.17 33.48
N VAL B 241 15.47 3.71 34.59
CA VAL B 241 14.87 4.63 35.54
C VAL B 241 15.92 5.53 36.16
N LYS B 242 17.08 4.97 36.49
CA LYS B 242 18.16 5.74 37.09
C LYS B 242 18.61 6.88 36.18
N ILE B 243 18.90 6.55 34.91
CA ILE B 243 19.39 7.57 33.98
C ILE B 243 18.29 8.57 33.65
N ARG B 244 17.04 8.10 33.53
CA ARG B 244 15.94 9.01 33.28
C ARG B 244 15.78 10.01 34.42
N GLU B 245 15.88 9.53 35.66
CA GLU B 245 15.82 10.43 36.81
C GLU B 245 16.99 11.40 36.80
N TYR B 246 18.18 10.91 36.41
CA TYR B 246 19.35 11.78 36.36
C TYR B 246 19.18 12.92 35.35
N THR B 247 18.62 12.61 34.18
CA THR B 247 18.50 13.60 33.11
C THR B 247 17.16 14.32 33.10
N LYS B 248 16.26 14.01 34.03
CA LYS B 248 14.94 14.62 34.03
C LYS B 248 15.01 16.14 34.20
N LYS B 249 15.92 16.61 35.05
CA LYS B 249 16.03 18.06 35.28
C LYS B 249 16.35 18.80 33.99
N ASP B 250 17.38 18.35 33.29
CA ASP B 250 17.77 19.01 32.04
C ASP B 250 16.69 18.83 30.97
N TYR B 251 16.07 17.66 30.90
CA TYR B 251 15.00 17.46 29.93
C TYR B 251 13.85 18.42 30.18
N SER B 252 13.45 18.55 31.44
CA SER B 252 12.34 19.45 31.79
C SER B 252 12.69 20.90 31.52
N GLU B 253 13.90 21.32 31.86
CA GLU B 253 14.27 22.71 31.61
C GLU B 253 14.31 23.01 30.11
N HIS B 254 14.82 22.06 29.31
CA HIS B 254 14.81 22.26 27.86
C HIS B 254 13.39 22.32 27.32
N ILE B 255 12.50 21.44 27.80
CA ILE B 255 11.12 21.46 27.35
C ILE B 255 10.46 22.80 27.68
N SER B 256 10.67 23.27 28.91
CA SER B 256 10.06 24.53 29.33
C SER B 256 10.60 25.72 28.53
N LYS B 257 11.92 25.76 28.31
CA LYS B 257 12.49 26.86 27.53
C LYS B 257 12.01 26.83 26.08
N SER B 258 11.90 25.65 25.49
CA SER B 258 11.38 25.55 24.13
C SER B 258 9.92 25.99 24.06
N ALA B 259 9.11 25.57 25.03
CA ALA B 259 7.69 25.90 25.04
C ALA B 259 7.45 27.39 25.30
N LYS B 260 8.31 28.03 26.09
CA LYS B 260 8.12 29.44 26.41
C LYS B 260 8.29 30.35 25.19
N ASN B 261 8.82 29.83 24.09
CA ASN B 261 9.03 30.62 22.87
C ASN B 261 7.73 30.99 22.18
N ILE B 262 6.59 30.44 22.62
CA ILE B 262 5.32 30.72 21.96
C ILE B 262 4.99 32.20 22.05
N PHE B 263 5.30 32.83 23.18
CA PHE B 263 5.03 34.26 23.34
C PHE B 263 5.98 35.13 22.54
N LEU B 264 7.19 34.65 22.27
CA LEU B 264 8.18 35.42 21.52
C LEU B 264 8.06 35.25 20.02
N ALA B 265 7.07 34.49 19.55
CA ALA B 265 6.91 34.23 18.12
C ALA B 265 5.95 35.26 17.54
N SER B 266 6.45 36.07 16.60
CA SER B 266 5.63 36.97 15.82
C SER B 266 5.40 36.33 14.46
N GLY B 267 4.15 36.33 14.00
CA GLY B 267 3.77 35.46 12.91
C GLY B 267 4.30 35.85 11.55
N PHE B 268 5.59 36.14 11.47
CA PHE B 268 6.25 36.43 10.20
C PHE B 268 7.00 35.18 9.71
N TYR B 269 6.23 34.13 9.42
CA TYR B 269 6.83 32.88 8.98
C TYR B 269 7.18 32.95 7.50
N LYS B 270 7.86 31.92 7.03
CA LYS B 270 8.33 31.90 5.64
C LYS B 270 7.16 31.67 4.70
N GLN B 271 6.46 32.73 4.35
CA GLN B 271 5.31 32.67 3.46
C GLN B 271 5.74 32.99 2.03
N PRO B 272 5.46 32.13 1.05
CA PRO B 272 5.77 32.47 -0.34
C PRO B 272 4.87 33.57 -0.85
N ASN B 273 5.35 34.29 -1.86
CA ASN B 273 4.55 35.29 -2.56
C ASN B 273 5.26 35.64 -3.86
N LYS B 274 4.70 36.63 -4.57
CA LYS B 274 5.25 37.00 -5.87
C LYS B 274 6.69 37.51 -5.74
N ASN B 275 6.95 38.33 -4.71
CA ASN B 275 8.28 38.89 -4.53
C ASN B 275 9.32 37.79 -4.27
N GLU B 276 8.97 36.80 -3.43
CA GLU B 276 9.90 35.72 -3.14
C GLU B 276 10.24 34.94 -4.40
N ILE B 277 9.23 34.62 -5.22
CA ILE B 277 9.47 33.88 -6.45
C ILE B 277 10.33 34.70 -7.40
N SER B 278 10.06 36.00 -7.52
CA SER B 278 10.84 36.84 -8.42
C SER B 278 12.30 36.92 -7.99
N GLU B 279 12.55 37.13 -6.70
CA GLU B 279 13.92 37.22 -6.21
C GLU B 279 14.64 35.87 -6.37
N GLY B 280 13.96 34.78 -6.05
CA GLY B 280 14.55 33.46 -6.24
C GLY B 280 14.86 33.18 -7.70
N TRP B 281 13.98 33.61 -8.60
CA TRP B 281 14.22 33.42 -10.03
C TRP B 281 15.42 34.22 -10.50
N THR B 282 15.56 35.46 -10.00
CA THR B 282 16.73 36.25 -10.37
C THR B 282 18.01 35.61 -9.87
N LEU B 283 18.02 35.14 -8.62
CA LEU B 283 19.19 34.46 -8.09
C LEU B 283 19.51 33.19 -8.88
N MET B 284 18.47 32.43 -9.24
CA MET B 284 18.66 31.23 -10.04
C MET B 284 19.25 31.56 -11.40
N VAL B 285 18.76 32.62 -12.03
CA VAL B 285 19.28 33.02 -13.34
C VAL B 285 20.75 33.38 -13.23
N GLU B 286 21.11 34.15 -12.20
CA GLU B 286 22.51 34.52 -12.02
C GLU B 286 23.39 33.29 -11.78
N ARG B 287 22.92 32.37 -10.93
CA ARG B 287 23.71 31.17 -10.64
C ARG B 287 23.87 30.30 -11.88
N VAL B 288 22.80 30.13 -12.66
CA VAL B 288 22.87 29.33 -13.88
C VAL B 288 23.82 29.96 -14.89
N GLN B 289 23.76 31.29 -15.02
CA GLN B 289 24.69 31.98 -15.91
C GLN B 289 26.13 31.76 -15.46
N ASP B 290 26.38 31.82 -14.15
CA ASP B 290 27.74 31.59 -13.65
C ASP B 290 28.21 30.17 -13.92
N GLN B 291 27.33 29.18 -13.74
CA GLN B 291 27.76 27.79 -13.81
C GLN B 291 27.83 27.30 -15.25
N ARG B 292 26.81 27.59 -16.06
CA ARG B 292 26.70 27.04 -17.40
C ARG B 292 26.72 28.16 -18.43
N GLU B 293 27.32 27.87 -19.59
CA GLU B 293 27.37 28.84 -20.67
C GLU B 293 25.97 29.06 -21.26
N ILE B 294 25.62 30.32 -21.47
CA ILE B 294 24.32 30.71 -21.99
C ILE B 294 24.50 31.19 -23.43
N SER B 295 23.70 30.66 -24.33
CA SER B 295 23.77 30.99 -25.75
C SER B 295 22.47 31.68 -26.17
N LYS B 296 22.61 32.81 -26.86
CA LYS B 296 21.46 33.59 -27.33
C LYS B 296 21.13 33.30 -28.78
N SER B 297 21.81 32.36 -29.41
CA SER B 297 21.61 32.05 -30.82
C SER B 297 20.72 30.82 -30.97
N LEU B 298 19.78 30.89 -31.91
CA LEU B 298 18.83 29.79 -32.10
C LEU B 298 19.49 28.60 -32.75
N HIS B 299 20.63 28.80 -33.41
CA HIS B 299 21.29 27.71 -34.13
C HIS B 299 22.02 26.77 -33.19
N ASP B 300 22.03 27.08 -31.89
CA ASP B 300 22.67 26.25 -30.90
C ASP B 300 21.73 25.25 -30.26
N GLN B 301 20.46 25.21 -30.67
CA GLN B 301 19.49 24.33 -30.03
C GLN B 301 19.72 22.88 -30.44
N LYS B 302 19.51 21.99 -29.50
CA LYS B 302 19.47 20.56 -29.78
C LYS B 302 18.07 20.14 -30.18
N PRO B 303 17.93 19.04 -30.91
CA PRO B 303 16.59 18.62 -31.36
C PRO B 303 15.69 18.30 -30.18
N SER B 304 14.49 18.90 -30.19
CA SER B 304 13.49 18.57 -29.19
C SER B 304 12.99 17.15 -29.37
N ILE B 305 12.64 16.79 -30.60
CA ILE B 305 12.32 15.42 -30.98
C ILE B 305 13.21 15.06 -32.16
N HIS B 306 13.89 13.92 -32.07
CA HIS B 306 14.90 13.54 -33.05
C HIS B 306 14.24 12.85 -34.26
N PHE B 307 13.28 13.55 -34.86
CA PHE B 307 12.51 13.02 -35.97
C PHE B 307 11.66 14.12 -36.57
N ILE B 308 11.51 14.09 -37.90
CA ILE B 308 10.66 15.03 -38.63
C ILE B 308 9.64 14.24 -39.43
N TRP B 309 8.45 14.81 -39.60
CA TRP B 309 7.33 14.07 -40.16
C TRP B 309 6.58 14.92 -41.18
N GLY B 310 5.99 14.23 -42.16
CA GLY B 310 5.10 14.87 -43.10
C GLY B 310 3.95 13.95 -43.45
N ALA B 311 2.88 14.56 -43.94
CA ALA B 311 1.68 13.80 -44.27
C ALA B 311 1.95 12.82 -45.41
N HIS B 312 1.29 11.66 -45.34
CA HIS B 312 1.48 10.66 -46.36
C HIS B 312 0.81 11.07 -47.66
N ASN B 313 1.29 10.49 -48.77
CA ASN B 313 0.79 10.82 -50.09
C ASN B 313 -0.19 9.77 -50.55
N PRO B 314 -1.48 10.08 -50.65
CA PRO B 314 -2.45 9.07 -51.11
C PRO B 314 -2.18 8.58 -52.52
N GLY B 315 -1.67 9.46 -53.38
CA GLY B 315 -1.44 9.10 -54.79
C GLY B 315 -0.41 7.99 -54.93
N ASN B 316 0.80 8.22 -54.44
CA ASN B 316 1.90 7.23 -54.60
C ASN B 316 1.54 5.95 -53.84
N SER B 317 1.95 4.79 -54.36
CA SER B 317 1.59 3.49 -53.73
C SER B 317 2.54 3.17 -52.58
N ASN B 318 2.33 2.04 -51.91
CA ASN B 318 3.17 1.64 -50.79
C ASN B 318 4.24 0.64 -51.17
N ASN B 319 4.40 0.35 -52.46
CA ASN B 319 5.44 -0.57 -52.90
C ASN B 319 6.81 0.01 -52.61
N ALA B 320 7.73 -0.84 -52.14
CA ALA B 320 9.05 -0.38 -51.74
C ALA B 320 9.85 0.14 -52.93
N THR B 321 9.77 -0.55 -54.08
CA THR B 321 10.58 -0.17 -55.23
C THR B 321 10.15 1.17 -55.80
N PHE B 322 8.83 1.39 -55.91
CA PHE B 322 8.34 2.67 -56.43
C PHE B 322 8.74 3.82 -55.51
N LYS B 323 8.62 3.61 -54.19
CA LYS B 323 9.04 4.64 -53.24
C LYS B 323 10.53 4.92 -53.34
N LEU B 324 11.34 3.87 -53.51
CA LEU B 324 12.78 4.06 -53.66
C LEU B 324 13.10 4.86 -54.92
N ILE B 325 12.42 4.54 -56.02
CA ILE B 325 12.64 5.27 -57.27
C ILE B 325 12.25 6.73 -57.10
N LEU B 326 11.10 6.98 -56.46
CA LEU B 326 10.67 8.35 -56.22
C LEU B 326 11.69 9.11 -55.36
N LEU B 327 12.22 8.45 -54.32
CA LEU B 327 13.23 9.09 -53.48
C LEU B 327 14.47 9.43 -54.29
N SER B 328 14.91 8.50 -55.13
CA SER B 328 16.12 8.74 -55.93
C SER B 328 15.92 9.91 -56.88
N LYS B 329 14.77 9.95 -57.57
CA LYS B 329 14.50 11.03 -58.50
C LYS B 329 14.39 12.36 -57.77
N SER B 330 13.76 12.38 -56.60
CA SER B 330 13.66 13.62 -55.84
C SER B 330 15.02 14.09 -55.35
N LEU B 331 15.87 13.16 -54.91
CA LEU B 331 17.21 13.54 -54.45
C LEU B 331 18.05 14.08 -55.60
N GLN B 332 17.95 13.48 -56.78
CA GLN B 332 18.76 13.94 -57.90
C GLN B 332 18.27 15.28 -58.43
N SER B 333 17.07 15.71 -58.03
CA SER B 333 16.46 16.93 -58.55
C SER B 333 16.61 18.12 -57.59
N ILE B 334 17.47 18.02 -56.58
CA ILE B 334 17.65 19.13 -55.65
C ILE B 334 18.14 20.35 -56.40
N LYS B 335 17.59 21.51 -56.05
CA LYS B 335 17.96 22.78 -56.66
C LYS B 335 18.70 23.64 -55.64
N GLY B 336 19.43 24.63 -56.16
CA GLY B 336 20.17 25.55 -55.33
C GLY B 336 21.57 25.07 -55.01
N ILE B 337 22.21 25.81 -54.09
CA ILE B 337 23.57 25.52 -53.67
C ILE B 337 23.61 25.51 -52.14
N SER B 338 24.37 24.58 -51.58
CA SER B 338 24.54 24.49 -50.13
C SER B 338 25.77 23.63 -49.85
N THR B 339 25.98 23.34 -48.55
CA THR B 339 27.16 22.60 -48.14
C THR B 339 27.08 21.14 -48.58
N TYR B 340 25.93 20.49 -48.36
CA TYR B 340 25.80 19.05 -48.57
C TYR B 340 24.85 18.69 -49.70
N THR B 341 24.44 19.66 -50.52
CA THR B 341 23.56 19.36 -51.64
C THR B 341 24.24 18.44 -52.64
N GLU B 342 25.54 18.64 -52.87
CA GLU B 342 26.26 17.77 -53.80
C GLU B 342 26.31 16.33 -53.29
N ALA B 343 26.57 16.15 -52.00
CA ALA B 343 26.60 14.81 -51.44
C ALA B 343 25.23 14.14 -51.53
N PHE B 344 24.17 14.89 -51.29
CA PHE B 344 22.82 14.33 -51.34
C PHE B 344 22.43 13.94 -52.76
N LYS B 345 22.77 14.80 -53.73
CA LYS B 345 22.56 14.44 -55.14
C LYS B 345 23.35 13.20 -55.51
N SER B 346 24.60 13.12 -55.06
CA SER B 346 25.42 11.96 -55.35
C SER B 346 24.82 10.69 -54.77
N LEU B 347 24.33 10.76 -53.53
CA LEU B 347 23.69 9.60 -52.91
C LEU B 347 22.44 9.19 -53.69
N GLY B 348 21.64 10.16 -54.12
CA GLY B 348 20.51 9.86 -54.97
C GLY B 348 20.90 9.13 -56.23
N LYS B 349 22.03 9.55 -56.83
CA LYS B 349 22.55 8.82 -57.99
C LYS B 349 22.97 7.40 -57.62
N MET B 350 23.63 7.23 -56.46
CA MET B 350 24.09 5.91 -56.06
C MET B 350 22.95 4.93 -55.83
N MET B 351 21.86 5.36 -55.21
CA MET B 351 20.76 4.44 -54.95
C MET B 351 19.69 4.48 -56.02
N ASP B 352 19.94 5.16 -57.13
CA ASP B 352 19.01 5.16 -58.25
C ASP B 352 19.12 3.86 -59.03
N ILE B 353 17.99 3.23 -59.30
CA ILE B 353 17.94 1.94 -59.99
C ILE B 353 17.39 2.08 -61.40
N GLY B 354 17.09 3.30 -61.84
CA GLY B 354 16.56 3.49 -63.17
C GLY B 354 15.20 2.85 -63.34
N ASP B 355 14.98 2.25 -64.51
CA ASP B 355 13.71 1.63 -64.86
C ASP B 355 13.72 0.12 -64.67
N LYS B 356 14.80 -0.44 -64.12
CA LYS B 356 14.91 -1.88 -63.93
C LYS B 356 14.25 -2.31 -62.61
N ALA B 357 12.98 -1.92 -62.48
CA ALA B 357 12.23 -2.27 -61.27
C ALA B 357 12.04 -3.78 -61.14
N ILE B 358 11.72 -4.45 -62.25
CA ILE B 358 11.52 -5.90 -62.21
C ILE B 358 12.83 -6.61 -61.84
N GLU B 359 13.94 -6.16 -62.41
CA GLU B 359 15.24 -6.74 -62.09
C GLU B 359 15.56 -6.57 -60.61
N TYR B 360 15.31 -5.37 -60.07
CA TYR B 360 15.55 -5.13 -58.65
C TYR B 360 14.67 -6.02 -57.79
N GLU B 361 13.39 -6.14 -58.15
CA GLU B 361 12.48 -6.98 -57.37
C GLU B 361 12.92 -8.43 -57.37
N GLU B 362 13.28 -8.96 -58.55
CA GLU B 362 13.68 -10.36 -58.62
C GLU B 362 15.01 -10.60 -57.91
N PHE B 363 15.95 -9.66 -57.98
CA PHE B 363 17.20 -9.82 -57.26
C PHE B 363 16.97 -9.78 -55.75
N CYS B 364 16.12 -8.88 -55.27
CA CYS B 364 15.82 -8.81 -53.85
C CYS B 364 15.11 -10.08 -53.38
N MET B 365 14.20 -10.60 -54.20
CA MET B 365 13.54 -11.86 -53.85
C MET B 365 14.53 -13.01 -53.80
N SER B 366 15.46 -13.05 -54.76
CA SER B 366 16.47 -14.11 -54.76
C SER B 366 17.35 -14.03 -53.52
N LEU B 367 17.77 -12.83 -53.13
CA LEU B 367 18.56 -12.69 -51.91
C LEU B 367 17.75 -13.05 -50.68
N LYS B 368 16.48 -12.66 -50.64
CA LYS B 368 15.59 -13.01 -49.55
C LYS B 368 15.10 -14.45 -49.62
N SER B 369 15.28 -15.13 -50.75
CA SER B 369 14.83 -16.51 -50.87
C SER B 369 15.58 -17.42 -49.91
N LYS B 370 16.89 -17.21 -49.76
CA LYS B 370 17.70 -18.01 -48.86
C LYS B 370 17.41 -17.66 -47.41
N LYS B 381 29.68 -13.32 -45.26
CA LYS B 381 29.72 -11.92 -45.75
C LYS B 381 30.12 -11.92 -47.22
N LYS B 382 30.94 -10.93 -47.64
CA LYS B 382 31.45 -10.87 -49.03
C LYS B 382 30.31 -10.89 -50.05
N LEU B 383 29.21 -10.18 -49.77
CA LEU B 383 28.12 -10.08 -50.77
C LEU B 383 28.62 -9.17 -51.90
N GLU B 384 28.35 -9.53 -53.16
CA GLU B 384 28.91 -8.74 -54.29
C GLU B 384 27.82 -7.88 -54.94
N PRO B 385 28.00 -6.56 -55.17
CA PRO B 385 26.90 -5.74 -55.70
C PRO B 385 26.73 -5.87 -57.20
N LYS B 386 25.49 -6.09 -57.65
CA LYS B 386 25.17 -5.98 -59.06
C LYS B 386 24.95 -4.53 -59.43
N GLN B 387 25.44 -4.13 -60.59
CA GLN B 387 25.26 -2.77 -61.09
C GLN B 387 23.88 -2.68 -61.73
N ILE B 388 22.87 -2.38 -60.92
CA ILE B 388 21.51 -2.19 -61.40
C ILE B 388 21.43 -0.78 -61.97
N ASN B 389 21.69 -0.65 -63.27
CA ASN B 389 21.81 0.64 -63.93
C ASN B 389 22.88 1.48 -63.24
N ASN B 390 22.48 2.34 -62.31
CA ASN B 390 23.41 3.13 -61.54
C ASN B 390 23.62 2.62 -60.12
N ALA B 391 22.70 1.83 -59.58
CA ALA B 391 22.80 1.37 -58.20
C ALA B 391 23.82 0.24 -58.07
N LEU B 392 24.27 0.03 -56.83
CA LEU B 392 25.13 -1.08 -56.47
C LEU B 392 24.47 -1.80 -55.29
N VAL B 393 23.58 -2.74 -55.61
CA VAL B 393 22.71 -3.33 -54.61
C VAL B 393 23.37 -4.54 -53.97
N LEU B 394 23.36 -4.58 -52.64
CA LEU B 394 23.80 -5.75 -51.90
C LEU B 394 22.66 -6.49 -51.21
N TRP B 395 21.52 -5.85 -51.03
CA TRP B 395 20.39 -6.40 -50.27
C TRP B 395 19.22 -5.44 -50.48
N GLU B 396 18.09 -5.75 -49.86
CA GLU B 396 16.94 -4.86 -49.90
C GLU B 396 17.28 -3.48 -49.38
N GLN B 397 17.27 -2.48 -50.27
CA GLN B 397 17.48 -1.08 -49.94
C GLN B 397 18.84 -0.81 -49.30
N GLN B 398 19.84 -1.64 -49.59
CA GLN B 398 21.21 -1.41 -49.15
C GLN B 398 22.11 -1.19 -50.36
N PHE B 399 22.90 -0.12 -50.32
CA PHE B 399 23.70 0.28 -51.46
C PHE B 399 25.14 0.53 -51.04
N MET B 400 26.08 0.06 -51.84
CA MET B 400 27.50 0.30 -51.59
C MET B 400 27.90 1.65 -52.16
N ILE B 401 28.90 2.29 -51.54
CA ILE B 401 29.32 3.60 -51.99
C ILE B 401 29.87 3.49 -53.40
N ASN B 402 29.64 4.53 -54.20
CA ASN B 402 30.12 4.58 -55.58
C ASN B 402 31.06 5.76 -55.72
N ASN B 403 32.36 5.48 -55.69
CA ASN B 403 33.36 6.53 -55.82
C ASN B 403 33.30 7.20 -57.19
N ASP B 404 32.72 6.52 -58.18
CA ASP B 404 32.58 7.10 -59.52
C ASP B 404 31.50 8.15 -59.60
N LEU B 405 30.46 8.06 -58.76
CA LEU B 405 29.33 8.99 -58.80
C LEU B 405 29.46 10.15 -57.83
N ILE B 406 30.50 10.17 -57.00
CA ILE B 406 30.67 11.21 -56.00
C ILE B 406 32.11 11.71 -56.02
N ASP B 407 32.27 12.99 -55.66
CA ASP B 407 33.60 13.52 -55.39
C ASP B 407 34.13 12.96 -54.08
N LYS B 408 35.45 12.79 -54.01
CA LYS B 408 36.06 12.34 -52.77
C LYS B 408 35.87 13.37 -51.66
N SER B 409 35.97 14.66 -52.00
CA SER B 409 35.75 15.70 -51.00
C SER B 409 34.31 15.67 -50.47
N GLU B 410 33.35 15.45 -51.36
CA GLU B 410 31.95 15.38 -50.92
C GLU B 410 31.74 14.20 -49.98
N LYS B 411 32.30 13.03 -50.31
CA LYS B 411 32.16 11.88 -49.43
C LYS B 411 32.82 12.13 -48.07
N LEU B 412 34.02 12.72 -48.07
CA LEU B 412 34.70 13.01 -46.83
C LEU B 412 33.95 14.02 -45.97
N LYS B 413 33.40 15.07 -46.58
CA LYS B 413 32.64 16.07 -45.82
C LYS B 413 31.29 15.54 -45.35
N LEU B 414 30.70 14.58 -46.07
CA LEU B 414 29.45 13.99 -45.62
C LEU B 414 29.68 13.02 -44.47
N PHE B 415 30.72 12.19 -44.56
CA PHE B 415 30.94 11.17 -43.54
C PHE B 415 31.80 11.65 -42.39
N LYS B 416 32.38 12.85 -42.46
CA LYS B 416 33.18 13.39 -41.37
C LYS B 416 32.44 14.48 -40.61
N ASN B 417 31.86 15.44 -41.33
CA ASN B 417 31.21 16.57 -40.67
C ASN B 417 29.74 16.30 -40.42
N PHE B 418 29.01 15.86 -41.45
CA PHE B 418 27.56 15.70 -41.32
C PHE B 418 27.21 14.53 -40.42
N CYS B 419 27.97 13.44 -40.47
CA CYS B 419 27.66 12.24 -39.71
C CYS B 419 28.63 11.95 -38.57
N GLY B 420 29.83 12.53 -38.61
CA GLY B 420 30.80 12.31 -37.56
C GLY B 420 31.49 10.98 -37.58
N ILE B 421 31.37 10.21 -38.67
CA ILE B 421 32.00 8.90 -38.78
C ILE B 421 33.49 9.11 -38.95
N GLY B 422 34.27 8.83 -37.90
CA GLY B 422 35.71 8.98 -37.95
C GLY B 422 36.22 10.38 -37.82
N LYS B 423 35.37 11.35 -37.50
CA LYS B 423 35.80 12.74 -37.39
C LYS B 423 36.81 12.95 -36.26
N HIS B 424 36.75 12.13 -35.22
CA HIS B 424 37.64 12.29 -34.07
C HIS B 424 39.05 11.82 -34.42
N LYS B 425 39.93 11.89 -33.41
CA LYS B 425 41.33 11.57 -33.60
C LYS B 425 41.72 10.20 -33.06
N GLN B 426 40.74 9.36 -32.71
CA GLN B 426 40.89 7.97 -32.27
C GLN B 426 41.53 7.86 -30.89
N PHE B 427 41.72 8.99 -30.19
CA PHE B 427 42.13 9.03 -28.79
C PHE B 427 43.60 8.64 -28.62
N LYS B 428 44.23 8.19 -29.71
CA LYS B 428 45.66 7.90 -29.64
C LYS B 428 46.49 9.02 -30.27
N ASN B 429 46.00 9.57 -31.37
CA ASN B 429 46.64 10.72 -32.00
C ASN B 429 46.18 12.04 -31.39
N LYS B 430 45.31 11.98 -30.38
CA LYS B 430 44.84 13.15 -29.65
C LYS B 430 45.61 13.17 -28.32
N MET B 431 46.76 13.85 -28.32
CA MET B 431 47.63 13.91 -27.16
C MET B 431 47.78 15.36 -26.72
N LEU B 432 47.33 15.66 -25.50
CA LEU B 432 47.48 16.95 -24.85
C LEU B 432 46.89 18.11 -25.65
N GLU B 433 46.08 17.83 -26.66
CA GLU B 433 45.49 18.86 -27.50
C GLU B 433 44.14 18.37 -27.98
N ASP B 434 43.30 19.32 -28.39
CA ASP B 434 41.90 19.16 -28.78
C ASP B 434 41.03 18.83 -27.57
N LEU B 435 41.60 18.78 -26.36
CA LEU B 435 40.83 18.64 -25.13
C LEU B 435 40.37 20.03 -24.73
N GLU B 436 39.14 20.37 -25.10
CA GLU B 436 38.61 21.72 -24.97
C GLU B 436 37.86 21.84 -23.64
N VAL B 437 38.29 22.79 -22.81
CA VAL B 437 37.60 23.08 -21.56
C VAL B 437 36.49 24.08 -21.84
N SER B 438 35.26 23.70 -21.53
CA SER B 438 34.12 24.57 -21.76
C SER B 438 32.99 24.20 -20.81
N LYS B 439 32.20 25.20 -20.45
CA LYS B 439 31.00 24.96 -19.66
C LYS B 439 29.92 24.34 -20.52
N PRO B 440 29.00 23.57 -19.93
CA PRO B 440 27.85 23.08 -20.70
C PRO B 440 27.07 24.25 -21.29
N LYS B 441 26.64 24.10 -22.54
CA LYS B 441 25.97 25.17 -23.27
C LYS B 441 24.48 24.90 -23.30
N ILE B 442 23.70 25.88 -22.85
CA ILE B 442 22.24 25.80 -22.83
C ILE B 442 21.68 27.09 -23.39
N LEU B 443 20.44 27.03 -23.85
CA LEU B 443 19.77 28.21 -24.37
C LEU B 443 19.37 29.14 -23.22
N ASP B 444 19.04 30.38 -23.57
CA ASP B 444 18.62 31.38 -22.60
C ASP B 444 17.12 31.22 -22.41
N PHE B 445 16.73 30.62 -21.28
CA PHE B 445 15.31 30.32 -21.06
C PHE B 445 14.50 31.57 -20.81
N ASP B 446 15.06 32.56 -20.12
CA ASP B 446 14.33 33.77 -19.80
C ASP B 446 14.37 34.81 -20.90
N ASP B 447 15.14 34.57 -21.97
CA ASP B 447 15.21 35.52 -23.07
C ASP B 447 13.86 35.58 -23.79
N ALA B 448 13.43 36.81 -24.10
CA ALA B 448 12.14 36.99 -24.77
C ALA B 448 12.18 36.39 -26.18
N ASN B 449 13.29 36.58 -26.90
CA ASN B 449 13.39 36.06 -28.25
C ASN B 449 13.35 34.55 -28.27
N MET B 450 14.08 33.91 -27.34
CA MET B 450 14.12 32.45 -27.31
C MET B 450 12.75 31.87 -26.96
N TYR B 451 12.06 32.46 -25.97
CA TYR B 451 10.73 31.98 -25.63
C TYR B 451 9.76 32.21 -26.77
N LEU B 452 9.89 33.34 -27.47
CA LEU B 452 9.04 33.58 -28.64
C LEU B 452 9.28 32.54 -29.72
N ALA B 453 10.54 32.18 -29.96
CA ALA B 453 10.85 31.15 -30.94
C ALA B 453 10.28 29.80 -30.54
N SER B 454 10.40 29.45 -29.25
CA SER B 454 9.83 28.20 -28.78
C SER B 454 8.31 28.18 -28.93
N LEU B 455 7.65 29.30 -28.60
CA LEU B 455 6.21 29.39 -28.76
C LEU B 455 5.81 29.27 -30.23
N THR B 456 6.59 29.89 -31.12
CA THR B 456 6.32 29.76 -32.54
C THR B 456 6.47 28.33 -33.01
N MET B 457 7.50 27.63 -32.54
CA MET B 457 7.68 26.22 -32.90
C MET B 457 6.51 25.37 -32.42
N MET B 458 6.07 25.59 -31.18
CA MET B 458 4.93 24.84 -30.67
C MET B 458 3.67 25.15 -31.46
N GLU B 459 3.47 26.43 -31.84
CA GLU B 459 2.31 26.80 -32.62
C GLU B 459 2.34 26.15 -34.00
N GLN B 460 3.51 26.11 -34.64
CA GLN B 460 3.61 25.44 -35.94
C GLN B 460 3.33 23.95 -35.83
N SER B 461 3.86 23.30 -34.80
CA SER B 461 3.60 21.88 -34.59
C SER B 461 2.12 21.63 -34.38
N LYS B 462 1.46 22.47 -33.58
CA LYS B 462 0.02 22.34 -33.38
C LYS B 462 -0.73 22.55 -34.68
N LYS B 463 -0.30 23.53 -35.48
CA LYS B 463 -0.97 23.83 -36.74
C LYS B 463 -0.93 22.64 -37.69
N ILE B 464 0.23 22.00 -37.81
CA ILE B 464 0.35 20.93 -38.79
C ILE B 464 -0.25 19.63 -38.26
N LEU B 465 0.10 19.25 -37.02
CA LEU B 465 -0.20 17.91 -36.55
C LEU B 465 -1.68 17.76 -36.19
N SER B 466 -2.40 18.88 -36.09
CA SER B 466 -3.81 18.80 -35.71
C SER B 466 -4.68 18.27 -36.84
N LYS B 467 -4.23 18.39 -38.08
CA LYS B 467 -5.04 17.98 -39.21
C LYS B 467 -5.24 16.46 -39.22
N SER B 468 -6.46 16.04 -39.55
CA SER B 468 -6.79 14.63 -39.56
C SER B 468 -6.11 13.90 -40.71
N ASN B 469 -5.83 12.61 -40.50
CA ASN B 469 -5.20 11.80 -41.54
C ASN B 469 -6.11 11.64 -42.74
N GLY B 470 -7.40 11.43 -42.50
CA GLY B 470 -8.34 11.19 -43.58
C GLY B 470 -8.51 9.72 -43.90
N LEU B 471 -8.61 8.90 -42.85
CA LEU B 471 -8.76 7.46 -43.01
C LEU B 471 -9.56 6.91 -41.83
N LYS B 472 -10.12 5.72 -42.01
CA LYS B 472 -10.84 5.07 -40.94
C LYS B 472 -9.86 4.53 -39.90
N PRO B 473 -9.97 4.92 -38.64
CA PRO B 473 -9.00 4.46 -37.63
C PRO B 473 -9.31 3.06 -37.15
N ASP B 474 -8.38 2.14 -37.34
CA ASP B 474 -8.51 0.76 -36.89
C ASP B 474 -7.15 0.26 -36.43
N ASN B 475 -7.14 -0.45 -35.30
CA ASN B 475 -5.91 -1.02 -34.77
C ASN B 475 -6.27 -2.09 -33.75
N PHE B 476 -5.22 -2.67 -33.14
CA PHE B 476 -5.43 -3.73 -32.18
C PHE B 476 -6.23 -3.26 -30.98
N ILE B 477 -5.89 -2.07 -30.45
CA ILE B 477 -6.55 -1.56 -29.25
C ILE B 477 -8.05 -1.43 -29.49
N LEU B 478 -8.42 -0.78 -30.59
CA LEU B 478 -9.83 -0.65 -30.93
C LEU B 478 -10.50 -2.00 -31.06
N ASN B 479 -10.06 -2.80 -32.04
CA ASN B 479 -10.74 -4.05 -32.36
C ASN B 479 -10.82 -5.00 -31.17
N GLU B 480 -9.92 -4.87 -30.19
CA GLU B 480 -9.98 -5.76 -29.04
C GLU B 480 -10.82 -5.20 -27.89
N PHE B 481 -10.52 -3.99 -27.44
CA PHE B 481 -11.12 -3.48 -26.20
C PHE B 481 -12.04 -2.29 -26.40
N GLY B 482 -12.50 -2.01 -27.62
CA GLY B 482 -13.35 -0.87 -27.83
C GLY B 482 -14.69 -1.00 -27.14
N SER B 483 -15.29 -2.19 -27.18
CA SER B 483 -16.57 -2.39 -26.52
C SER B 483 -16.46 -2.19 -25.02
N ARG B 484 -15.41 -2.76 -24.41
CA ARG B 484 -15.23 -2.63 -22.98
C ARG B 484 -14.97 -1.18 -22.58
N ILE B 485 -14.14 -0.48 -23.36
CA ILE B 485 -13.87 0.92 -23.06
C ILE B 485 -15.14 1.75 -23.18
N LYS B 486 -15.93 1.51 -24.23
CA LYS B 486 -17.17 2.25 -24.42
C LYS B 486 -18.16 1.98 -23.30
N ASP B 487 -18.26 0.72 -22.85
CA ASP B 487 -19.13 0.42 -21.73
C ASP B 487 -18.66 1.13 -20.47
N ALA B 488 -17.35 1.14 -20.22
CA ALA B 488 -16.82 1.83 -19.05
C ALA B 488 -17.08 3.33 -19.13
N ASN B 489 -16.86 3.93 -20.30
CA ASN B 489 -17.07 5.36 -20.47
C ASN B 489 -17.12 5.68 -21.96
N LYS B 490 -18.17 6.39 -22.37
CA LYS B 490 -18.27 6.80 -23.77
C LYS B 490 -17.33 7.96 -24.09
N GLU B 491 -17.12 8.87 -23.13
CA GLU B 491 -16.25 10.01 -23.37
C GLU B 491 -14.81 9.56 -23.59
N THR B 492 -14.35 8.57 -22.84
CA THR B 492 -13.00 8.04 -23.04
C THR B 492 -12.87 7.43 -24.43
N TYR B 493 -13.88 6.69 -24.88
CA TYR B 493 -13.87 6.12 -26.22
C TYR B 493 -13.82 7.22 -27.27
N ASP B 494 -14.62 8.28 -27.09
CA ASP B 494 -14.61 9.38 -28.03
C ASP B 494 -13.25 10.06 -28.09
N ASN B 495 -12.65 10.30 -26.93
CA ASN B 495 -11.34 10.94 -26.89
C ASN B 495 -10.29 10.07 -27.58
N MET B 496 -10.31 8.76 -27.31
CA MET B 496 -9.34 7.86 -27.93
C MET B 496 -9.53 7.81 -29.44
N HIS B 497 -10.78 7.80 -29.91
CA HIS B 497 -11.04 7.78 -31.35
C HIS B 497 -10.57 9.07 -32.00
N LYS B 498 -10.82 10.22 -31.34
CA LYS B 498 -10.34 11.49 -31.86
C LYS B 498 -8.82 11.53 -31.92
N ILE B 499 -8.16 10.96 -30.90
CA ILE B 499 -6.70 10.85 -30.94
C ILE B 499 -6.26 10.03 -32.14
N PHE B 500 -6.91 8.90 -32.36
CA PHE B 500 -6.55 8.05 -33.50
C PHE B 500 -6.83 8.73 -34.83
N GLU B 501 -7.76 9.69 -34.86
CA GLU B 501 -8.08 10.39 -36.09
C GLU B 501 -7.10 11.50 -36.43
N THR B 502 -6.26 11.91 -35.49
CA THR B 502 -5.41 13.08 -35.66
C THR B 502 -4.06 12.72 -36.27
N GLY B 503 -3.31 13.75 -36.67
CA GLY B 503 -1.99 13.55 -37.22
C GLY B 503 -0.92 13.27 -36.20
N TYR B 504 -1.15 13.62 -34.93
CA TYR B 504 -0.20 13.31 -33.88
C TYR B 504 0.02 11.80 -33.76
N TRP B 505 -1.09 11.05 -33.76
CA TRP B 505 -0.99 9.60 -33.62
C TRP B 505 -0.26 8.98 -34.80
N GLN B 506 -0.59 9.42 -36.02
CA GLN B 506 0.11 8.91 -37.19
C GLN B 506 1.59 9.25 -37.15
N CYS B 507 1.91 10.47 -36.71
CA CYS B 507 3.31 10.87 -36.59
C CYS B 507 4.07 9.97 -35.64
N ILE B 508 3.52 9.74 -34.45
CA ILE B 508 4.26 8.97 -33.46
C ILE B 508 4.32 7.51 -33.86
N SER B 509 3.26 6.97 -34.45
CA SER B 509 3.29 5.59 -34.93
C SER B 509 4.30 5.42 -36.05
N ASP B 510 4.38 6.39 -36.96
CA ASP B 510 5.37 6.33 -38.02
C ASP B 510 6.78 6.39 -37.46
N PHE B 511 7.01 7.25 -36.47
CA PHE B 511 8.34 7.31 -35.85
C PHE B 511 8.70 5.98 -35.20
N SER B 512 7.76 5.39 -34.45
CA SER B 512 8.04 4.12 -33.79
C SER B 512 8.32 3.02 -34.81
N THR B 513 7.50 2.93 -35.85
CA THR B 513 7.70 1.90 -36.87
C THR B 513 9.01 2.09 -37.61
N LEU B 514 9.34 3.34 -37.95
CA LEU B 514 10.58 3.61 -38.66
C LEU B 514 11.79 3.29 -37.81
N MET B 515 11.74 3.61 -36.51
CA MET B 515 12.85 3.24 -35.62
C MET B 515 12.96 1.73 -35.49
N LYS B 516 11.83 1.04 -35.43
CA LYS B 516 11.87 -0.42 -35.40
C LYS B 516 12.52 -0.99 -36.65
N ASN B 517 12.29 -0.34 -37.79
CA ASN B 517 12.93 -0.81 -39.05
C ASN B 517 14.43 -0.46 -39.03
N ILE B 518 14.77 0.73 -38.53
CA ILE B 518 16.20 1.18 -38.54
C ILE B 518 17.01 0.19 -37.69
N LEU B 519 16.50 -0.17 -36.53
CA LEU B 519 17.27 -1.08 -35.63
C LEU B 519 17.44 -2.43 -36.33
N SER B 520 16.39 -2.89 -36.98
CA SER B 520 16.45 -4.21 -37.67
C SER B 520 17.49 -4.19 -38.78
N VAL B 521 17.62 -3.09 -39.52
CA VAL B 521 18.56 -3.13 -40.69
C VAL B 521 20.01 -2.75 -40.35
N SER B 522 20.39 -2.70 -39.06
CA SER B 522 21.70 -2.17 -38.73
C SER B 522 22.69 -3.24 -38.30
N GLN B 523 22.34 -4.52 -38.42
CA GLN B 523 23.21 -5.57 -37.93
C GLN B 523 24.46 -5.72 -38.77
N TYR B 524 24.32 -5.76 -40.10
CA TYR B 524 25.42 -6.13 -40.98
C TYR B 524 25.82 -4.98 -41.89
N ASN B 525 25.88 -3.76 -41.36
CA ASN B 525 26.32 -2.62 -42.16
C ASN B 525 27.82 -2.68 -42.40
N ARG B 526 28.23 -2.46 -43.64
CA ARG B 526 29.64 -2.40 -43.98
C ARG B 526 30.15 -0.96 -43.86
N HIS B 527 31.46 -0.80 -44.01
CA HIS B 527 32.08 0.51 -43.83
C HIS B 527 31.60 1.50 -44.88
N ASN B 528 31.36 1.02 -46.10
CA ASN B 528 31.02 1.90 -47.22
C ASN B 528 29.64 1.60 -47.80
N THR B 529 28.71 1.16 -46.95
CA THR B 529 27.35 0.86 -47.38
C THR B 529 26.36 1.63 -46.52
N PHE B 530 25.42 2.31 -47.17
CA PHE B 530 24.35 3.01 -46.49
C PHE B 530 23.02 2.39 -46.85
N ARG B 531 22.20 2.18 -45.81
CA ARG B 531 20.91 1.49 -46.00
C ARG B 531 19.75 2.49 -45.92
N ILE B 532 18.60 2.11 -46.45
CA ILE B 532 17.39 2.93 -46.45
C ILE B 532 16.30 2.17 -45.69
N ALA B 533 15.66 2.85 -44.75
CA ALA B 533 14.58 2.28 -43.97
C ALA B 533 13.27 3.00 -44.32
N MET B 534 12.20 2.22 -44.47
CA MET B 534 10.89 2.74 -44.82
C MET B 534 9.92 2.42 -43.69
N CYS B 535 8.68 2.88 -43.85
CA CYS B 535 7.64 2.67 -42.86
C CYS B 535 6.29 2.63 -43.58
N ALA B 536 5.21 2.73 -42.80
CA ALA B 536 3.88 2.79 -43.40
C ALA B 536 3.71 4.04 -44.24
N ASN B 537 4.24 5.17 -43.77
CA ASN B 537 4.17 6.40 -44.53
C ASN B 537 5.00 6.28 -45.81
N ASN B 538 4.43 6.73 -46.92
CA ASN B 538 5.10 6.68 -48.21
C ASN B 538 5.90 7.95 -48.51
N ASN B 539 5.98 8.88 -47.56
CA ASN B 539 6.73 10.11 -47.73
C ASN B 539 7.86 10.29 -46.73
N VAL B 540 7.98 9.43 -45.74
CA VAL B 540 9.01 9.54 -44.71
C VAL B 540 9.97 8.37 -44.87
N PHE B 541 11.26 8.69 -45.02
CA PHE B 541 12.30 7.70 -45.17
C PHE B 541 13.49 8.09 -44.31
N ALA B 542 14.30 7.08 -43.96
CA ALA B 542 15.49 7.30 -43.16
C ALA B 542 16.68 6.62 -43.82
N ILE B 543 17.84 7.27 -43.73
CA ILE B 543 19.10 6.72 -44.21
C ILE B 543 19.89 6.28 -42.99
N VAL B 544 20.23 4.99 -42.93
CA VAL B 544 21.03 4.45 -41.84
C VAL B 544 22.48 4.47 -42.30
N PHE B 545 23.23 5.44 -41.82
CA PHE B 545 24.63 5.58 -42.19
C PHE B 545 25.45 4.43 -41.60
N PRO B 546 26.55 4.06 -42.25
CA PRO B 546 27.36 2.93 -41.76
C PRO B 546 27.86 3.17 -40.34
N SER B 547 27.84 2.11 -39.55
CA SER B 547 28.28 2.18 -38.16
C SER B 547 28.57 0.77 -37.67
N ALA B 548 28.89 0.68 -36.37
CA ALA B 548 29.17 -0.61 -35.77
C ALA B 548 27.91 -1.44 -35.64
N ASP B 549 28.10 -2.75 -35.53
CA ASP B 549 26.99 -3.66 -35.27
C ASP B 549 26.32 -3.29 -33.95
N ILE B 550 25.01 -3.03 -34.02
CA ILE B 550 24.32 -2.38 -32.91
C ILE B 550 24.09 -3.30 -31.72
N LYS B 551 24.24 -4.61 -31.89
CA LYS B 551 24.05 -5.51 -30.75
C LYS B 551 25.30 -5.62 -29.89
N THR B 552 26.39 -4.95 -30.26
CA THR B 552 27.61 -5.00 -29.48
C THR B 552 27.56 -4.01 -28.31
N LYS B 553 28.72 -3.82 -27.67
CA LYS B 553 28.79 -3.01 -26.46
C LYS B 553 28.63 -1.52 -26.77
N LYS B 554 27.65 -0.91 -26.11
CA LYS B 554 27.40 0.53 -26.21
C LYS B 554 27.31 1.01 -27.65
N ALA B 555 26.86 0.16 -28.55
CA ALA B 555 26.80 0.52 -29.96
C ALA B 555 25.64 1.49 -30.21
N THR B 556 25.87 2.44 -31.10
CA THR B 556 24.89 3.46 -31.43
C THR B 556 24.42 3.29 -32.87
N VAL B 557 23.37 4.02 -33.22
CA VAL B 557 22.79 3.99 -34.55
C VAL B 557 22.75 5.42 -35.09
N VAL B 558 23.14 5.57 -36.35
CA VAL B 558 23.19 6.87 -37.02
C VAL B 558 22.15 6.86 -38.13
N TYR B 559 21.26 7.85 -38.12
CA TYR B 559 20.20 7.92 -39.11
C TYR B 559 19.89 9.38 -39.42
N SER B 560 19.24 9.59 -40.57
CA SER B 560 18.80 10.91 -41.00
C SER B 560 17.46 10.75 -41.72
N ILE B 561 16.47 11.52 -41.32
CA ILE B 561 15.11 11.38 -41.81
C ILE B 561 14.95 12.21 -43.09
N ILE B 562 14.24 11.64 -44.07
CA ILE B 562 13.88 12.33 -45.29
C ILE B 562 12.36 12.38 -45.37
N VAL B 563 11.81 13.57 -45.60
CA VAL B 563 10.37 13.77 -45.70
C VAL B 563 10.07 14.44 -47.03
N LEU B 564 9.12 13.89 -47.77
CA LEU B 564 8.68 14.45 -49.04
C LEU B 564 7.32 15.09 -48.83
N HIS B 565 7.27 16.40 -49.04
CA HIS B 565 6.00 17.16 -48.84
C HIS B 565 5.70 17.98 -50.10
N LYS B 566 4.43 17.99 -50.53
CA LYS B 566 4.02 18.71 -51.76
C LYS B 566 4.24 20.22 -51.59
N GLU B 567 3.93 20.75 -50.41
CA GLU B 567 4.06 22.21 -50.18
C GLU B 567 5.14 22.43 -49.13
N GLU B 568 5.81 23.58 -49.14
CA GLU B 568 6.79 23.86 -48.06
C GLU B 568 6.01 24.25 -46.81
N GLU B 569 6.65 24.23 -45.65
CA GLU B 569 5.99 24.64 -44.37
C GLU B 569 4.94 23.58 -43.99
N ASN B 570 5.05 22.39 -44.59
CA ASN B 570 4.10 21.29 -44.27
C ASN B 570 4.88 20.20 -43.53
N ILE B 571 5.99 20.57 -42.88
CA ILE B 571 6.84 19.55 -42.22
C ILE B 571 6.96 19.81 -40.71
N PHE B 572 6.44 18.90 -39.87
CA PHE B 572 6.61 18.99 -38.43
C PHE B 572 8.10 19.03 -38.14
N ASN B 573 8.58 20.18 -37.66
CA ASN B 573 10.00 20.41 -37.41
C ASN B 573 10.19 20.73 -35.93
N PRO B 574 10.51 19.73 -35.11
CA PRO B 574 10.80 19.96 -33.69
C PRO B 574 12.26 20.30 -33.42
N GLY B 575 12.79 21.28 -34.13
CA GLY B 575 14.16 21.70 -33.93
C GLY B 575 15.19 20.69 -34.39
N CYS B 576 14.83 19.82 -35.34
CA CYS B 576 15.74 18.80 -35.84
C CYS B 576 16.05 18.94 -37.33
N LEU B 577 15.40 19.85 -38.04
CA LEU B 577 15.59 19.96 -39.48
C LEU B 577 16.97 20.49 -39.82
N HIS B 578 17.54 19.97 -40.91
CA HIS B 578 18.79 20.49 -41.44
C HIS B 578 18.56 21.45 -42.61
N GLY B 579 17.55 21.19 -43.44
CA GLY B 579 17.24 22.08 -44.54
C GLY B 579 16.19 21.53 -45.49
N THR B 580 15.32 22.41 -46.00
CA THR B 580 14.33 22.04 -47.01
C THR B 580 14.86 22.47 -48.37
N PHE B 581 14.84 21.55 -49.34
CA PHE B 581 15.36 21.79 -50.67
C PHE B 581 14.25 21.61 -51.70
N LYS B 582 14.13 22.55 -52.62
CA LYS B 582 13.18 22.43 -53.71
C LYS B 582 13.69 21.40 -54.72
N CYS B 583 12.80 20.50 -55.14
CA CYS B 583 13.13 19.49 -56.12
C CYS B 583 11.95 19.29 -57.05
N MET B 584 12.00 18.23 -57.84
CA MET B 584 10.90 17.90 -58.74
C MET B 584 9.65 17.58 -57.95
N ASN B 585 8.50 18.00 -58.47
CA ASN B 585 7.21 17.95 -57.76
C ASN B 585 7.36 18.82 -56.52
N GLY B 586 7.04 18.32 -55.33
CA GLY B 586 7.10 19.14 -54.14
C GLY B 586 8.49 19.23 -53.56
N TYR B 587 8.58 19.91 -52.42
CA TYR B 587 9.84 20.10 -51.73
C TYR B 587 10.32 18.79 -51.10
N ILE B 588 11.62 18.72 -50.84
CA ILE B 588 12.22 17.63 -50.08
C ILE B 588 13.06 18.24 -48.97
N SER B 589 12.87 17.75 -47.75
CA SER B 589 13.62 18.24 -46.59
C SER B 589 14.32 17.07 -45.93
N ILE B 590 15.55 17.32 -45.47
CA ILE B 590 16.39 16.31 -44.84
C ILE B 590 16.83 16.83 -43.48
N SER B 591 16.72 15.99 -42.45
CA SER B 591 17.06 16.36 -41.09
C SER B 591 18.55 16.12 -40.81
N ARG B 592 18.97 16.66 -39.66
CA ARG B 592 20.38 16.49 -39.26
C ARG B 592 20.59 15.03 -38.83
N ALA B 593 21.83 14.57 -38.86
CA ALA B 593 22.17 13.22 -38.43
C ALA B 593 21.94 13.07 -36.94
N ILE B 594 21.36 11.94 -36.55
CA ILE B 594 21.03 11.66 -35.16
C ILE B 594 21.71 10.36 -34.75
N ARG B 595 22.42 10.38 -33.63
CA ARG B 595 23.07 9.20 -33.09
C ARG B 595 22.46 8.87 -31.74
N LEU B 596 21.94 7.66 -31.60
CA LEU B 596 21.26 7.24 -30.39
C LEU B 596 21.69 5.83 -30.02
N ASP B 597 21.55 5.52 -28.73
CA ASP B 597 21.95 4.18 -28.22
C ASP B 597 20.73 3.26 -28.20
N LYS B 598 20.81 2.16 -27.46
CA LYS B 598 19.73 1.18 -27.45
C LYS B 598 18.60 1.56 -26.49
N GLU B 599 18.92 2.13 -25.33
CA GLU B 599 17.85 2.48 -24.38
C GLU B 599 16.98 3.62 -24.90
N ARG B 600 17.61 4.61 -25.54
CA ARG B 600 16.83 5.73 -26.14
C ARG B 600 16.00 5.18 -27.30
N CYS B 601 16.55 4.24 -28.06
CA CYS B 601 15.81 3.62 -29.16
C CYS B 601 14.60 2.85 -28.63
N GLN B 602 14.77 2.22 -27.47
CA GLN B 602 13.67 1.45 -26.84
C GLN B 602 12.52 2.42 -26.51
N ARG B 603 12.84 3.53 -25.84
CA ARG B 603 11.80 4.50 -25.42
C ARG B 603 11.08 4.99 -26.68
N ILE B 604 11.85 5.32 -27.71
CA ILE B 604 11.25 5.84 -28.97
C ILE B 604 10.34 4.75 -29.55
N VAL B 605 10.71 3.48 -29.38
CA VAL B 605 9.86 2.42 -29.91
C VAL B 605 8.59 2.29 -29.09
N SER B 606 8.71 2.34 -27.77
CA SER B 606 7.52 2.28 -26.92
C SER B 606 6.99 3.68 -26.60
N SER B 607 6.85 4.51 -27.62
CA SER B 607 6.29 5.85 -27.49
C SER B 607 4.76 5.88 -27.56
N PRO B 608 4.12 5.24 -28.55
CA PRO B 608 2.67 5.46 -28.72
C PRO B 608 1.84 5.12 -27.51
N GLY B 609 2.21 4.07 -26.77
CA GLY B 609 1.49 3.75 -25.55
C GLY B 609 1.58 4.87 -24.53
N LEU B 610 2.78 5.42 -24.33
CA LEU B 610 2.94 6.53 -23.40
C LEU B 610 2.16 7.75 -23.85
N PHE B 611 2.19 8.04 -25.16
CA PHE B 611 1.45 9.17 -25.69
C PHE B 611 -0.03 9.03 -25.42
N LEU B 612 -0.60 7.87 -25.76
CA LEU B 612 -2.02 7.64 -25.55
C LEU B 612 -2.39 7.71 -24.07
N THR B 613 -1.56 7.10 -23.22
CA THR B 613 -1.86 7.10 -21.79
C THR B 613 -1.84 8.51 -21.23
N THR B 614 -0.82 9.30 -21.59
CA THR B 614 -0.74 10.67 -21.10
C THR B 614 -1.92 11.51 -21.60
N CYS B 615 -2.26 11.38 -22.89
CA CYS B 615 -3.36 12.16 -23.43
C CYS B 615 -4.68 11.82 -22.74
N LEU B 616 -4.92 10.53 -22.50
CA LEU B 616 -6.18 10.13 -21.88
C LEU B 616 -6.20 10.47 -20.39
N LEU B 617 -5.02 10.50 -19.75
CA LEU B 617 -4.97 10.87 -18.34
C LEU B 617 -5.24 12.35 -18.15
N PHE B 618 -4.59 13.20 -18.94
CA PHE B 618 -4.75 14.64 -18.76
C PHE B 618 -6.17 15.10 -19.11
N LYS B 619 -6.74 14.54 -20.17
CA LYS B 619 -8.04 14.96 -20.66
C LYS B 619 -9.21 14.38 -19.88
N HIS B 620 -8.98 13.30 -19.12
CA HIS B 620 -10.08 12.53 -18.54
C HIS B 620 -10.97 13.40 -17.66
N ASP B 621 -12.28 13.32 -17.91
CA ASP B 621 -13.30 13.97 -17.08
C ASP B 621 -13.02 15.46 -16.92
N ASN B 622 -12.71 16.13 -18.03
CA ASN B 622 -12.45 17.57 -18.02
C ASN B 622 -12.86 18.15 -19.37
N PRO B 623 -14.08 18.69 -19.48
CA PRO B 623 -14.55 19.22 -20.77
C PRO B 623 -13.95 20.54 -21.17
N THR B 624 -13.31 21.27 -20.25
CA THR B 624 -12.80 22.60 -20.54
C THR B 624 -11.37 22.58 -21.06
N LEU B 625 -10.78 21.41 -21.26
CA LEU B 625 -9.42 21.30 -21.77
C LEU B 625 -9.47 21.02 -23.27
N VAL B 626 -8.72 21.80 -24.04
CA VAL B 626 -8.64 21.60 -25.48
C VAL B 626 -7.72 20.41 -25.75
N MET B 627 -8.21 19.43 -26.50
CA MET B 627 -7.49 18.17 -26.66
C MET B 627 -6.20 18.38 -27.44
N SER B 628 -6.20 19.32 -28.40
CA SER B 628 -5.01 19.53 -29.22
C SER B 628 -3.82 19.99 -28.37
N ASP B 629 -4.06 20.88 -27.40
CA ASP B 629 -2.99 21.32 -26.52
C ASP B 629 -2.41 20.15 -25.73
N ILE B 630 -3.29 19.29 -25.21
CA ILE B 630 -2.85 18.13 -24.44
C ILE B 630 -2.02 17.20 -25.31
N MET B 631 -2.46 16.96 -26.54
CA MET B 631 -1.74 16.05 -27.42
C MET B 631 -0.41 16.63 -27.84
N ASN B 632 -0.35 17.95 -28.03
CA ASN B 632 0.92 18.60 -28.35
C ASN B 632 1.91 18.44 -27.19
N PHE B 633 1.47 18.77 -25.98
CA PHE B 633 2.36 18.62 -24.83
C PHE B 633 2.78 17.17 -24.65
N SER B 634 1.85 16.23 -24.87
CA SER B 634 2.16 14.82 -24.67
C SER B 634 3.14 14.31 -25.72
N ILE B 635 2.99 14.72 -26.98
CA ILE B 635 3.90 14.24 -28.01
C ILE B 635 5.29 14.85 -27.78
N TYR B 636 5.36 16.06 -27.23
CA TYR B 636 6.67 16.63 -26.96
C TYR B 636 7.32 16.01 -25.72
N THR B 637 6.52 15.61 -24.73
CA THR B 637 7.09 15.05 -23.51
C THR B 637 7.45 13.58 -23.65
N SER B 638 6.55 12.79 -24.24
CA SER B 638 6.77 11.35 -24.32
C SER B 638 7.94 11.00 -25.23
N LEU B 639 8.23 11.83 -26.21
CA LEU B 639 9.32 11.60 -27.15
C LEU B 639 10.64 12.19 -26.67
N SER B 640 10.66 12.79 -25.48
CA SER B 640 11.88 13.35 -24.93
C SER B 640 12.77 12.23 -24.42
N ILE B 641 14.01 12.17 -24.93
CA ILE B 641 14.97 11.15 -24.53
C ILE B 641 16.25 11.83 -24.09
N THR B 642 16.14 13.06 -23.62
CA THR B 642 17.29 13.86 -23.24
C THR B 642 17.12 14.36 -21.81
N LYS B 643 18.26 14.71 -21.19
CA LYS B 643 18.26 15.16 -19.80
C LYS B 643 17.59 16.50 -19.61
N SER B 644 17.28 17.22 -20.68
CA SER B 644 16.72 18.57 -20.56
C SER B 644 15.38 18.54 -19.84
N VAL B 645 14.39 17.84 -20.41
CA VAL B 645 13.08 17.75 -19.79
C VAL B 645 13.15 16.97 -18.48
N LEU B 646 14.10 16.05 -18.37
CA LEU B 646 14.30 15.30 -17.14
C LEU B 646 14.76 16.21 -16.01
N SER B 647 15.42 17.33 -16.35
CA SER B 647 15.87 18.28 -15.35
C SER B 647 14.76 19.24 -14.92
N LEU B 648 13.60 19.23 -15.59
CA LEU B 648 12.49 20.09 -15.25
C LEU B 648 11.30 19.37 -14.68
N THR B 649 11.08 18.11 -15.07
CA THR B 649 9.90 17.38 -14.59
C THR B 649 9.94 17.18 -13.08
N GLU B 650 11.13 16.86 -12.54
CA GLU B 650 11.21 16.58 -11.11
C GLU B 650 11.15 17.86 -10.26
N PRO B 651 11.96 18.89 -10.51
CA PRO B 651 11.91 20.06 -9.63
C PRO B 651 10.57 20.77 -9.62
N ALA B 652 9.79 20.66 -10.70
CA ALA B 652 8.51 21.35 -10.76
C ALA B 652 7.57 20.90 -9.65
N ARG B 653 7.56 19.60 -9.36
CA ARG B 653 6.77 19.10 -8.23
C ARG B 653 7.00 19.95 -7.00
N TYR B 654 8.26 20.05 -6.56
CA TYR B 654 8.58 20.81 -5.36
C TYR B 654 8.26 22.29 -5.54
N MET B 655 8.58 22.85 -6.71
CA MET B 655 8.38 24.29 -6.90
C MET B 655 6.92 24.69 -6.73
N ILE B 656 6.03 24.05 -7.50
CA ILE B 656 4.61 24.39 -7.40
C ILE B 656 4.03 23.97 -6.06
N MET B 657 4.46 22.82 -5.52
CA MET B 657 3.90 22.39 -4.24
C MET B 657 4.26 23.36 -3.12
N ASN B 658 5.50 23.84 -3.09
CA ASN B 658 5.90 24.81 -2.08
C ASN B 658 5.29 26.17 -2.33
N SER B 659 5.02 26.52 -3.59
CA SER B 659 4.32 27.77 -3.87
C SER B 659 2.88 27.72 -3.40
N LEU B 660 2.25 26.55 -3.49
CA LEU B 660 0.85 26.39 -3.09
C LEU B 660 0.69 26.22 -1.59
N ALA B 661 1.78 25.95 -0.87
CA ALA B 661 1.68 25.64 0.55
C ALA B 661 1.41 26.90 1.37
N ILE B 662 0.93 26.69 2.60
CA ILE B 662 0.72 27.80 3.53
C ILE B 662 2.05 28.45 3.88
N SER B 663 3.06 27.64 4.18
CA SER B 663 4.39 28.14 4.48
C SER B 663 5.42 27.22 3.84
N SER B 664 6.43 27.82 3.24
CA SER B 664 7.49 27.06 2.58
C SER B 664 8.68 27.99 2.36
N ASN B 665 9.81 27.38 2.01
CA ASN B 665 11.04 28.13 1.75
C ASN B 665 11.39 28.01 0.27
N VAL B 666 10.38 28.15 -0.60
CA VAL B 666 10.58 27.93 -2.03
C VAL B 666 11.59 28.90 -2.61
N LYS B 667 11.73 30.08 -2.01
CA LYS B 667 12.73 31.04 -2.50
C LYS B 667 14.13 30.44 -2.42
N ASP B 668 14.46 29.82 -1.29
CA ASP B 668 15.78 29.18 -1.18
C ASP B 668 15.90 28.09 -2.24
N TYR B 669 14.89 27.23 -2.37
CA TYR B 669 14.99 26.12 -3.31
C TYR B 669 15.27 26.62 -4.71
N ILE B 670 14.57 27.68 -5.14
CA ILE B 670 14.82 28.24 -6.46
C ILE B 670 16.23 28.84 -6.53
N ALA B 671 16.64 29.53 -5.46
CA ALA B 671 17.93 30.22 -5.49
C ALA B 671 19.10 29.25 -5.58
N GLU B 672 19.05 28.14 -4.84
CA GLU B 672 20.20 27.25 -4.74
C GLU B 672 20.07 25.93 -5.47
N LYS B 673 18.93 25.24 -5.37
CA LYS B 673 18.81 23.90 -5.93
C LYS B 673 18.28 23.88 -7.35
N PHE B 674 17.24 24.67 -7.64
CA PHE B 674 16.67 24.64 -8.99
C PHE B 674 17.71 25.11 -10.00
N SER B 675 17.87 24.32 -11.06
CA SER B 675 18.86 24.61 -12.10
C SER B 675 18.39 23.99 -13.40
N PRO B 676 17.61 24.72 -14.19
CA PRO B 676 17.13 24.17 -15.46
C PRO B 676 18.27 23.88 -16.41
N TYR B 677 18.06 22.89 -17.26
CA TYR B 677 19.04 22.44 -18.26
C TYR B 677 18.34 22.56 -19.62
N THR B 678 18.41 23.76 -20.20
CA THR B 678 17.59 24.10 -21.37
C THR B 678 18.45 24.03 -22.62
N LYS B 679 18.56 22.83 -23.20
CA LYS B 679 19.24 22.66 -24.46
C LYS B 679 18.29 22.61 -25.65
N THR B 680 17.00 22.49 -25.41
CA THR B 680 15.99 22.45 -26.46
C THR B 680 14.96 23.56 -26.24
N LEU B 681 14.29 23.93 -27.33
CA LEU B 681 13.26 24.97 -27.23
C LEU B 681 12.09 24.53 -26.36
N PHE B 682 11.73 23.25 -26.42
CA PHE B 682 10.67 22.75 -25.55
C PHE B 682 11.05 22.89 -24.08
N SER B 683 12.35 22.81 -23.78
CA SER B 683 12.80 23.04 -22.41
C SER B 683 12.52 24.47 -21.99
N VAL B 684 12.74 25.44 -22.89
CA VAL B 684 12.43 26.83 -22.59
C VAL B 684 10.93 27.00 -22.38
N TYR B 685 10.12 26.37 -23.24
CA TYR B 685 8.68 26.45 -23.10
C TYR B 685 8.23 25.89 -21.75
N MET B 686 8.78 24.73 -21.36
CA MET B 686 8.43 24.13 -20.08
C MET B 686 8.91 24.99 -18.91
N THR B 687 10.07 25.62 -19.03
CA THR B 687 10.54 26.51 -17.97
C THR B 687 9.60 27.70 -17.79
N ARG B 688 9.14 28.28 -18.90
CA ARG B 688 8.16 29.36 -18.81
C ARG B 688 6.85 28.87 -18.19
N LEU B 689 6.43 27.66 -18.56
CA LEU B 689 5.21 27.10 -17.97
C LEU B 689 5.37 26.92 -16.47
N ILE B 690 6.53 26.43 -16.02
CA ILE B 690 6.78 26.24 -14.60
C ILE B 690 6.80 27.59 -13.88
N LYS B 691 7.42 28.60 -14.49
CA LYS B 691 7.44 29.93 -13.88
C LYS B 691 6.03 30.48 -13.72
N ASN B 692 5.21 30.35 -14.77
CA ASN B 692 3.83 30.83 -14.68
C ASN B 692 3.03 30.06 -13.65
N ALA B 693 3.25 28.74 -13.57
CA ALA B 693 2.56 27.94 -12.56
C ALA B 693 2.95 28.36 -11.15
N CYS B 694 4.24 28.64 -10.93
CA CYS B 694 4.70 29.08 -9.62
C CYS B 694 4.09 30.44 -9.26
N PHE B 695 3.99 31.33 -10.24
CA PHE B 695 3.34 32.62 -10.00
C PHE B 695 1.87 32.43 -9.65
N ASP B 696 1.19 31.54 -10.37
CA ASP B 696 -0.26 31.40 -10.19
C ASP B 696 -0.62 30.61 -8.94
N ALA B 697 0.28 29.75 -8.46
CA ALA B 697 -0.06 28.85 -7.36
C ALA B 697 -0.44 29.62 -6.10
N TYR B 698 0.32 30.66 -5.77
CA TYR B 698 0.01 31.45 -4.58
C TYR B 698 -1.36 32.11 -4.68
N ASP B 699 -1.68 32.70 -5.83
CA ASP B 699 -2.90 33.50 -5.93
C ASP B 699 -4.15 32.63 -5.82
N GLN B 700 -4.07 31.38 -6.26
CA GLN B 700 -5.23 30.50 -6.29
C GLN B 700 -5.28 29.51 -5.12
N ARG B 701 -4.48 29.73 -4.07
CA ARG B 701 -4.57 28.84 -2.92
C ARG B 701 -5.94 28.94 -2.25
N GLN B 702 -6.49 30.15 -2.16
CA GLN B 702 -7.79 30.33 -1.50
C GLN B 702 -8.91 29.66 -2.27
N ARG B 703 -8.68 29.27 -3.51
CA ARG B 703 -9.73 28.67 -4.32
C ARG B 703 -10.00 27.20 -3.99
N VAL B 704 -9.49 26.63 -2.90
CA VAL B 704 -9.82 25.28 -2.49
C VAL B 704 -10.86 25.37 -1.38
N GLN B 705 -11.92 24.57 -1.49
CA GLN B 705 -13.01 24.58 -0.52
C GLN B 705 -13.30 23.16 -0.06
N LEU B 706 -13.55 23.01 1.23
CA LEU B 706 -13.84 21.69 1.79
C LEU B 706 -15.27 21.27 1.48
N ARG B 707 -15.48 19.96 1.50
CA ARG B 707 -16.84 19.42 1.27
C ARG B 707 -17.57 19.37 2.60
N ASP B 708 -18.89 19.28 2.55
CA ASP B 708 -19.70 19.16 3.76
C ASP B 708 -19.50 17.79 4.38
N ILE B 709 -18.90 17.77 5.57
CA ILE B 709 -18.56 16.53 6.26
C ILE B 709 -19.78 16.02 7.01
N TYR B 710 -20.02 14.72 6.93
CA TYR B 710 -21.14 14.06 7.59
C TYR B 710 -20.60 13.16 8.68
N LEU B 711 -21.11 13.34 9.89
CA LEU B 711 -20.61 12.62 11.07
C LEU B 711 -21.64 11.63 11.58
N SER B 712 -21.16 10.49 12.07
CA SER B 712 -22.03 9.52 12.72
C SER B 712 -21.40 8.90 13.96
N ASP B 713 -20.25 9.41 14.41
CA ASP B 713 -19.48 8.93 15.56
C ASP B 713 -18.87 7.56 15.34
N TYR B 714 -19.14 6.92 14.21
CA TYR B 714 -18.57 5.61 13.90
C TYR B 714 -18.00 5.61 12.50
N ASP B 715 -18.57 6.47 11.66
CA ASP B 715 -18.11 6.57 10.26
C ASP B 715 -18.38 7.97 9.70
N ILE B 716 -17.58 8.40 8.74
CA ILE B 716 -17.76 9.68 8.08
C ILE B 716 -18.23 9.39 6.65
N THR B 717 -19.46 9.79 6.35
CA THR B 717 -20.05 9.46 5.06
C THR B 717 -19.47 10.32 3.94
N GLN B 718 -19.27 11.61 4.20
CA GLN B 718 -18.78 12.55 3.20
C GLN B 718 -17.63 13.35 3.77
N LYS B 719 -16.61 13.58 2.95
CA LYS B 719 -15.41 14.31 3.35
C LYS B 719 -14.67 14.69 2.08
N GLY B 720 -13.45 15.20 2.24
CA GLY B 720 -12.61 15.53 1.11
C GLY B 720 -12.82 16.95 0.60
N ILE B 721 -12.17 17.22 -0.52
CA ILE B 721 -12.20 18.54 -1.14
C ILE B 721 -13.38 18.61 -2.11
N LYS B 722 -13.99 19.79 -2.20
CA LYS B 722 -15.08 19.99 -3.14
C LYS B 722 -14.57 19.87 -4.57
N ASP B 723 -15.48 19.47 -5.48
CA ASP B 723 -15.09 19.25 -6.89
C ASP B 723 -15.57 20.42 -7.76
N ASN B 724 -14.84 21.52 -7.74
CA ASN B 724 -15.15 22.70 -8.54
C ASN B 724 -13.93 23.04 -9.40
N ARG B 725 -14.14 23.19 -10.70
CA ARG B 725 -12.99 23.44 -11.61
C ARG B 725 -12.62 24.93 -11.54
N GLU B 726 -12.00 25.35 -10.43
CA GLU B 726 -11.66 26.78 -10.27
C GLU B 726 -10.16 27.00 -10.43
N LEU B 727 -9.34 25.96 -10.26
CA LEU B 727 -7.87 26.16 -10.32
C LEU B 727 -7.43 26.26 -11.78
N THR B 728 -6.35 26.98 -12.05
CA THR B 728 -5.86 27.16 -13.41
C THR B 728 -4.90 26.03 -13.75
N SER B 729 -5.06 25.46 -14.95
CA SER B 729 -4.21 24.36 -15.39
C SER B 729 -2.78 24.85 -15.61
N ILE B 730 -1.84 23.90 -15.54
CA ILE B 730 -0.41 24.24 -15.51
C ILE B 730 0.21 24.18 -16.89
N TRP B 731 0.22 22.99 -17.50
CA TRP B 731 0.97 22.77 -18.73
C TRP B 731 0.24 23.26 -19.97
N PHE B 732 -1.03 23.62 -19.86
CA PHE B 732 -1.86 23.93 -21.01
C PHE B 732 -3.15 24.61 -20.58
N PRO B 733 -3.75 25.46 -21.42
CA PRO B 733 -4.87 26.28 -20.97
C PRO B 733 -6.07 25.44 -20.54
N GLY B 734 -6.80 25.96 -19.56
CA GLY B 734 -7.98 25.30 -19.03
C GLY B 734 -8.13 25.46 -17.53
N SER B 735 -9.17 24.86 -16.97
CA SER B 735 -9.40 24.88 -15.53
C SER B 735 -9.44 23.46 -15.01
N VAL B 736 -8.85 23.25 -13.83
CA VAL B 736 -8.70 21.91 -13.27
C VAL B 736 -9.16 21.90 -11.82
N THR B 737 -9.59 20.74 -11.36
CA THR B 737 -9.93 20.51 -9.97
C THR B 737 -8.65 20.28 -9.17
N LEU B 738 -8.76 20.31 -7.84
CA LEU B 738 -7.59 20.14 -6.99
C LEU B 738 -6.93 18.78 -7.23
N LYS B 739 -7.74 17.73 -7.37
CA LYS B 739 -7.17 16.43 -7.72
C LYS B 739 -6.47 16.48 -9.07
N GLU B 740 -7.09 17.11 -10.06
CA GLU B 740 -6.46 17.26 -11.36
C GLU B 740 -5.22 18.16 -11.27
N TYR B 741 -5.26 19.18 -10.42
CA TYR B 741 -4.08 20.03 -10.22
C TYR B 741 -2.92 19.22 -9.67
N LEU B 742 -3.17 18.41 -8.65
CA LEU B 742 -2.12 17.58 -8.08
C LEU B 742 -1.61 16.55 -9.08
N THR B 743 -2.52 15.98 -9.88
CA THR B 743 -2.09 15.06 -10.93
C THR B 743 -1.18 15.75 -11.93
N GLN B 744 -1.54 16.97 -12.35
CA GLN B 744 -0.70 17.71 -13.28
C GLN B 744 0.66 18.03 -12.66
N ILE B 745 0.68 18.28 -11.35
CA ILE B 745 1.95 18.56 -10.68
C ILE B 745 2.84 17.31 -10.67
N TYR B 746 2.26 16.15 -10.31
CA TYR B 746 3.07 15.00 -9.96
C TYR B 746 3.31 14.01 -11.10
N LEU B 747 2.41 13.93 -12.07
CA LEU B 747 2.53 12.97 -13.17
C LEU B 747 3.78 13.15 -14.03
N PRO B 748 4.17 14.37 -14.41
CA PRO B 748 5.32 14.51 -15.33
C PRO B 748 6.61 13.90 -14.82
N PHE B 749 6.78 13.74 -13.50
CA PHE B 749 7.97 13.09 -12.99
C PHE B 749 8.09 11.65 -13.47
N TYR B 750 6.98 11.02 -13.84
CA TYR B 750 6.99 9.65 -14.35
C TYR B 750 7.09 9.58 -15.86
N PHE B 751 7.15 10.72 -16.54
CA PHE B 751 7.46 10.74 -17.97
C PHE B 751 8.93 10.44 -18.24
N ASN B 752 9.80 10.61 -17.24
CA ASN B 752 11.24 10.48 -17.44
C ASN B 752 11.61 9.04 -17.77
N ALA B 753 12.62 8.90 -18.63
CA ALA B 753 13.11 7.59 -19.03
C ALA B 753 14.21 7.13 -18.07
N LYS B 754 14.20 5.83 -17.79
CA LYS B 754 15.18 5.24 -16.89
C LYS B 754 16.45 4.85 -17.65
N GLY B 755 17.59 5.11 -17.03
CA GLY B 755 18.86 4.73 -17.63
C GLY B 755 19.39 5.69 -18.68
N LEU B 756 18.94 6.94 -18.65
CA LEU B 756 19.48 7.96 -19.54
C LEU B 756 20.84 8.48 -19.08
N HIS B 757 21.26 8.10 -17.88
CA HIS B 757 22.56 8.56 -17.33
C HIS B 757 23.72 7.86 -18.04
N GLU B 758 24.88 8.52 -18.12
CA GLU B 758 26.09 7.89 -18.73
C GLU B 758 27.07 7.56 -17.62
N LYS B 759 27.58 6.33 -17.58
CA LYS B 759 28.45 5.87 -16.45
C LYS B 759 29.70 6.75 -16.35
N HIS B 760 30.26 7.18 -17.47
CA HIS B 760 31.55 7.91 -17.42
C HIS B 760 31.40 9.15 -16.53
N HIS B 761 30.27 9.86 -16.61
CA HIS B 761 30.14 11.13 -15.86
C HIS B 761 29.49 10.95 -14.49
N VAL B 762 28.49 10.06 -14.36
CA VAL B 762 27.74 9.92 -13.13
C VAL B 762 28.61 9.31 -12.03
N MET B 763 29.52 8.40 -12.38
CA MET B 763 30.41 7.85 -11.35
C MET B 763 31.27 8.94 -10.74
N VAL B 764 31.83 9.81 -11.58
CA VAL B 764 32.62 10.93 -11.09
C VAL B 764 31.77 11.85 -10.22
N ASP B 765 30.53 12.11 -10.65
CA ASP B 765 29.65 12.99 -9.88
C ASP B 765 29.37 12.41 -8.49
N LEU B 766 29.05 11.12 -8.42
CA LEU B 766 28.76 10.50 -7.14
C LEU B 766 29.99 10.49 -6.24
N ALA B 767 31.15 10.15 -6.80
CA ALA B 767 32.39 10.17 -6.02
C ALA B 767 32.67 11.57 -5.51
N LYS B 768 32.47 12.58 -6.35
CA LYS B 768 32.68 13.96 -5.93
C LYS B 768 31.76 14.33 -4.78
N THR B 769 30.49 13.96 -4.86
CA THR B 769 29.55 14.28 -3.78
C THR B 769 29.98 13.63 -2.48
N ILE B 770 30.27 12.32 -2.52
CA ILE B 770 30.63 11.61 -1.30
C ILE B 770 31.91 12.19 -0.70
N LEU B 771 32.92 12.42 -1.55
CA LEU B 771 34.19 12.92 -1.04
C LEU B 771 34.09 14.35 -0.55
N GLU B 772 33.25 15.18 -1.17
CA GLU B 772 33.04 16.53 -0.68
C GLU B 772 32.39 16.51 0.70
N ILE B 773 31.38 15.66 0.89
CA ILE B 773 30.77 15.54 2.20
C ILE B 773 31.80 15.08 3.23
N GLU B 774 32.59 14.08 2.86
CA GLU B 774 33.58 13.53 3.79
C GLU B 774 34.62 14.57 4.16
N CYS B 775 35.13 15.33 3.18
CA CYS B 775 36.17 16.31 3.47
C CYS B 775 35.62 17.47 4.28
N GLU B 776 34.39 17.91 3.99
CA GLU B 776 33.78 18.96 4.81
C GLU B 776 33.62 18.49 6.25
N GLN B 777 33.18 17.25 6.45
CA GLN B 777 33.06 16.73 7.81
C GLN B 777 34.42 16.63 8.48
N ARG B 778 35.46 16.21 7.74
CA ARG B 778 36.79 16.09 8.31
C ARG B 778 37.34 17.45 8.74
N GLU B 779 37.16 18.47 7.91
CA GLU B 779 37.82 19.75 8.12
C GLU B 779 36.99 20.74 8.94
N ASN B 780 35.70 20.50 9.11
CA ASN B 780 34.91 21.50 9.80
C ASN B 780 34.15 20.95 10.99
N ILE B 781 33.77 19.68 10.98
CA ILE B 781 32.97 19.08 12.03
C ILE B 781 33.90 18.43 13.05
N LYS B 782 33.96 19.00 14.24
CA LYS B 782 34.75 18.44 15.34
C LYS B 782 33.91 18.09 16.55
N GLU B 783 33.02 18.97 16.98
CA GLU B 783 32.20 18.71 18.16
C GLU B 783 31.07 17.73 17.81
N ILE B 784 30.75 16.87 18.77
CA ILE B 784 29.70 15.87 18.62
C ILE B 784 28.42 16.28 19.36
N TRP B 785 28.59 16.63 20.64
CA TRP B 785 27.40 16.94 21.47
C TRP B 785 27.26 18.46 21.63
N SER B 786 26.13 19.03 21.20
CA SER B 786 25.93 20.50 21.31
C SER B 786 24.53 20.83 21.82
N THR B 787 24.41 21.88 22.63
CA THR B 787 23.09 22.30 23.19
C THR B 787 22.53 23.50 22.43
N ASN B 788 23.25 23.99 21.42
CA ASN B 788 22.82 25.22 20.71
C ASN B 788 22.21 24.87 19.36
N CYS B 789 21.87 23.59 19.15
CA CYS B 789 21.31 23.12 17.85
C CYS B 789 22.30 23.40 16.72
N THR B 790 23.59 23.22 16.99
CA THR B 790 24.59 23.37 15.90
C THR B 790 24.30 22.28 14.87
N LYS B 791 24.69 22.50 13.63
CA LYS B 791 24.46 21.52 12.57
C LYS B 791 25.35 20.29 12.77
N GLN B 792 24.76 19.12 12.49
CA GLN B 792 25.46 17.84 12.61
C GLN B 792 25.96 17.60 14.03
N THR B 793 25.16 18.03 15.02
CA THR B 793 25.46 17.76 16.42
C THR B 793 24.17 17.31 17.12
N VAL B 794 24.34 16.61 18.23
CA VAL B 794 23.23 16.00 18.97
C VAL B 794 23.27 16.49 20.40
N ASN B 795 22.13 16.95 20.91
CA ASN B 795 22.01 17.26 22.33
C ASN B 795 22.04 15.95 23.12
N LEU B 796 22.94 15.85 24.08
CA LEU B 796 23.18 14.58 24.76
C LEU B 796 22.08 14.25 25.77
N LYS B 797 21.80 15.19 26.67
CA LYS B 797 20.85 14.92 27.75
C LYS B 797 19.45 14.63 27.21
N ILE B 798 18.99 15.44 26.25
CA ILE B 798 17.65 15.26 25.71
C ILE B 798 17.54 13.95 24.96
N LEU B 799 18.56 13.62 24.17
CA LEU B 799 18.56 12.35 23.45
C LEU B 799 18.51 11.18 24.42
N ILE B 800 19.31 11.23 25.48
CA ILE B 800 19.34 10.14 26.45
C ILE B 800 17.99 9.99 27.13
N HIS B 801 17.39 11.12 27.54
CA HIS B 801 16.12 11.06 28.25
C HIS B 801 15.02 10.51 27.34
N SER B 802 14.96 11.00 26.10
CA SER B 802 13.94 10.53 25.18
C SER B 802 14.13 9.04 24.86
N LEU B 803 15.38 8.62 24.66
CA LEU B 803 15.64 7.20 24.42
C LEU B 803 15.21 6.35 25.59
N CYS B 804 15.50 6.79 26.82
CA CYS B 804 15.10 6.04 28.00
C CYS B 804 13.58 5.93 28.07
N LYS B 805 12.87 7.04 27.84
CA LYS B 805 11.41 7.02 27.92
C LYS B 805 10.83 6.09 26.87
N ASN B 806 11.29 6.20 25.62
CA ASN B 806 10.75 5.38 24.55
C ASN B 806 11.07 3.91 24.76
N LEU B 807 12.28 3.60 25.22
CA LEU B 807 12.63 2.21 25.50
C LEU B 807 11.78 1.65 26.63
N LEU B 808 11.54 2.46 27.67
CA LEU B 808 10.70 2.00 28.78
C LEU B 808 9.30 1.67 28.27
N ALA B 809 8.71 2.56 27.47
CA ALA B 809 7.38 2.30 26.94
C ALA B 809 7.35 1.06 26.06
N ASP B 810 8.33 0.93 25.16
CA ASP B 810 8.35 -0.19 24.24
C ASP B 810 8.49 -1.52 24.97
N THR B 811 9.41 -1.58 25.94
CA THR B 811 9.62 -2.82 26.69
C THR B 811 8.44 -3.12 27.61
N SER B 812 7.77 -2.08 28.12
CA SER B 812 6.59 -2.31 28.95
C SER B 812 5.43 -2.85 28.12
N ARG B 813 5.40 -2.51 26.82
CA ARG B 813 4.28 -2.95 25.98
C ARG B 813 4.26 -4.46 25.82
N HIS B 814 5.41 -5.10 25.59
CA HIS B 814 5.46 -6.54 25.39
C HIS B 814 6.49 -7.15 26.33
N ASN B 815 6.09 -8.21 27.04
CA ASN B 815 7.01 -8.88 27.96
C ASN B 815 8.07 -9.69 27.20
N HIS B 816 7.65 -10.45 26.19
CA HIS B 816 8.55 -11.32 25.44
C HIS B 816 8.99 -10.60 24.17
N LEU B 817 10.12 -9.92 24.25
CA LEU B 817 10.69 -9.20 23.11
C LEU B 817 11.92 -9.89 22.54
N ARG B 818 12.78 -10.39 23.41
CA ARG B 818 13.99 -11.09 22.95
C ARG B 818 13.53 -12.27 22.09
N ASN B 819 12.56 -13.04 22.58
CA ASN B 819 12.07 -14.22 21.83
C ASN B 819 11.42 -13.76 20.52
N ARG B 820 10.65 -12.68 20.57
CA ARG B 820 10.00 -12.15 19.34
C ARG B 820 11.09 -11.89 18.31
N ILE B 821 12.22 -11.34 18.74
CA ILE B 821 13.32 -11.05 17.82
C ILE B 821 13.95 -12.33 17.32
N GLU B 822 14.17 -13.27 18.23
CA GLU B 822 14.84 -14.55 17.86
C GLU B 822 13.98 -15.34 16.89
N ASN B 823 12.68 -15.44 17.17
CA ASN B 823 11.81 -16.31 16.36
C ASN B 823 11.48 -15.68 15.02
N ARG B 824 11.16 -14.39 14.98
CA ARG B 824 10.75 -13.77 13.72
C ARG B 824 11.91 -13.62 12.74
N ASN B 825 13.15 -13.66 13.21
CA ASN B 825 14.31 -13.46 12.35
C ASN B 825 15.20 -14.69 12.23
N ASN B 826 14.71 -15.86 12.63
CA ASN B 826 15.44 -17.13 12.48
C ASN B 826 16.79 -17.08 13.18
N PHE B 827 16.84 -16.40 14.33
CA PHE B 827 18.09 -16.22 15.04
C PHE B 827 18.66 -17.55 15.52
N ARG B 828 17.80 -18.43 16.03
CA ARG B 828 18.22 -19.73 16.55
C ARG B 828 18.35 -20.80 15.47
N ARG B 829 17.97 -20.45 14.24
CA ARG B 829 17.99 -21.43 13.12
C ARG B 829 19.28 -21.27 12.34
N SER B 830 19.61 -22.24 11.47
CA SER B 830 20.84 -22.22 10.71
C SER B 830 20.82 -21.11 9.66
N ILE B 831 22.03 -20.69 9.26
CA ILE B 831 22.17 -19.52 8.39
C ILE B 831 21.55 -19.79 7.02
N THR B 832 21.62 -21.04 6.55
CA THR B 832 21.12 -21.36 5.22
C THR B 832 19.62 -21.11 5.10
N THR B 833 18.91 -21.12 6.24
CA THR B 833 17.46 -20.94 6.20
C THR B 833 17.08 -19.49 5.92
N ILE B 834 17.93 -18.55 6.32
CA ILE B 834 17.62 -17.13 6.12
C ILE B 834 17.68 -16.81 4.63
N SER B 835 16.65 -16.13 4.14
CA SER B 835 16.54 -15.87 2.70
C SER B 835 17.61 -14.91 2.20
N THR B 836 17.80 -13.79 2.90
CA THR B 836 18.72 -12.76 2.41
C THR B 836 20.15 -13.26 2.38
N PHE B 837 20.45 -14.30 3.15
CA PHE B 837 21.80 -14.85 3.15
C PHE B 837 22.01 -15.85 2.02
N THR B 838 20.94 -16.27 1.36
CA THR B 838 21.00 -17.22 0.27
C THR B 838 20.52 -16.64 -1.06
N SER B 839 20.29 -15.34 -1.12
CA SER B 839 19.76 -14.72 -2.32
C SER B 839 20.82 -14.69 -3.42
N SER B 840 20.39 -14.28 -4.61
CA SER B 840 21.26 -14.17 -5.77
C SER B 840 21.75 -12.75 -6.00
N LYS B 841 21.66 -11.90 -4.97
CA LYS B 841 22.11 -10.49 -5.10
C LYS B 841 23.64 -10.42 -5.04
N SER B 842 24.23 -9.27 -5.35
CA SER B 842 25.71 -9.14 -5.40
C SER B 842 26.32 -8.99 -4.01
N CYS B 843 27.59 -9.36 -3.86
CA CYS B 843 28.30 -9.27 -2.56
C CYS B 843 29.77 -8.96 -2.87
N LEU B 844 30.52 -8.41 -1.91
CA LEU B 844 31.91 -7.99 -2.20
C LEU B 844 32.94 -8.95 -1.59
N LYS B 845 34.02 -9.25 -2.30
CA LYS B 845 35.11 -10.07 -1.83
C LYS B 845 36.40 -9.28 -1.89
N ILE B 846 37.18 -9.35 -0.81
CA ILE B 846 38.45 -8.63 -0.70
C ILE B 846 39.56 -9.66 -0.60
N GLY B 847 40.48 -9.63 -1.55
CA GLY B 847 41.59 -10.57 -1.57
C GLY B 847 42.42 -10.48 -2.82
N ASP B 848 43.01 -11.60 -3.24
CA ASP B 848 43.84 -11.66 -4.45
C ASP B 848 43.04 -12.33 -5.55
N PHE B 849 42.43 -11.52 -6.42
CA PHE B 849 41.68 -12.02 -7.55
C PHE B 849 42.26 -11.49 -8.87
N ARG B 850 43.59 -11.42 -8.89
CA ARG B 850 44.29 -10.86 -10.07
C ARG B 850 43.89 -11.64 -11.33
N LYS B 851 43.96 -12.96 -11.30
CA LYS B 851 43.73 -13.73 -12.55
C LYS B 851 42.34 -13.45 -13.13
N GLU B 852 41.31 -13.46 -12.29
CA GLU B 852 39.93 -13.33 -12.84
C GLU B 852 39.80 -11.97 -13.52
N LYS B 853 40.29 -10.91 -12.88
CA LYS B 853 40.15 -9.55 -13.44
C LYS B 853 41.02 -9.40 -14.69
N GLU B 854 42.22 -9.99 -14.69
CA GLU B 854 43.17 -9.89 -15.83
C GLU B 854 42.51 -10.49 -17.08
N LEU B 855 41.87 -11.66 -16.93
CA LEU B 855 41.18 -12.23 -18.08
C LEU B 855 40.09 -11.29 -18.55
N GLN B 856 40.07 -11.02 -19.86
CA GLN B 856 39.07 -10.13 -20.44
C GLN B 856 38.60 -10.66 -21.79
N LYS B 870 51.70 -4.13 -25.05
CA LYS B 870 51.47 -3.22 -23.92
C LYS B 870 51.13 -1.82 -24.43
N MET B 871 50.43 -1.05 -23.60
CA MET B 871 50.04 0.31 -23.92
C MET B 871 50.36 1.24 -22.76
N ARG B 872 50.47 2.52 -23.06
CA ARG B 872 50.82 3.51 -22.05
C ARG B 872 49.65 3.75 -21.10
N LEU B 873 49.97 4.19 -19.88
CA LEU B 873 48.94 4.40 -18.85
C LEU B 873 48.04 5.59 -19.16
N ALA B 874 48.41 6.42 -20.14
CA ALA B 874 47.67 7.59 -20.59
C ALA B 874 47.60 8.69 -19.54
N ASN B 875 48.31 8.54 -18.42
CA ASN B 875 48.35 9.57 -17.39
C ASN B 875 49.80 9.99 -17.16
N PRO B 876 50.13 11.27 -17.33
CA PRO B 876 51.54 11.69 -17.18
C PRO B 876 52.12 11.41 -15.80
N MET B 877 51.28 11.41 -14.76
CA MET B 877 51.79 11.19 -13.41
C MET B 877 52.38 9.79 -13.25
N PHE B 878 51.73 8.78 -13.83
CA PHE B 878 52.08 7.39 -13.58
C PHE B 878 52.95 6.78 -14.67
N VAL B 879 53.44 7.60 -15.60
CA VAL B 879 54.28 7.10 -16.70
C VAL B 879 55.73 7.02 -16.23
N THR B 880 56.37 5.89 -16.47
CA THR B 880 57.78 5.71 -16.15
C THR B 880 58.64 6.02 -17.38
N ASP B 881 59.95 5.77 -17.26
CA ASP B 881 60.84 6.04 -18.39
C ASP B 881 60.54 5.13 -19.57
N GLU B 882 60.29 3.84 -19.30
CA GLU B 882 59.99 2.91 -20.39
C GLU B 882 58.63 3.21 -21.02
N GLN B 883 57.68 3.69 -20.21
CA GLN B 883 56.32 3.88 -20.69
C GLN B 883 56.23 5.00 -21.73
N VAL B 884 57.24 5.88 -21.79
CA VAL B 884 57.18 7.01 -22.72
C VAL B 884 57.14 6.53 -24.16
N CYS B 885 57.98 5.55 -24.50
CA CYS B 885 58.08 5.06 -25.88
C CYS B 885 57.13 3.87 -26.08
N LEU B 886 55.84 4.15 -25.91
CA LEU B 886 54.81 3.14 -26.08
C LEU B 886 53.51 3.82 -26.46
N GLU B 887 52.68 3.09 -27.21
CA GLU B 887 51.40 3.63 -27.66
C GLU B 887 50.46 3.85 -26.49
N VAL B 888 49.70 4.94 -26.55
CA VAL B 888 48.73 5.24 -25.50
C VAL B 888 47.48 4.38 -25.70
N GLY B 889 46.91 3.90 -24.59
CA GLY B 889 45.75 3.05 -24.66
C GLY B 889 44.89 3.18 -23.41
N HIS B 890 43.67 2.68 -23.52
CA HIS B 890 42.74 2.74 -22.41
C HIS B 890 43.18 1.84 -21.26
N CYS B 891 43.03 2.35 -20.04
CA CYS B 891 43.46 1.62 -18.86
C CYS B 891 42.59 0.38 -18.64
N ASN B 892 43.22 -0.75 -18.37
CA ASN B 892 42.54 -1.96 -17.96
C ASN B 892 43.00 -2.31 -16.55
N TYR B 893 42.62 -3.51 -16.08
CA TYR B 893 42.97 -3.91 -14.73
C TYR B 893 44.49 -4.02 -14.57
N GLU B 894 45.18 -4.55 -15.58
CA GLU B 894 46.61 -4.79 -15.45
C GLU B 894 47.40 -3.49 -15.31
N MET B 895 47.16 -2.53 -16.20
CA MET B 895 47.88 -1.27 -16.13
C MET B 895 47.51 -0.49 -14.87
N LEU B 896 46.24 -0.57 -14.45
CA LEU B 896 45.85 0.05 -13.19
C LEU B 896 46.61 -0.55 -12.02
N ARG B 897 46.71 -1.88 -11.97
CA ARG B 897 47.40 -2.53 -10.86
C ARG B 897 48.89 -2.21 -10.86
N ASN B 898 49.54 -2.29 -12.02
CA ASN B 898 50.99 -2.10 -12.06
C ASN B 898 51.38 -0.70 -11.68
N ALA B 899 50.67 0.31 -12.19
CA ALA B 899 51.06 1.69 -11.95
C ALA B 899 50.70 2.15 -10.55
N MET B 900 49.60 1.64 -10.00
CA MET B 900 49.03 2.20 -8.78
C MET B 900 49.57 1.45 -7.57
N PRO B 901 50.34 2.09 -6.69
CA PRO B 901 51.06 1.32 -5.66
C PRO B 901 50.16 0.67 -4.63
N ASN B 902 49.34 1.46 -3.92
CA ASN B 902 48.52 0.89 -2.86
C ASN B 902 47.10 0.62 -3.34
N TYR B 903 46.96 -0.31 -4.29
CA TYR B 903 45.65 -0.66 -4.84
C TYR B 903 45.17 -1.95 -4.19
N THR B 904 44.03 -1.88 -3.51
CA THR B 904 43.40 -3.08 -2.98
C THR B 904 42.65 -3.79 -4.10
N ASP B 905 42.70 -5.12 -4.08
CA ASP B 905 42.09 -5.93 -5.11
C ASP B 905 40.79 -6.53 -4.58
N TYR B 906 39.71 -6.38 -5.36
CA TYR B 906 38.40 -6.83 -4.94
C TYR B 906 37.65 -7.38 -6.15
N ILE B 907 36.64 -8.21 -5.88
CA ILE B 907 35.76 -8.71 -6.98
C ILE B 907 34.35 -8.73 -6.41
N SER B 908 33.33 -8.90 -7.26
CA SER B 908 31.95 -9.02 -6.75
C SER B 908 31.38 -10.39 -7.14
N THR B 909 30.83 -11.13 -6.18
CA THR B 909 30.25 -12.47 -6.45
C THR B 909 28.88 -12.56 -5.81
N LYS B 910 28.03 -13.48 -6.28
CA LYS B 910 26.64 -13.57 -5.75
C LYS B 910 26.66 -13.95 -4.28
N VAL B 911 25.63 -13.57 -3.53
CA VAL B 911 25.55 -13.81 -2.09
C VAL B 911 25.61 -15.31 -1.78
N PHE B 912 24.82 -16.10 -2.50
CA PHE B 912 24.83 -17.55 -2.27
C PHE B 912 26.17 -18.17 -2.60
N ASP B 913 26.82 -17.69 -3.67
CA ASP B 913 28.14 -18.19 -4.02
C ASP B 913 29.15 -17.85 -2.94
N ARG B 914 29.08 -16.64 -2.38
CA ARG B 914 29.97 -16.26 -1.29
C ARG B 914 29.73 -17.12 -0.05
N LEU B 915 28.47 -17.41 0.25
CA LEU B 915 28.15 -18.28 1.38
C LEU B 915 28.71 -19.68 1.16
N TYR B 916 28.58 -20.20 -0.07
CA TYR B 916 29.12 -21.52 -0.37
C TYR B 916 30.64 -21.53 -0.26
N GLU B 917 31.30 -20.46 -0.72
CA GLU B 917 32.75 -20.37 -0.57
C GLU B 917 33.16 -20.34 0.89
N LEU B 918 32.42 -19.58 1.71
CA LEU B 918 32.72 -19.54 3.14
C LEU B 918 32.53 -20.90 3.79
N LEU B 919 31.50 -21.64 3.35
CA LEU B 919 31.26 -22.97 3.90
C LEU B 919 32.37 -23.94 3.49
N ASP B 920 32.87 -23.81 2.26
CA ASP B 920 34.00 -24.64 1.84
C ASP B 920 35.21 -24.43 2.74
N LYS B 921 35.54 -23.18 3.02
CA LYS B 921 36.71 -22.83 3.81
C LYS B 921 36.47 -22.92 5.30
N LYS B 922 35.28 -23.38 5.71
CA LYS B 922 34.90 -23.63 7.10
C LYS B 922 34.92 -22.36 7.95
N VAL B 923 34.85 -21.18 7.33
CA VAL B 923 34.71 -19.95 8.10
C VAL B 923 33.39 -19.96 8.85
N LEU B 924 32.31 -20.38 8.19
CA LEU B 924 31.00 -20.51 8.80
C LEU B 924 30.66 -21.98 8.97
N THR B 925 30.17 -22.33 10.17
CA THR B 925 29.83 -23.75 10.46
C THR B 925 28.31 -23.93 10.47
N ASP B 926 27.81 -24.91 11.21
CA ASP B 926 26.35 -25.22 11.23
C ASP B 926 25.71 -24.74 12.55
N LYS B 927 26.43 -23.91 13.31
CA LYS B 927 25.87 -23.36 14.59
C LYS B 927 24.77 -22.34 14.27
N PRO B 928 23.87 -22.02 15.22
CA PRO B 928 22.77 -21.10 14.94
C PRO B 928 23.34 -19.76 14.47
N VAL B 929 22.66 -19.10 13.54
CA VAL B 929 23.17 -17.85 12.92
C VAL B 929 23.51 -16.78 13.97
N ILE B 930 22.68 -16.59 14.99
CA ILE B 930 22.97 -15.47 15.92
C ILE B 930 24.32 -15.74 16.59
N GLU B 931 24.60 -17.00 16.93
CA GLU B 931 25.92 -17.33 17.50
C GLU B 931 27.00 -17.01 16.46
N GLN B 932 26.77 -17.38 15.20
CA GLN B 932 27.79 -17.16 14.15
C GLN B 932 28.02 -15.66 13.95
N ILE B 933 26.94 -14.87 13.93
CA ILE B 933 27.07 -13.41 13.69
C ILE B 933 27.87 -12.81 14.84
N MET B 934 27.58 -13.23 16.08
CA MET B 934 28.25 -12.61 17.23
C MET B 934 29.75 -12.86 17.16
N ASP B 935 30.18 -14.06 16.78
CA ASP B 935 31.64 -14.33 16.81
C ASP B 935 32.32 -13.53 15.71
N MET B 936 31.60 -13.28 14.62
CA MET B 936 32.20 -12.55 13.50
C MET B 936 32.16 -11.03 13.73
N MET B 937 31.34 -10.56 14.67
CA MET B 937 31.42 -9.15 15.05
C MET B 937 32.81 -8.78 15.55
N ILE B 938 33.49 -9.72 16.20
CA ILE B 938 34.86 -9.47 16.66
C ILE B 938 35.90 -10.14 15.77
N ASP B 939 35.50 -11.11 14.94
CA ASP B 939 36.44 -11.72 14.00
C ASP B 939 36.63 -10.91 12.73
N HIS B 940 35.80 -9.90 12.50
CA HIS B 940 35.93 -9.01 11.34
C HIS B 940 36.16 -7.60 11.84
N LYS B 941 37.30 -7.01 11.45
CA LYS B 941 37.70 -5.72 11.98
C LYS B 941 37.82 -4.61 10.94
N LYS B 942 37.98 -4.93 9.67
CA LYS B 942 38.04 -3.92 8.62
C LYS B 942 36.90 -4.15 7.64
N PHE B 943 36.19 -3.09 7.29
CA PHE B 943 35.05 -3.15 6.38
C PHE B 943 35.37 -2.37 5.12
N TYR B 944 35.07 -2.97 3.97
CA TYR B 944 35.27 -2.33 2.67
C TYR B 944 33.93 -2.26 1.95
N PHE B 945 33.63 -1.10 1.37
CA PHE B 945 32.38 -0.88 0.66
C PHE B 945 32.68 -0.25 -0.69
N THR B 946 32.11 -0.81 -1.75
CA THR B 946 32.16 -0.22 -3.07
C THR B 946 30.85 0.52 -3.33
N PHE B 947 30.71 1.10 -4.52
CA PHE B 947 29.46 1.75 -4.87
C PHE B 947 29.28 1.76 -6.37
N PHE B 948 28.03 1.98 -6.79
CA PHE B 948 27.66 2.11 -8.18
C PHE B 948 26.42 3.00 -8.27
N ASN B 949 25.97 3.25 -9.50
CA ASN B 949 24.87 4.17 -9.75
C ASN B 949 23.56 3.40 -9.88
N LYS B 950 22.54 3.84 -9.15
CA LYS B 950 21.24 3.18 -9.20
C LYS B 950 20.60 3.28 -10.58
N GLY B 951 20.95 4.30 -11.37
CA GLY B 951 20.30 4.50 -12.65
C GLY B 951 18.86 4.90 -12.53
N GLN B 952 18.52 5.73 -11.54
CA GLN B 952 17.16 6.19 -11.36
C GLN B 952 16.82 7.25 -12.42
N LYS B 953 15.58 7.70 -12.42
CA LYS B 953 15.07 8.61 -13.43
C LYS B 953 15.04 10.06 -12.96
N THR B 954 15.70 10.37 -11.85
CA THR B 954 15.75 11.73 -11.33
C THR B 954 16.86 12.51 -12.04
N SER B 955 16.89 13.82 -11.77
CA SER B 955 17.88 14.69 -12.40
C SER B 955 19.30 14.28 -12.00
N LYS B 956 19.52 14.01 -10.73
CA LYS B 956 20.80 13.55 -10.22
C LYS B 956 20.65 12.10 -9.75
N ASP B 957 21.44 11.20 -10.32
CA ASP B 957 21.40 9.81 -9.90
C ASP B 957 21.96 9.67 -8.49
N ARG B 958 21.48 8.68 -7.77
CA ARG B 958 21.99 8.39 -6.44
C ARG B 958 23.01 7.25 -6.51
N GLU B 959 23.80 7.14 -5.46
CA GLU B 959 24.84 6.13 -5.36
C GLU B 959 24.36 5.00 -4.45
N ILE B 960 24.72 3.78 -4.80
CA ILE B 960 24.33 2.59 -4.04
C ILE B 960 25.59 1.92 -3.50
N PHE B 961 25.64 1.73 -2.19
CA PHE B 961 26.82 1.18 -1.53
C PHE B 961 26.64 -0.32 -1.35
N VAL B 962 27.65 -1.09 -1.76
CA VAL B 962 27.64 -2.54 -1.69
C VAL B 962 28.75 -2.98 -0.75
N GLY B 963 28.42 -3.88 0.19
CA GLY B 963 29.42 -4.32 1.18
C GLY B 963 29.66 -5.81 1.19
N GLU B 964 30.63 -6.28 1.97
CA GLU B 964 31.01 -7.71 1.95
C GLU B 964 30.00 -8.55 2.73
N TYR B 965 30.09 -9.88 2.62
CA TYR B 965 29.13 -10.78 3.29
C TYR B 965 29.24 -10.60 4.80
N GLU B 966 30.46 -10.42 5.29
CA GLU B 966 30.67 -10.27 6.75
C GLU B 966 29.80 -9.11 7.26
N ALA B 967 30.04 -7.90 6.74
CA ALA B 967 29.27 -6.73 7.16
C ALA B 967 27.78 -6.99 7.01
N LYS B 968 27.40 -7.77 6.00
CA LYS B 968 25.99 -8.01 5.71
C LYS B 968 25.30 -8.68 6.89
N MET B 969 25.91 -9.74 7.43
CA MET B 969 25.23 -10.47 8.50
C MET B 969 25.14 -9.63 9.78
N CYS B 970 26.21 -8.90 10.10
CA CYS B 970 26.17 -8.07 11.31
C CYS B 970 25.13 -6.97 11.21
N MET B 971 25.06 -6.30 10.06
CA MET B 971 24.02 -5.30 9.85
C MET B 971 22.65 -5.93 9.90
N TYR B 972 22.51 -7.14 9.34
CA TYR B 972 21.23 -7.84 9.40
C TYR B 972 20.78 -8.05 10.84
N ALA B 973 21.69 -8.56 11.68
CA ALA B 973 21.33 -8.81 13.08
C ALA B 973 20.95 -7.53 13.79
N VAL B 974 21.78 -6.49 13.66
CA VAL B 974 21.50 -5.24 14.38
C VAL B 974 20.19 -4.63 13.92
N GLU B 975 19.93 -4.65 12.62
CA GLU B 975 18.74 -3.99 12.11
C GLU B 975 17.49 -4.82 12.35
N ARG B 976 17.60 -6.14 12.44
CA ARG B 976 16.45 -6.91 12.93
C ARG B 976 16.15 -6.58 14.37
N ILE B 977 17.18 -6.42 15.20
CA ILE B 977 16.98 -6.03 16.59
C ILE B 977 16.24 -4.69 16.65
N ALA B 978 16.67 -3.72 15.82
CA ALA B 978 16.01 -2.43 15.80
C ALA B 978 14.59 -2.52 15.24
N LYS B 979 14.40 -3.31 14.18
CA LYS B 979 13.11 -3.39 13.50
C LYS B 979 12.04 -4.01 14.37
N GLU B 980 12.39 -5.05 15.11
CA GLU B 980 11.37 -5.71 15.94
C GLU B 980 10.89 -4.78 17.04
N ARG B 981 11.72 -3.82 17.42
CA ARG B 981 11.29 -2.82 18.43
C ARG B 981 10.48 -1.75 17.70
N CYS B 982 10.91 -1.36 16.51
CA CYS B 982 10.19 -0.32 15.78
C CYS B 982 8.78 -0.76 15.44
N LYS B 983 8.55 -2.06 15.27
CA LYS B 983 7.21 -2.56 14.99
C LYS B 983 6.26 -2.39 16.17
N LEU B 984 6.76 -2.05 17.35
CA LEU B 984 5.94 -1.88 18.55
C LEU B 984 5.48 -0.44 18.76
N ASN B 985 5.85 0.47 17.86
CA ASN B 985 5.47 1.86 18.01
C ASN B 985 4.48 2.26 16.92
N PRO B 986 3.53 3.16 17.23
CA PRO B 986 2.55 3.56 16.21
C PRO B 986 3.11 4.56 15.20
N ASP B 987 4.26 5.18 15.49
CA ASP B 987 4.72 6.29 14.66
C ASP B 987 5.35 5.82 13.36
N GLU B 988 6.33 4.93 13.43
CA GLU B 988 7.11 4.59 12.25
C GLU B 988 6.27 3.80 11.26
N MET B 989 6.30 4.23 9.99
CA MET B 989 5.58 3.54 8.92
C MET B 989 6.47 2.61 8.11
N ILE B 990 7.76 2.52 8.43
CA ILE B 990 8.63 1.55 7.75
C ILE B 990 8.17 0.13 8.05
N SER B 991 7.58 -0.09 9.23
CA SER B 991 7.22 -1.44 9.64
C SER B 991 6.05 -1.99 8.83
N GLU B 992 5.05 -1.18 8.56
CA GLU B 992 3.90 -1.64 7.79
C GLU B 992 4.33 -1.96 6.35
N PRO B 993 3.71 -2.93 5.64
CA PRO B 993 4.03 -3.18 4.25
C PRO B 993 3.18 -2.45 3.20
N GLY B 994 3.81 -1.85 2.19
CA GLY B 994 3.07 -1.26 1.06
C GLY B 994 2.07 -0.15 1.35
N ASP B 995 0.85 -0.26 0.81
CA ASP B 995 -0.16 0.81 0.95
C ASP B 995 -0.88 0.73 2.30
N GLY B 996 -0.29 0.02 3.26
CA GLY B 996 -0.87 0.01 4.61
C GLY B 996 -0.83 1.43 5.13
N LYS B 997 0.18 2.18 4.71
CA LYS B 997 0.36 3.58 5.16
C LYS B 997 -0.87 4.40 4.74
N LEU B 998 -1.42 4.12 3.56
CA LEU B 998 -2.55 4.94 3.06
C LEU B 998 -3.71 4.78 4.05
N LYS B 999 -3.94 3.56 4.54
CA LYS B 999 -5.02 3.32 5.52
C LYS B 999 -4.71 4.10 6.80
N VAL B 1000 -3.46 4.09 7.26
CA VAL B 1000 -3.11 4.76 8.54
C VAL B 1000 -3.40 6.24 8.40
N LEU B 1001 -2.87 6.85 7.34
CA LEU B 1001 -3.08 8.28 7.12
C LEU B 1001 -4.56 8.64 7.23
N GLU B 1002 -5.42 7.82 6.62
CA GLU B 1002 -6.85 8.09 6.69
C GLU B 1002 -7.37 8.01 8.11
N GLN B 1003 -6.90 7.02 8.88
CA GLN B 1003 -7.35 6.89 10.27
C GLN B 1003 -6.91 8.10 11.10
N LYS B 1004 -5.66 8.52 10.93
CA LYS B 1004 -5.17 9.70 11.65
C LYS B 1004 -5.97 10.93 11.25
N SER B 1005 -6.24 11.10 9.96
CA SER B 1005 -7.02 12.25 9.51
C SER B 1005 -8.41 12.23 10.13
N GLU B 1006 -9.03 11.06 10.18
CA GLU B 1006 -10.36 10.94 10.75
C GLU B 1006 -10.36 11.30 12.23
N GLN B 1007 -9.37 10.80 12.98
CA GLN B 1007 -9.36 11.07 14.41
C GLN B 1007 -9.09 12.55 14.69
N GLU B 1008 -8.27 13.19 13.85
CA GLU B 1008 -7.98 14.64 14.05
C GLU B 1008 -9.23 15.42 13.71
N ILE B 1009 -9.91 15.05 12.62
CA ILE B 1009 -11.15 15.73 12.24
C ILE B 1009 -12.16 15.64 13.37
N ARG B 1010 -12.34 14.45 13.93
CA ARG B 1010 -13.19 14.30 15.11
C ARG B 1010 -12.76 15.26 16.21
N PHE B 1011 -11.54 15.07 16.73
CA PHE B 1011 -11.06 15.86 17.86
C PHE B 1011 -11.30 17.35 17.63
N LEU B 1012 -11.00 17.84 16.43
CA LEU B 1012 -11.29 19.22 16.10
C LEU B 1012 -12.78 19.53 16.24
N VAL B 1013 -13.63 18.66 15.73
CA VAL B 1013 -15.07 18.95 15.74
C VAL B 1013 -15.59 19.05 17.18
N GLU B 1014 -15.43 17.98 17.97
CA GLU B 1014 -16.01 18.09 19.31
C GLU B 1014 -15.26 19.09 20.20
N THR B 1015 -13.96 19.28 20.02
CA THR B 1015 -13.27 20.28 20.82
C THR B 1015 -13.77 21.69 20.53
N THR B 1016 -13.92 22.02 19.24
CA THR B 1016 -14.44 23.33 18.85
C THR B 1016 -15.87 23.51 19.34
N ARG B 1017 -16.68 22.46 19.25
CA ARG B 1017 -18.04 22.55 19.76
C ARG B 1017 -18.06 22.75 21.27
N GLN B 1018 -17.17 22.06 21.99
CA GLN B 1018 -17.14 22.17 23.45
C GLN B 1018 -16.70 23.56 23.89
N LYS B 1019 -15.63 24.08 23.31
CA LYS B 1019 -15.10 25.36 23.76
C LYS B 1019 -16.00 26.55 23.44
N ASN B 1020 -16.90 26.42 22.47
CA ASN B 1020 -17.72 27.54 22.03
C ASN B 1020 -19.21 27.18 21.98
N ARG B 1021 -19.66 26.26 22.84
CA ARG B 1021 -21.07 25.91 22.85
C ARG B 1021 -21.91 26.98 23.53
N GLU B 1022 -21.45 27.48 24.68
CA GLU B 1022 -22.23 28.51 25.38
C GLU B 1022 -22.20 29.84 24.63
N ILE B 1023 -21.08 30.15 23.96
CA ILE B 1023 -21.02 31.36 23.16
C ILE B 1023 -22.02 31.29 22.01
N ASP B 1024 -22.08 30.14 21.33
CA ASP B 1024 -23.04 29.98 20.25
C ASP B 1024 -24.47 29.99 20.76
N GLU B 1025 -24.71 29.42 21.95
CA GLU B 1025 -26.04 29.48 22.54
C GLU B 1025 -26.45 30.91 22.83
N ALA B 1026 -25.53 31.71 23.37
CA ALA B 1026 -25.83 33.12 23.61
C ALA B 1026 -26.07 33.87 22.30
N ILE B 1027 -25.31 33.54 21.25
CA ILE B 1027 -25.53 34.14 19.93
C ILE B 1027 -26.93 33.82 19.43
N GLU B 1028 -27.34 32.55 19.56
CA GLU B 1028 -28.69 32.16 19.13
C GLU B 1028 -29.74 32.89 19.94
N ALA B 1029 -29.52 33.04 21.25
CA ALA B 1029 -30.46 33.79 22.08
C ALA B 1029 -30.45 35.28 21.70
N LEU B 1030 -29.30 35.79 21.26
CA LEU B 1030 -29.22 37.20 20.88
C LEU B 1030 -30.10 37.49 19.67
N ALA B 1031 -30.11 36.60 18.69
CA ALA B 1031 -30.93 36.79 17.49
C ALA B 1031 -32.34 36.26 17.70
N LEU B 1052 -26.27 43.06 16.62
CA LEU B 1052 -25.15 43.19 15.69
C LEU B 1052 -23.83 43.31 16.43
N GLY B 1053 -23.72 44.33 17.28
CA GLY B 1053 -22.49 44.54 18.03
C GLY B 1053 -22.20 43.42 19.01
N LYS B 1054 -23.24 42.88 19.63
CA LYS B 1054 -23.06 41.77 20.57
C LYS B 1054 -22.51 40.54 19.85
N ILE B 1055 -23.03 40.27 18.66
CA ILE B 1055 -22.54 39.15 17.86
C ILE B 1055 -21.05 39.31 17.59
N GLU B 1056 -20.61 40.55 17.29
CA GLU B 1056 -19.20 40.78 16.98
C GLU B 1056 -18.31 40.44 18.16
N LYS B 1057 -18.62 40.97 19.34
CA LYS B 1057 -17.76 40.73 20.49
C LYS B 1057 -17.80 39.27 20.92
N LEU B 1058 -18.97 38.64 20.87
CA LEU B 1058 -19.06 37.23 21.26
C LEU B 1058 -18.32 36.34 20.27
N SER B 1059 -18.34 36.68 18.98
CA SER B 1059 -17.57 35.92 18.01
C SER B 1059 -16.08 36.14 18.19
N LEU B 1060 -15.68 37.37 18.58
CA LEU B 1060 -14.29 37.62 18.89
C LEU B 1060 -13.82 36.79 20.08
N GLY B 1061 -14.66 36.69 21.12
CA GLY B 1061 -14.30 35.93 22.30
C GLY B 1061 -14.70 34.47 22.23
N LYS B 1062 -14.10 33.71 21.32
CA LYS B 1062 -14.37 32.28 21.20
C LYS B 1062 -13.15 31.59 20.62
N ALA B 1063 -13.09 30.28 20.84
CA ALA B 1063 -11.93 29.49 20.42
C ALA B 1063 -11.87 29.37 18.90
N LYS B 1064 -10.65 29.30 18.37
CA LYS B 1064 -10.40 29.18 16.94
C LYS B 1064 -9.80 27.81 16.66
N GLY B 1065 -10.44 27.04 15.78
CA GLY B 1065 -9.88 25.77 15.37
C GLY B 1065 -8.78 25.96 14.35
N LEU B 1066 -7.71 25.18 14.50
CA LEU B 1066 -6.56 25.28 13.61
C LEU B 1066 -6.05 23.88 13.30
N LYS B 1067 -5.88 23.59 12.01
CA LYS B 1067 -5.31 22.34 11.54
C LYS B 1067 -4.09 22.67 10.68
N MET B 1068 -2.94 22.09 11.04
CA MET B 1068 -1.69 22.33 10.33
C MET B 1068 -1.05 20.99 9.99
N GLU B 1069 -0.58 20.87 8.75
CA GLU B 1069 0.02 19.63 8.27
C GLU B 1069 1.44 19.93 7.81
N ILE B 1070 2.41 19.21 8.35
CA ILE B 1070 3.81 19.40 8.02
C ILE B 1070 4.26 18.22 7.17
N ASN B 1071 4.59 18.49 5.91
CA ASN B 1071 5.16 17.50 5.01
C ASN B 1071 6.65 17.76 4.94
N ALA B 1072 7.43 16.94 5.64
CA ALA B 1072 8.85 17.24 5.87
C ALA B 1072 9.72 16.15 5.28
N ASP B 1073 10.80 16.57 4.61
CA ASP B 1073 11.88 15.68 4.19
C ASP B 1073 13.18 16.13 4.86
N MET B 1074 14.12 15.21 4.94
CA MET B 1074 15.41 15.46 5.57
C MET B 1074 16.51 15.40 4.51
N SER B 1075 17.36 16.41 4.49
CA SER B 1075 18.43 16.49 3.51
C SER B 1075 19.64 15.69 3.99
N LYS B 1076 20.13 14.80 3.14
CA LYS B 1076 21.28 13.94 3.45
C LYS B 1076 21.07 13.21 4.77
N TRP B 1077 20.06 12.34 4.75
CA TRP B 1077 19.65 11.63 5.96
C TRP B 1077 20.80 10.81 6.54
N SER B 1078 21.56 10.15 5.67
CA SER B 1078 22.63 9.27 6.13
C SER B 1078 24.01 9.90 6.04
N ALA B 1079 24.23 10.81 5.07
CA ALA B 1079 25.56 11.40 4.89
C ALA B 1079 25.97 12.22 6.11
N GLN B 1080 25.23 13.28 6.39
CA GLN B 1080 25.55 14.19 7.50
C GLN B 1080 24.81 13.82 8.77
N ASP B 1081 24.90 12.54 9.15
CA ASP B 1081 24.19 12.02 10.32
C ASP B 1081 25.20 11.66 11.40
N VAL B 1082 24.88 12.02 12.64
CA VAL B 1082 25.75 11.68 13.77
C VAL B 1082 25.53 10.22 14.14
N PHE B 1083 26.61 9.43 14.07
CA PHE B 1083 26.54 8.00 14.34
C PHE B 1083 26.73 7.65 15.81
N TYR B 1084 27.06 8.63 16.64
CA TYR B 1084 27.35 8.34 18.04
C TYR B 1084 26.10 8.14 18.89
N LYS B 1085 24.92 8.54 18.39
CA LYS B 1085 23.69 8.30 19.13
C LYS B 1085 23.28 6.84 19.10
N TYR B 1086 23.70 6.11 18.07
CA TYR B 1086 23.40 4.69 18.01
C TYR B 1086 24.18 3.91 19.08
N PHE B 1087 25.34 4.42 19.49
CA PHE B 1087 26.04 3.83 20.63
C PHE B 1087 25.16 3.86 21.87
N TRP B 1088 24.57 5.03 22.16
CA TRP B 1088 23.70 5.15 23.32
C TRP B 1088 22.43 4.32 23.15
N LEU B 1089 21.91 4.25 21.92
CA LEU B 1089 20.74 3.43 21.67
C LEU B 1089 21.01 1.96 21.98
N ILE B 1090 22.17 1.46 21.56
CA ILE B 1090 22.54 0.08 21.86
C ILE B 1090 22.77 -0.12 23.35
N ALA B 1091 23.47 0.82 24.00
CA ALA B 1091 23.83 0.65 25.40
C ALA B 1091 22.62 0.66 26.31
N LEU B 1092 21.58 1.42 25.96
CA LEU B 1092 20.40 1.54 26.81
C LEU B 1092 19.38 0.44 26.58
N ASP B 1093 19.67 -0.45 25.64
CA ASP B 1093 18.75 -1.54 25.27
C ASP B 1093 18.67 -2.56 26.42
N PRO B 1094 17.54 -2.77 27.13
CA PRO B 1094 17.55 -3.69 28.27
C PRO B 1094 17.38 -5.16 27.92
N ILE B 1095 17.23 -5.52 26.64
CA ILE B 1095 17.04 -6.90 26.24
C ILE B 1095 18.33 -7.52 25.72
N LEU B 1096 19.48 -6.96 26.07
CA LEU B 1096 20.77 -7.47 25.63
C LEU B 1096 21.67 -7.71 26.84
N TYR B 1097 22.42 -8.81 26.79
CA TYR B 1097 23.41 -9.09 27.81
C TYR B 1097 24.63 -8.18 27.61
N PRO B 1098 25.43 -7.98 28.67
CA PRO B 1098 26.60 -7.11 28.53
C PRO B 1098 27.56 -7.55 27.44
N GLN B 1099 27.74 -8.86 27.27
CA GLN B 1099 28.62 -9.35 26.20
C GLN B 1099 28.06 -9.02 24.83
N GLU B 1100 26.75 -9.15 24.65
CA GLU B 1100 26.12 -8.78 23.38
C GLU B 1100 26.30 -7.30 23.09
N LYS B 1101 26.09 -6.46 24.11
CA LYS B 1101 26.29 -5.03 23.93
C LYS B 1101 27.73 -4.72 23.56
N GLU B 1102 28.69 -5.37 24.23
CA GLU B 1102 30.09 -5.13 23.93
C GLU B 1102 30.42 -5.51 22.49
N ARG B 1103 29.93 -6.67 22.03
CA ARG B 1103 30.22 -7.10 20.66
C ARG B 1103 29.56 -6.18 19.63
N ILE B 1104 28.33 -5.76 19.89
CA ILE B 1104 27.65 -4.87 18.95
C ILE B 1104 28.35 -3.52 18.89
N LEU B 1105 28.79 -3.01 20.04
CA LEU B 1105 29.51 -1.73 20.05
C LEU B 1105 30.86 -1.86 19.37
N TYR B 1106 31.54 -2.99 19.52
CA TYR B 1106 32.78 -3.21 18.79
C TYR B 1106 32.52 -3.25 17.28
N PHE B 1107 31.43 -3.89 16.86
CA PHE B 1107 31.09 -3.89 15.45
C PHE B 1107 30.83 -2.48 14.94
N MET B 1108 30.12 -1.67 15.72
CA MET B 1108 29.86 -0.30 15.31
C MET B 1108 31.14 0.53 15.24
N CYS B 1109 32.06 0.33 16.20
CA CYS B 1109 33.33 1.02 16.17
C CYS B 1109 34.12 0.65 14.92
N ASN B 1110 34.13 -0.64 14.57
CA ASN B 1110 34.79 -1.07 13.33
C ASN B 1110 34.10 -0.46 12.11
N TYR B 1111 32.77 -0.41 12.14
CA TYR B 1111 32.01 0.18 11.03
C TYR B 1111 32.36 1.65 10.84
N MET B 1112 32.63 2.37 11.92
CA MET B 1112 33.06 3.75 11.80
C MET B 1112 34.42 3.90 11.13
N ASP B 1113 35.18 2.81 11.00
CA ASP B 1113 36.46 2.82 10.29
C ASP B 1113 36.35 2.20 8.91
N LYS B 1114 35.13 2.07 8.37
CA LYS B 1114 34.96 1.48 7.06
C LYS B 1114 35.62 2.34 5.99
N GLU B 1115 36.07 1.70 4.93
CA GLU B 1115 36.78 2.37 3.84
C GLU B 1115 36.01 2.15 2.54
N LEU B 1116 35.76 3.24 1.82
CA LEU B 1116 35.08 3.16 0.53
C LEU B 1116 36.08 2.83 -0.57
N ILE B 1117 35.83 1.75 -1.30
CA ILE B 1117 36.68 1.32 -2.40
C ILE B 1117 36.16 1.96 -3.68
N LEU B 1118 36.99 2.76 -4.32
CA LEU B 1118 36.59 3.38 -5.58
C LEU B 1118 36.52 2.34 -6.68
N PRO B 1119 35.47 2.34 -7.50
CA PRO B 1119 35.34 1.33 -8.56
C PRO B 1119 36.45 1.45 -9.59
N ASP B 1120 36.79 0.32 -10.20
CA ASP B 1120 37.88 0.29 -11.16
C ASP B 1120 37.60 1.18 -12.36
N GLU B 1121 36.34 1.27 -12.77
CA GLU B 1121 35.99 2.11 -13.92
C GLU B 1121 36.27 3.58 -13.61
N LEU B 1122 35.99 4.01 -12.37
CA LEU B 1122 36.29 5.39 -11.99
C LEU B 1122 37.79 5.66 -12.04
N LEU B 1123 38.61 4.70 -11.59
CA LEU B 1123 40.05 4.86 -11.68
C LEU B 1123 40.51 4.89 -13.14
N PHE B 1124 39.89 4.07 -14.00
CA PHE B 1124 40.21 4.12 -15.42
C PHE B 1124 39.91 5.49 -16.00
N ASN B 1125 38.77 6.06 -15.63
CA ASN B 1125 38.42 7.41 -16.12
C ASN B 1125 39.49 8.40 -15.63
N LEU B 1126 39.78 8.39 -14.33
CA LEU B 1126 40.69 9.38 -13.78
C LEU B 1126 42.09 9.26 -14.39
N LEU B 1127 42.55 8.04 -14.65
CA LEU B 1127 43.88 7.81 -15.18
C LEU B 1127 43.97 8.02 -16.68
N ASP B 1128 42.88 8.41 -17.34
CA ASP B 1128 42.86 8.64 -18.78
C ASP B 1128 42.54 10.09 -19.10
N GLN B 1129 43.16 11.02 -18.38
CA GLN B 1129 42.85 12.44 -18.49
C GLN B 1129 43.89 13.22 -19.28
N LYS B 1130 45.17 13.13 -18.88
CA LYS B 1130 46.30 13.84 -19.48
C LYS B 1130 46.28 15.33 -19.15
N VAL B 1131 45.23 15.80 -18.48
CA VAL B 1131 45.14 17.18 -18.00
C VAL B 1131 44.70 17.16 -16.55
N ALA B 1132 45.39 17.92 -15.71
CA ALA B 1132 45.11 17.93 -14.28
C ALA B 1132 43.88 18.78 -13.99
N TYR B 1133 42.90 18.17 -13.34
CA TYR B 1133 41.74 18.93 -12.87
C TYR B 1133 42.16 19.89 -11.78
N GLN B 1134 41.60 21.10 -11.81
CA GLN B 1134 42.04 22.17 -10.93
C GLN B 1134 41.83 21.82 -9.46
N ASN B 1135 40.57 21.72 -9.03
CA ASN B 1135 40.25 21.33 -7.65
C ASN B 1135 39.84 19.86 -7.62
N ASP B 1136 40.82 18.99 -7.86
CA ASP B 1136 40.58 17.55 -7.91
C ASP B 1136 40.42 17.03 -6.48
N ILE B 1137 39.17 16.96 -6.03
CA ILE B 1137 38.89 16.45 -4.68
C ILE B 1137 39.21 14.96 -4.60
N ILE B 1138 38.92 14.22 -5.68
CA ILE B 1138 39.15 12.78 -5.68
C ILE B 1138 40.64 12.47 -5.51
N ALA B 1139 41.50 13.18 -6.23
CA ALA B 1139 42.93 13.00 -6.07
C ALA B 1139 43.38 13.45 -4.69
N THR B 1140 42.77 14.51 -4.16
CA THR B 1140 43.14 15.01 -2.84
C THR B 1140 42.87 13.97 -1.76
N MET B 1141 41.71 13.33 -1.81
CA MET B 1141 41.32 12.35 -0.80
C MET B 1141 41.91 10.97 -1.05
N THR B 1142 42.62 10.77 -2.16
CA THR B 1142 43.22 9.48 -2.47
C THR B 1142 44.74 9.57 -2.55
N ASN B 1143 45.34 10.57 -1.92
CA ASN B 1143 46.79 10.76 -1.89
C ASN B 1143 47.36 10.80 -3.31
N GLN B 1144 46.76 11.62 -4.15
CA GLN B 1144 47.10 11.70 -5.57
C GLN B 1144 46.96 10.34 -6.24
N LEU B 1145 45.82 9.68 -5.99
CA LEU B 1145 45.50 8.37 -6.56
C LEU B 1145 46.53 7.32 -6.15
N ASN B 1146 47.07 7.46 -4.93
CA ASN B 1146 47.94 6.43 -4.38
C ASN B 1146 47.17 5.21 -3.91
N SER B 1147 45.94 5.39 -3.45
CA SER B 1147 45.11 4.28 -3.01
C SER B 1147 43.67 4.56 -3.42
N ASN B 1148 42.90 3.49 -3.59
CA ASN B 1148 41.51 3.59 -4.01
C ASN B 1148 40.55 3.46 -2.84
N THR B 1149 41.04 3.59 -1.62
CA THR B 1149 40.22 3.51 -0.42
C THR B 1149 40.20 4.87 0.27
N VAL B 1150 39.00 5.32 0.62
CA VAL B 1150 38.81 6.57 1.34
C VAL B 1150 38.13 6.25 2.68
N LEU B 1151 38.71 6.72 3.77
CA LEU B 1151 38.21 6.44 5.10
C LEU B 1151 36.95 7.26 5.34
N ILE B 1152 35.79 6.63 5.21
CA ILE B 1152 34.51 7.27 5.48
C ILE B 1152 34.09 6.90 6.89
N LYS B 1153 33.96 7.90 7.76
CA LYS B 1153 33.72 7.68 9.18
C LYS B 1153 32.34 8.16 9.63
N ARG B 1154 32.03 9.44 9.41
CA ARG B 1154 30.79 10.00 9.93
C ARG B 1154 29.56 9.59 9.14
N ASN B 1155 29.73 9.13 7.91
CA ASN B 1155 28.61 8.79 7.03
C ASN B 1155 28.38 7.29 7.07
N TRP B 1156 27.26 6.89 7.68
CA TRP B 1156 26.77 5.52 7.51
C TRP B 1156 26.04 5.43 6.19
N LEU B 1157 26.37 4.42 5.39
CA LEU B 1157 25.95 4.39 4.00
C LEU B 1157 24.44 4.18 3.89
N GLN B 1158 23.86 4.78 2.84
CA GLN B 1158 22.42 4.78 2.67
C GLN B 1158 21.88 3.37 2.51
N GLY B 1159 20.77 3.10 3.18
CA GLY B 1159 20.12 1.81 3.12
C GLY B 1159 20.64 0.77 4.09
N ASN B 1160 21.55 1.15 4.99
CA ASN B 1160 22.10 0.21 5.95
C ASN B 1160 21.51 0.35 7.35
N PHE B 1161 21.10 1.54 7.74
CA PHE B 1161 20.62 1.80 9.11
C PHE B 1161 19.23 2.44 9.09
N ASN B 1162 18.32 1.82 8.34
CA ASN B 1162 16.97 2.36 8.21
C ASN B 1162 16.24 2.36 9.56
N TYR B 1163 16.24 1.23 10.25
CA TYR B 1163 15.35 1.07 11.40
C TYR B 1163 15.85 1.85 12.63
N THR B 1164 17.15 1.83 12.89
CA THR B 1164 17.68 2.62 14.00
C THR B 1164 17.42 4.10 13.78
N SER B 1165 17.65 4.57 12.56
CA SER B 1165 17.38 5.97 12.25
C SER B 1165 15.91 6.30 12.38
N SER B 1166 15.03 5.40 11.96
CA SER B 1166 13.60 5.62 12.12
C SER B 1166 13.22 5.71 13.59
N TYR B 1167 13.79 4.84 14.43
CA TYR B 1167 13.50 4.88 15.86
C TYR B 1167 13.97 6.20 16.48
N VAL B 1168 15.18 6.64 16.11
CA VAL B 1168 15.69 7.91 16.65
C VAL B 1168 14.84 9.07 16.17
N HIS B 1169 14.40 9.05 14.92
CA HIS B 1169 13.55 10.11 14.40
C HIS B 1169 12.20 10.12 15.12
N SER B 1170 11.68 8.95 15.44
CA SER B 1170 10.44 8.88 16.21
C SER B 1170 10.63 9.43 17.61
N CYS B 1171 11.79 9.17 18.23
CA CYS B 1171 12.09 9.79 19.52
C CYS B 1171 12.13 11.31 19.42
N ALA B 1172 12.74 11.82 18.35
CA ALA B 1172 12.76 13.26 18.13
C ALA B 1172 11.35 13.82 17.97
N MET B 1173 10.51 13.10 17.22
CA MET B 1173 9.13 13.52 17.04
C MET B 1173 8.36 13.50 18.36
N SER B 1174 8.66 12.53 19.23
CA SER B 1174 8.04 12.50 20.56
C SER B 1174 8.46 13.71 21.38
N VAL B 1175 9.74 14.09 21.31
CA VAL B 1175 10.19 15.29 22.01
C VAL B 1175 9.47 16.53 21.48
N TYR B 1176 9.33 16.62 20.15
CA TYR B 1176 8.61 17.73 19.54
C TYR B 1176 7.16 17.76 20.00
N LYS B 1177 6.52 16.60 20.07
CA LYS B 1177 5.15 16.51 20.57
C LYS B 1177 5.04 16.99 22.00
N GLU B 1178 6.00 16.60 22.85
CA GLU B 1178 5.98 17.05 24.24
C GLU B 1178 6.14 18.57 24.33
N ILE B 1179 7.03 19.14 23.52
CA ILE B 1179 7.20 20.59 23.51
C ILE B 1179 5.90 21.27 23.11
N LEU B 1180 5.25 20.75 22.07
CA LEU B 1180 4.01 21.34 21.60
C LEU B 1180 2.92 21.26 22.65
N LYS B 1181 2.81 20.10 23.32
CA LYS B 1181 1.80 19.94 24.36
C LYS B 1181 2.04 20.92 25.50
N GLU B 1182 3.29 21.08 25.92
CA GLU B 1182 3.59 22.01 27.01
C GLU B 1182 3.26 23.45 26.58
N ALA B 1183 3.62 23.82 25.35
CA ALA B 1183 3.34 25.17 24.88
C ALA B 1183 1.85 25.44 24.80
N ILE B 1184 1.08 24.48 24.31
CA ILE B 1184 -0.38 24.67 24.23
C ILE B 1184 -0.97 24.74 25.62
N THR B 1185 -0.47 23.93 26.55
CA THR B 1185 -0.93 24.01 27.93
C THR B 1185 -0.66 25.40 28.52
N LEU B 1186 0.44 26.04 28.11
CA LEU B 1186 0.68 27.41 28.55
C LEU B 1186 -0.45 28.34 28.14
N LEU B 1187 -1.00 28.14 26.94
CA LEU B 1187 -2.14 28.93 26.49
C LEU B 1187 -3.47 28.36 26.95
N ASP B 1188 -3.48 27.25 27.68
CA ASP B 1188 -4.71 26.61 28.14
C ASP B 1188 -5.62 26.27 26.96
N GLY B 1189 -5.03 25.61 25.96
CA GLY B 1189 -5.75 25.20 24.78
C GLY B 1189 -5.90 23.69 24.68
N SER B 1190 -6.09 23.22 23.45
CA SER B 1190 -6.20 21.79 23.17
C SER B 1190 -5.25 21.44 22.04
N ILE B 1191 -4.69 20.23 22.11
CA ILE B 1191 -3.66 19.80 21.19
C ILE B 1191 -3.89 18.33 20.82
N LEU B 1192 -3.56 17.99 19.58
CA LEU B 1192 -3.52 16.61 19.12
C LEU B 1192 -2.45 16.50 18.05
N VAL B 1193 -1.37 15.79 18.37
CA VAL B 1193 -0.21 15.68 17.51
C VAL B 1193 -0.03 14.23 17.10
N ASN B 1194 0.03 13.97 15.79
CA ASN B 1194 0.32 12.66 15.25
C ASN B 1194 1.43 12.80 14.22
N SER B 1195 2.56 12.14 14.48
CA SER B 1195 3.76 12.29 13.66
C SER B 1195 4.03 10.98 12.96
N LEU B 1196 3.66 10.90 11.68
CA LEU B 1196 3.99 9.73 10.88
C LEU B 1196 5.47 9.74 10.56
N VAL B 1197 6.14 8.61 10.74
CA VAL B 1197 7.58 8.52 10.64
C VAL B 1197 7.96 7.45 9.63
N HIS B 1198 8.89 7.78 8.74
CA HIS B 1198 9.51 6.80 7.86
C HIS B 1198 11.02 6.98 8.03
N SER B 1199 11.79 6.33 7.15
CA SER B 1199 13.24 6.42 7.19
C SER B 1199 13.71 7.87 7.25
N ASP B 1200 13.37 8.67 6.25
CA ASP B 1200 13.65 10.10 6.27
C ASP B 1200 12.46 10.96 5.89
N ASP B 1201 11.29 10.35 5.67
CA ASP B 1201 10.08 11.08 5.33
C ASP B 1201 9.24 11.23 6.59
N ASN B 1202 8.81 12.46 6.88
CA ASN B 1202 8.09 12.77 8.09
C ASN B 1202 6.77 13.45 7.74
N GLN B 1203 5.69 12.99 8.37
CA GLN B 1203 4.36 13.59 8.24
C GLN B 1203 3.87 13.93 9.64
N THR B 1204 3.89 15.21 9.98
CA THR B 1204 3.42 15.70 11.27
C THR B 1204 2.13 16.49 11.04
N SER B 1205 1.06 16.04 11.66
CA SER B 1205 -0.24 16.69 11.58
C SER B 1205 -0.62 17.18 12.97
N ILE B 1206 -1.00 18.46 13.06
CA ILE B 1206 -1.18 19.13 14.34
C ILE B 1206 -2.53 19.82 14.35
N THR B 1207 -3.32 19.56 15.39
CA THR B 1207 -4.63 20.19 15.57
C THR B 1207 -4.61 20.98 16.86
N ILE B 1208 -4.98 22.26 16.77
CA ILE B 1208 -4.90 23.18 17.89
C ILE B 1208 -6.23 23.92 18.02
N VAL B 1209 -6.72 24.01 19.26
CA VAL B 1209 -7.91 24.80 19.58
C VAL B 1209 -7.54 25.73 20.73
N GLN B 1210 -7.58 27.04 20.49
CA GLN B 1210 -7.18 28.01 21.49
C GLN B 1210 -7.80 29.35 21.16
N ASP B 1211 -7.74 30.28 22.12
CA ASP B 1211 -8.30 31.61 21.93
C ASP B 1211 -7.41 32.71 22.51
N LYS B 1212 -6.10 32.47 22.62
CA LYS B 1212 -5.20 33.44 23.24
C LYS B 1212 -4.48 34.33 22.24
N MET B 1213 -3.90 33.77 21.19
CA MET B 1213 -3.17 34.57 20.20
C MET B 1213 -3.54 34.12 18.80
N GLU B 1214 -3.12 34.92 17.83
CA GLU B 1214 -3.47 34.69 16.43
C GLU B 1214 -2.78 33.42 15.90
N ASN B 1215 -3.37 32.87 14.84
CA ASN B 1215 -2.90 31.59 14.31
C ASN B 1215 -1.53 31.70 13.64
N ASP B 1216 -1.21 32.86 13.06
CA ASP B 1216 0.07 33.01 12.38
C ASP B 1216 1.24 32.83 13.34
N LYS B 1217 1.12 33.38 14.55
CA LYS B 1217 2.14 33.19 15.56
C LYS B 1217 2.28 31.71 15.92
N ILE B 1218 1.16 31.00 15.97
CA ILE B 1218 1.20 29.57 16.27
C ILE B 1218 1.93 28.82 15.17
N ILE B 1219 1.66 29.15 13.91
CA ILE B 1219 2.33 28.48 12.80
C ILE B 1219 3.83 28.74 12.86
N ASP B 1220 4.22 29.99 13.10
CA ASP B 1220 5.65 30.34 13.13
C ASP B 1220 6.33 29.60 14.28
N PHE B 1221 5.71 29.61 15.47
CA PHE B 1221 6.28 28.92 16.60
C PHE B 1221 6.43 27.43 16.34
N ALA B 1222 5.40 26.82 15.76
CA ALA B 1222 5.46 25.39 15.49
C ALA B 1222 6.56 25.05 14.50
N MET B 1223 6.72 25.88 13.47
CA MET B 1223 7.76 25.60 12.49
C MET B 1223 9.15 25.77 13.10
N LYS B 1224 9.35 26.84 13.87
CA LYS B 1224 10.66 27.06 14.50
C LYS B 1224 11.00 25.93 15.46
N GLU B 1225 10.01 25.47 16.23
CA GLU B 1225 10.28 24.38 17.15
C GLU B 1225 10.44 23.05 16.43
N PHE B 1226 9.82 22.90 15.25
CA PHE B 1226 10.11 21.72 14.43
C PHE B 1226 11.57 21.72 14.00
N GLU B 1227 12.07 22.88 13.56
CA GLU B 1227 13.50 23.00 13.26
C GLU B 1227 14.36 22.66 14.47
N ARG B 1228 14.01 23.22 15.64
CA ARG B 1228 14.82 22.99 16.83
C ARG B 1228 14.81 21.52 17.24
N ALA B 1229 13.64 20.87 17.19
CA ALA B 1229 13.54 19.47 17.56
C ALA B 1229 14.29 18.57 16.58
N CYS B 1230 14.21 18.88 15.29
CA CYS B 1230 14.96 18.10 14.31
C CYS B 1230 16.46 18.26 14.52
N LEU B 1231 16.91 19.47 14.83
CA LEU B 1231 18.33 19.72 15.01
C LEU B 1231 18.86 19.09 16.29
N THR B 1232 18.05 19.05 17.36
CA THR B 1232 18.52 18.53 18.63
C THR B 1232 18.88 17.05 18.56
N PHE B 1233 18.39 16.33 17.56
CA PHE B 1233 18.62 14.89 17.43
C PHE B 1233 19.56 14.55 16.28
N GLY B 1234 20.36 15.52 15.82
CA GLY B 1234 21.31 15.28 14.76
C GLY B 1234 20.74 15.33 13.36
N CYS B 1235 19.45 15.57 13.22
CA CYS B 1235 18.82 15.66 11.90
C CYS B 1235 18.65 17.12 11.51
N GLN B 1236 18.26 17.34 10.26
CA GLN B 1236 17.91 18.68 9.80
C GLN B 1236 16.82 18.57 8.75
N ALA B 1237 15.76 19.35 8.94
CA ALA B 1237 14.63 19.34 8.02
C ALA B 1237 14.97 20.08 6.74
N ASN B 1238 14.63 19.48 5.60
CA ASN B 1238 14.88 20.08 4.31
C ASN B 1238 13.82 21.13 3.99
N MET B 1239 13.88 22.29 4.65
CA MET B 1239 12.96 23.39 4.34
C MET B 1239 13.02 23.78 2.88
N LYS B 1240 14.15 23.54 2.22
CA LYS B 1240 14.24 23.77 0.79
C LYS B 1240 13.30 22.85 0.02
N LYS B 1241 12.81 21.78 0.65
CA LYS B 1241 11.80 20.91 0.07
C LYS B 1241 10.66 20.61 1.03
N THR B 1242 10.60 21.24 2.20
CA THR B 1242 9.56 20.99 3.18
C THR B 1242 8.52 22.11 3.12
N TYR B 1243 7.25 21.74 3.16
CA TYR B 1243 6.16 22.69 3.04
C TYR B 1243 5.02 22.30 3.96
N VAL B 1244 4.15 23.27 4.22
CA VAL B 1244 3.05 23.14 5.17
C VAL B 1244 1.74 23.54 4.50
N THR B 1245 0.72 22.69 4.63
CA THR B 1245 -0.59 22.95 4.08
C THR B 1245 -1.64 22.77 5.15
N ASN B 1246 -2.82 23.38 4.93
CA ASN B 1246 -3.95 23.24 5.84
C ASN B 1246 -4.62 21.88 5.70
N CYS B 1247 -4.74 21.37 4.47
CA CYS B 1247 -5.46 20.13 4.21
C CYS B 1247 -4.56 19.01 3.74
N ILE B 1248 -3.74 19.25 2.71
CA ILE B 1248 -3.07 18.17 1.99
C ILE B 1248 -2.10 17.44 2.93
N LYS B 1249 -2.22 16.12 2.98
CA LYS B 1249 -1.25 15.26 3.67
C LYS B 1249 -0.34 14.64 2.63
N GLU B 1250 0.98 14.77 2.84
CA GLU B 1250 1.98 14.22 1.91
C GLU B 1250 2.96 13.36 2.71
N PHE B 1251 2.63 12.08 2.82
CA PHE B 1251 3.59 11.10 3.31
C PHE B 1251 4.29 10.51 2.09
N VAL B 1252 4.91 9.34 2.24
CA VAL B 1252 5.71 8.80 1.14
C VAL B 1252 4.82 8.41 -0.03
N SER B 1253 4.91 9.17 -1.12
CA SER B 1253 4.22 8.91 -2.38
C SER B 1253 2.70 8.70 -2.20
N LEU B 1254 2.13 9.21 -1.12
CA LEU B 1254 0.72 9.01 -0.83
C LEU B 1254 0.09 10.34 -0.42
N PHE B 1255 -1.22 10.43 -0.63
CA PHE B 1255 -1.97 11.65 -0.35
C PHE B 1255 -3.18 11.35 0.53
N ASN B 1256 -3.56 12.33 1.33
CA ASN B 1256 -4.80 12.30 2.11
C ASN B 1256 -5.31 13.73 2.18
N LEU B 1257 -6.25 14.08 1.31
CA LEU B 1257 -6.65 15.46 1.14
C LEU B 1257 -7.28 16.04 2.42
N TYR B 1258 -8.46 15.57 2.79
CA TYR B 1258 -9.07 15.96 4.06
C TYR B 1258 -9.68 14.74 4.73
N GLY B 1259 -8.91 13.66 4.80
CA GLY B 1259 -9.42 12.38 5.24
C GLY B 1259 -9.89 11.49 4.13
N GLU B 1260 -9.94 11.99 2.90
CA GLU B 1260 -10.24 11.17 1.73
C GLU B 1260 -8.93 10.65 1.15
N PRO B 1261 -8.69 9.35 1.13
CA PRO B 1261 -7.44 8.84 0.56
C PRO B 1261 -7.33 9.20 -0.91
N PHE B 1262 -6.12 9.56 -1.32
CA PHE B 1262 -5.86 9.98 -2.69
C PHE B 1262 -4.47 9.50 -3.09
N SER B 1263 -4.31 9.22 -4.38
CA SER B 1263 -3.03 8.78 -4.90
C SER B 1263 -3.00 9.03 -6.40
N ILE B 1264 -1.79 9.27 -6.92
CA ILE B 1264 -1.60 9.47 -8.35
C ILE B 1264 -1.49 8.09 -8.99
N TYR B 1265 -2.64 7.53 -9.39
CA TYR B 1265 -2.65 6.19 -9.97
C TYR B 1265 -2.01 6.15 -11.36
N GLY B 1266 -1.86 7.30 -12.00
CA GLY B 1266 -1.31 7.32 -13.35
C GLY B 1266 0.14 6.87 -13.41
N ARG B 1267 0.85 6.94 -12.29
CA ARG B 1267 2.25 6.52 -12.28
C ARG B 1267 2.38 5.03 -12.56
N PHE B 1268 1.45 4.22 -12.06
CA PHE B 1268 1.48 2.79 -12.34
C PHE B 1268 1.29 2.52 -13.83
N LEU B 1269 0.35 3.22 -14.47
CA LEU B 1269 0.14 3.06 -15.90
C LEU B 1269 1.38 3.49 -16.69
N LEU B 1270 1.97 4.62 -16.31
CA LEU B 1270 3.16 5.10 -17.02
C LEU B 1270 4.32 4.12 -16.88
N THR B 1271 4.53 3.60 -15.67
CA THR B 1271 5.60 2.64 -15.47
C THR B 1271 5.36 1.35 -16.23
N SER B 1272 4.10 0.87 -16.26
CA SER B 1272 3.80 -0.32 -17.04
C SER B 1272 4.08 -0.09 -18.52
N VAL B 1273 3.64 1.04 -19.06
CA VAL B 1273 3.91 1.37 -20.46
C VAL B 1273 5.38 1.69 -20.70
N GLY B 1274 6.14 2.00 -19.66
CA GLY B 1274 7.51 2.42 -19.83
C GLY B 1274 8.50 1.28 -19.73
N ASP B 1275 9.22 1.20 -18.62
CA ASP B 1275 10.25 0.17 -18.48
C ASP B 1275 9.64 -1.23 -18.53
N CYS B 1276 10.35 -2.14 -19.22
CA CYS B 1276 9.94 -3.52 -19.36
C CYS B 1276 11.14 -4.43 -19.17
N ALA B 1277 10.88 -5.66 -18.73
CA ALA B 1277 11.94 -6.63 -18.53
C ALA B 1277 12.36 -7.34 -19.81
N TYR B 1278 11.45 -7.39 -20.79
CA TYR B 1278 11.69 -8.06 -22.08
C TYR B 1278 11.95 -9.56 -21.91
N ILE B 1279 11.63 -10.10 -20.73
CA ILE B 1279 11.94 -11.54 -20.47
C ILE B 1279 11.10 -12.46 -21.37
N GLY B 1280 9.80 -12.24 -21.50
CA GLY B 1280 8.99 -13.18 -22.30
C GLY B 1280 7.60 -12.66 -22.58
N PRO B 1281 6.86 -13.22 -23.55
CA PRO B 1281 5.54 -12.69 -23.91
C PRO B 1281 4.55 -12.73 -22.76
N TYR B 1282 4.51 -13.82 -21.99
CA TYR B 1282 3.50 -13.95 -20.90
C TYR B 1282 3.89 -13.09 -19.70
N GLU B 1283 5.10 -13.27 -19.17
CA GLU B 1283 5.46 -12.55 -17.95
C GLU B 1283 5.49 -11.04 -18.17
N ASP B 1284 5.80 -10.58 -19.38
CA ASP B 1284 5.60 -9.17 -19.68
C ASP B 1284 4.14 -8.77 -19.50
N LEU B 1285 3.23 -9.54 -20.09
CA LEU B 1285 1.82 -9.24 -19.95
C LEU B 1285 1.37 -9.35 -18.50
N ALA B 1286 1.94 -10.30 -17.76
CA ALA B 1286 1.61 -10.44 -16.35
C ALA B 1286 2.04 -9.22 -15.55
N SER B 1287 3.24 -8.71 -15.82
CA SER B 1287 3.69 -7.49 -15.13
C SER B 1287 2.82 -6.29 -15.48
N ARG B 1288 2.45 -6.15 -16.75
CA ARG B 1288 1.57 -5.06 -17.15
C ARG B 1288 0.22 -5.15 -16.47
N ILE B 1289 -0.36 -6.36 -16.42
CA ILE B 1289 -1.67 -6.55 -15.81
C ILE B 1289 -1.59 -6.34 -14.30
N SER B 1290 -0.48 -6.74 -13.67
CA SER B 1290 -0.31 -6.47 -12.25
C SER B 1290 -0.21 -4.98 -11.97
N SER B 1291 0.49 -4.24 -12.82
CA SER B 1291 0.55 -2.79 -12.67
C SER B 1291 -0.83 -2.17 -12.84
N ALA B 1292 -1.61 -2.65 -13.81
CA ALA B 1292 -2.98 -2.17 -13.99
C ALA B 1292 -3.83 -2.48 -12.76
N GLN B 1293 -3.67 -3.67 -12.19
CA GLN B 1293 -4.40 -4.04 -10.98
C GLN B 1293 -4.04 -3.13 -9.82
N THR B 1294 -2.74 -2.84 -9.65
CA THR B 1294 -2.32 -1.93 -8.59
C THR B 1294 -2.89 -0.53 -8.80
N ALA B 1295 -2.91 -0.07 -10.04
CA ALA B 1295 -3.51 1.23 -10.34
C ALA B 1295 -5.00 1.24 -10.01
N ILE B 1296 -5.69 0.14 -10.32
CA ILE B 1296 -7.10 0.03 -9.97
C ILE B 1296 -7.28 0.09 -8.47
N LYS B 1297 -6.39 -0.56 -7.72
CA LYS B 1297 -6.46 -0.50 -6.26
C LYS B 1297 -6.34 0.93 -5.75
N HIS B 1298 -5.69 1.80 -6.52
CA HIS B 1298 -5.44 3.17 -6.09
C HIS B 1298 -6.49 4.16 -6.60
N GLY B 1299 -7.54 3.68 -7.25
CA GLY B 1299 -8.63 4.52 -7.67
C GLY B 1299 -8.69 4.86 -9.15
N CYS B 1300 -8.03 4.06 -9.98
CA CYS B 1300 -8.07 4.31 -11.45
C CYS B 1300 -9.51 4.19 -11.92
N PRO B 1301 -10.04 5.16 -12.70
CA PRO B 1301 -11.39 5.04 -13.24
C PRO B 1301 -11.43 3.81 -14.14
N PRO B 1302 -12.57 3.10 -14.23
CA PRO B 1302 -12.59 1.86 -14.99
C PRO B 1302 -12.14 2.01 -16.44
N SER B 1303 -12.53 3.08 -17.13
CA SER B 1303 -12.18 3.19 -18.57
C SER B 1303 -10.66 3.25 -18.75
N LEU B 1304 -9.97 4.01 -17.91
CA LEU B 1304 -8.50 4.18 -18.11
C LEU B 1304 -7.79 2.86 -17.81
N ALA B 1305 -8.31 2.06 -16.88
CA ALA B 1305 -7.73 0.74 -16.63
C ALA B 1305 -7.86 -0.15 -17.85
N TRP B 1306 -9.02 -0.12 -18.51
CA TRP B 1306 -9.19 -0.91 -19.73
C TRP B 1306 -8.27 -0.42 -20.84
N VAL B 1307 -8.09 0.90 -20.93
CA VAL B 1307 -7.15 1.45 -21.91
C VAL B 1307 -5.73 0.96 -21.63
N SER B 1308 -5.34 0.96 -20.36
CA SER B 1308 -4.01 0.48 -20.00
C SER B 1308 -3.84 -0.99 -20.34
N ILE B 1309 -4.87 -1.80 -20.07
CA ILE B 1309 -4.80 -3.22 -20.38
C ILE B 1309 -4.67 -3.43 -21.89
N ALA B 1310 -5.47 -2.69 -22.67
CA ALA B 1310 -5.40 -2.80 -24.13
C ALA B 1310 -4.03 -2.38 -24.64
N ILE B 1311 -3.47 -1.29 -24.11
CA ILE B 1311 -2.15 -0.84 -24.52
C ILE B 1311 -1.10 -1.87 -24.15
N SER B 1312 -1.25 -2.51 -22.99
CA SER B 1312 -0.32 -3.56 -22.59
C SER B 1312 -0.35 -4.72 -23.56
N HIS B 1313 -1.56 -5.18 -23.92
CA HIS B 1313 -1.68 -6.27 -24.89
C HIS B 1313 -1.09 -5.88 -26.24
N TRP B 1314 -1.35 -4.65 -26.68
CA TRP B 1314 -0.83 -4.19 -27.97
C TRP B 1314 0.69 -4.13 -27.97
N MET B 1315 1.29 -3.60 -26.90
CA MET B 1315 2.74 -3.53 -26.82
C MET B 1315 3.35 -4.92 -26.76
N THR B 1316 2.74 -5.83 -26.01
CA THR B 1316 3.26 -7.19 -25.94
C THR B 1316 3.20 -7.87 -27.31
N SER B 1317 2.10 -7.64 -28.06
CA SER B 1317 2.00 -8.22 -29.40
C SER B 1317 3.04 -7.62 -30.33
N LEU B 1318 3.27 -6.31 -30.26
CA LEU B 1318 4.28 -5.67 -31.10
C LEU B 1318 5.67 -6.19 -30.79
N THR B 1319 5.98 -6.40 -29.51
CA THR B 1319 7.33 -6.81 -29.13
C THR B 1319 7.70 -8.16 -29.73
N TYR B 1320 6.72 -9.06 -29.93
CA TYR B 1320 7.00 -10.42 -30.37
C TYR B 1320 6.32 -10.75 -31.69
N ASN B 1321 5.89 -9.74 -32.44
CA ASN B 1321 5.29 -9.91 -33.76
C ASN B 1321 4.10 -10.85 -33.72
N MET B 1322 3.08 -10.45 -32.96
CA MET B 1322 1.87 -11.24 -32.81
C MET B 1322 0.60 -10.53 -33.23
N LEU B 1323 0.70 -9.38 -33.90
CA LEU B 1323 -0.49 -8.72 -34.41
C LEU B 1323 -1.14 -9.59 -35.48
N PRO B 1324 -2.45 -9.40 -35.72
CA PRO B 1324 -3.13 -10.20 -36.75
C PRO B 1324 -2.43 -10.14 -38.10
N GLY B 1325 -1.94 -11.29 -38.57
CA GLY B 1325 -1.22 -11.36 -39.82
C GLY B 1325 0.28 -11.43 -39.70
N GLN B 1326 0.83 -11.21 -38.50
CA GLN B 1326 2.28 -11.24 -38.33
C GLN B 1326 2.77 -12.69 -38.25
N SER B 1327 4.10 -12.83 -38.07
CA SER B 1327 4.71 -14.15 -38.13
C SER B 1327 4.23 -15.06 -37.00
N ASN B 1328 4.16 -14.53 -35.79
CA ASN B 1328 3.84 -15.34 -34.61
C ASN B 1328 2.38 -15.19 -34.18
N ASP B 1329 1.48 -14.96 -35.12
CA ASP B 1329 0.06 -14.89 -34.80
C ASP B 1329 -0.45 -16.30 -34.51
N PRO B 1330 -0.96 -16.57 -33.31
CA PRO B 1330 -1.39 -17.93 -32.96
C PRO B 1330 -2.85 -18.25 -33.25
N ILE B 1331 -3.59 -17.36 -33.92
CA ILE B 1331 -5.00 -17.60 -34.15
C ILE B 1331 -5.22 -18.75 -35.12
N ASP B 1332 -4.30 -18.94 -36.07
CA ASP B 1332 -4.45 -19.99 -37.06
C ASP B 1332 -3.90 -21.33 -36.58
N TYR B 1333 -3.29 -21.38 -35.41
CA TYR B 1333 -2.69 -22.60 -34.89
C TYR B 1333 -3.50 -23.21 -33.75
N PHE B 1334 -4.57 -22.55 -33.32
CA PHE B 1334 -5.44 -23.05 -32.28
C PHE B 1334 -6.89 -22.99 -32.72
N PRO B 1335 -7.72 -23.91 -32.24
CA PRO B 1335 -9.14 -23.88 -32.61
C PRO B 1335 -9.89 -22.77 -31.89
N ALA B 1336 -9.68 -21.52 -32.31
CA ALA B 1336 -10.31 -20.37 -31.67
C ALA B 1336 -10.82 -19.41 -32.73
N GLU B 1337 -12.00 -18.84 -32.49
CA GLU B 1337 -12.55 -17.85 -33.41
C GLU B 1337 -11.70 -16.60 -33.46
N ASN B 1338 -11.26 -16.12 -32.30
CA ASN B 1338 -10.47 -14.90 -32.21
C ASN B 1338 -9.55 -14.99 -31.00
N ARG B 1339 -8.84 -13.89 -30.72
CA ARG B 1339 -7.85 -13.90 -29.66
C ARG B 1339 -8.47 -13.99 -28.26
N LYS B 1340 -9.75 -13.68 -28.12
CA LYS B 1340 -10.39 -13.74 -26.81
C LYS B 1340 -10.54 -15.17 -26.30
N ASP B 1341 -10.45 -16.16 -27.18
CA ASP B 1341 -10.65 -17.55 -26.81
C ASP B 1341 -9.34 -18.31 -26.61
N ILE B 1342 -8.22 -17.62 -26.54
CA ILE B 1342 -6.92 -18.23 -26.34
C ILE B 1342 -6.40 -17.79 -24.97
N PRO B 1343 -5.91 -18.70 -24.13
CA PRO B 1343 -5.41 -18.29 -22.82
C PRO B 1343 -4.20 -17.38 -22.91
N ILE B 1344 -4.04 -16.56 -21.87
CA ILE B 1344 -2.92 -15.62 -21.82
C ILE B 1344 -1.60 -16.35 -21.90
N GLU B 1345 -1.50 -17.51 -21.24
CA GLU B 1345 -0.27 -18.29 -21.27
C GLU B 1345 0.10 -18.66 -22.70
N LEU B 1346 -0.90 -18.89 -23.55
CA LEU B 1346 -0.67 -19.19 -24.97
C LEU B 1346 -0.82 -17.97 -25.86
N ASN B 1347 -0.47 -16.79 -25.36
CA ASN B 1347 -0.41 -15.56 -26.15
C ASN B 1347 -1.78 -15.13 -26.66
N GLY B 1348 -2.80 -15.28 -25.82
CA GLY B 1348 -4.12 -14.75 -26.09
C GLY B 1348 -4.29 -13.38 -25.45
N VAL B 1349 -5.51 -12.85 -25.58
CA VAL B 1349 -5.87 -11.60 -24.93
C VAL B 1349 -6.81 -11.91 -23.77
N LEU B 1350 -6.79 -11.02 -22.78
CA LEU B 1350 -7.53 -11.26 -21.55
C LEU B 1350 -9.01 -10.93 -21.75
N ASP B 1351 -9.87 -11.84 -21.31
CA ASP B 1351 -11.32 -11.66 -21.36
C ASP B 1351 -11.87 -11.96 -19.95
N ALA B 1352 -12.14 -10.91 -19.19
CA ALA B 1352 -12.64 -11.06 -17.83
C ALA B 1352 -13.26 -9.75 -17.36
N PRO B 1353 -14.26 -9.79 -16.48
CA PRO B 1353 -14.77 -8.54 -15.91
C PRO B 1353 -13.69 -7.80 -15.15
N LEU B 1354 -13.73 -6.48 -15.24
CA LEU B 1354 -12.67 -5.67 -14.64
C LEU B 1354 -12.62 -5.84 -13.12
N SER B 1355 -13.79 -5.93 -12.49
CA SER B 1355 -13.82 -6.15 -11.05
C SER B 1355 -13.19 -7.48 -10.67
N MET B 1356 -13.31 -8.47 -11.54
CA MET B 1356 -12.72 -9.78 -11.27
C MET B 1356 -11.20 -9.75 -11.40
N ILE B 1357 -10.68 -8.97 -12.35
CA ILE B 1357 -9.24 -8.88 -12.54
C ILE B 1357 -8.59 -8.23 -11.32
N SER B 1358 -9.17 -7.14 -10.83
CA SER B 1358 -8.60 -6.45 -9.68
C SER B 1358 -8.59 -7.32 -8.43
N THR B 1359 -9.56 -8.23 -8.30
CA THR B 1359 -9.63 -9.06 -7.11
C THR B 1359 -8.48 -10.06 -7.05
N VAL B 1360 -8.31 -10.86 -8.10
CA VAL B 1360 -7.26 -11.86 -8.12
C VAL B 1360 -6.16 -11.49 -9.11
N GLY B 1361 -6.49 -11.42 -10.40
CA GLY B 1361 -5.51 -11.08 -11.41
C GLY B 1361 -4.66 -12.26 -11.82
N LEU B 1362 -4.51 -12.49 -13.13
CA LEU B 1362 -3.73 -13.53 -13.76
C LEU B 1362 -4.32 -14.93 -13.58
N GLU B 1363 -5.39 -15.08 -12.80
CA GLU B 1363 -6.23 -16.27 -12.86
C GLU B 1363 -7.64 -15.96 -13.32
N SER B 1364 -7.89 -14.72 -13.77
CA SER B 1364 -9.23 -14.33 -14.17
C SER B 1364 -9.67 -14.96 -15.48
N GLY B 1365 -8.74 -15.25 -16.37
CA GLY B 1365 -9.12 -15.86 -17.65
C GLY B 1365 -9.74 -17.23 -17.47
N ASN B 1366 -9.08 -18.09 -16.69
CA ASN B 1366 -9.61 -19.43 -16.43
C ASN B 1366 -10.93 -19.35 -15.67
N LEU B 1367 -11.00 -18.48 -14.67
CA LEU B 1367 -12.21 -18.34 -13.87
C LEU B 1367 -13.38 -17.90 -14.74
N TYR B 1368 -13.16 -16.90 -15.61
CA TYR B 1368 -14.23 -16.44 -16.47
C TYR B 1368 -14.62 -17.50 -17.49
N PHE B 1369 -13.64 -18.26 -17.99
CA PHE B 1369 -13.95 -19.34 -18.91
C PHE B 1369 -14.85 -20.38 -18.25
N LEU B 1370 -14.53 -20.77 -17.02
CA LEU B 1370 -15.36 -21.72 -16.30
C LEU B 1370 -16.75 -21.16 -16.01
N ILE B 1371 -16.82 -19.87 -15.66
CA ILE B 1371 -18.11 -19.25 -15.39
C ILE B 1371 -18.97 -19.24 -16.65
N LYS B 1372 -18.35 -18.96 -17.81
CA LYS B 1372 -19.09 -19.00 -19.07
C LYS B 1372 -19.60 -20.40 -19.36
N LEU B 1373 -18.76 -21.42 -19.11
CA LEU B 1373 -19.20 -22.79 -19.30
C LEU B 1373 -20.39 -23.13 -18.41
N LEU B 1374 -20.34 -22.71 -17.14
CA LEU B 1374 -21.48 -22.91 -16.25
C LEU B 1374 -22.72 -22.20 -16.76
N SER B 1375 -22.57 -20.95 -17.20
CA SER B 1375 -23.72 -20.19 -17.68
C SER B 1375 -24.34 -20.83 -18.91
N LYS B 1376 -23.54 -21.58 -19.68
CA LYS B 1376 -24.08 -22.18 -20.93
C LYS B 1376 -24.65 -23.57 -20.68
N TYR B 1377 -23.79 -24.53 -20.32
CA TYR B 1377 -24.23 -25.95 -20.18
C TYR B 1377 -25.23 -26.20 -19.05
N THR B 1378 -25.14 -25.51 -17.91
CA THR B 1378 -26.02 -25.86 -16.76
C THR B 1378 -27.49 -25.73 -17.15
N PRO B 1379 -28.38 -26.58 -16.61
CA PRO B 1379 -29.81 -26.56 -16.98
C PRO B 1379 -30.48 -25.23 -16.61
N VAL B 1380 -31.57 -24.88 -17.31
CA VAL B 1380 -32.24 -23.57 -17.08
C VAL B 1380 -32.70 -23.46 -15.63
N MET B 1381 -33.22 -24.56 -15.06
CA MET B 1381 -33.72 -24.55 -13.65
C MET B 1381 -32.61 -23.98 -12.77
N GLN B 1382 -31.41 -24.54 -12.86
CA GLN B 1382 -30.29 -24.06 -12.03
C GLN B 1382 -29.38 -23.17 -12.89
N LYS B 1383 -29.51 -21.85 -12.76
CA LYS B 1383 -28.65 -20.90 -13.52
C LYS B 1383 -28.38 -19.75 -12.55
N ARG B 1384 -29.43 -19.29 -11.85
CA ARG B 1384 -29.26 -18.21 -10.85
C ARG B 1384 -29.06 -18.86 -9.48
N GLU B 1385 -28.63 -20.12 -9.45
CA GLU B 1385 -28.29 -20.75 -8.19
C GLU B 1385 -26.89 -20.33 -7.74
N SER B 1386 -26.47 -20.83 -6.59
CA SER B 1386 -25.09 -20.65 -6.18
C SER B 1386 -24.15 -21.41 -7.12
N VAL B 1387 -22.92 -20.94 -7.20
CA VAL B 1387 -21.96 -21.55 -8.12
C VAL B 1387 -21.69 -23.00 -7.73
N VAL B 1388 -21.67 -23.29 -6.43
CA VAL B 1388 -21.49 -24.66 -5.97
C VAL B 1388 -22.63 -25.53 -6.45
N ASN B 1389 -23.87 -25.03 -6.35
CA ASN B 1389 -25.02 -25.80 -6.81
C ASN B 1389 -24.96 -26.03 -8.32
N GLN B 1390 -24.55 -25.02 -9.08
CA GLN B 1390 -24.43 -25.20 -10.53
C GLN B 1390 -23.37 -26.23 -10.87
N ILE B 1391 -22.24 -26.21 -10.15
CA ILE B 1391 -21.19 -27.20 -10.35
C ILE B 1391 -21.68 -28.60 -9.98
N ALA B 1392 -22.60 -28.68 -9.01
CA ALA B 1392 -23.06 -29.99 -8.54
C ALA B 1392 -23.62 -30.84 -9.67
N GLU B 1393 -24.21 -30.21 -10.69
CA GLU B 1393 -24.71 -30.95 -11.85
C GLU B 1393 -23.77 -30.89 -13.05
N VAL B 1394 -22.47 -30.76 -12.83
CA VAL B 1394 -21.52 -30.85 -13.94
C VAL B 1394 -21.47 -32.28 -14.47
N LYS B 1395 -21.80 -33.26 -13.62
CA LYS B 1395 -21.81 -34.65 -14.06
C LYS B 1395 -22.85 -34.87 -15.14
N ASN B 1396 -23.95 -34.12 -15.10
CA ASN B 1396 -24.99 -34.26 -16.12
C ASN B 1396 -24.50 -33.82 -17.49
N TRP B 1397 -23.43 -33.02 -17.52
CA TRP B 1397 -22.87 -32.57 -18.79
C TRP B 1397 -22.36 -33.75 -19.61
N LYS B 1398 -22.55 -33.67 -20.92
CA LYS B 1398 -21.96 -34.63 -21.84
C LYS B 1398 -20.63 -34.08 -22.35
N VAL B 1399 -19.60 -34.90 -22.28
CA VAL B 1399 -18.29 -34.48 -22.78
C VAL B 1399 -18.25 -34.41 -24.30
N GLU B 1400 -19.17 -35.11 -24.98
CA GLU B 1400 -19.13 -35.16 -26.44
C GLU B 1400 -19.62 -33.86 -27.05
N ASP B 1401 -20.70 -33.29 -26.53
CA ASP B 1401 -21.31 -32.10 -27.13
C ASP B 1401 -20.66 -30.83 -26.58
N LEU B 1402 -19.33 -30.79 -26.69
CA LEU B 1402 -18.54 -29.62 -26.35
C LEU B 1402 -17.81 -29.16 -27.61
N THR B 1403 -17.78 -27.84 -27.80
CA THR B 1403 -17.07 -27.31 -28.96
C THR B 1403 -15.57 -27.54 -28.82
N ASP B 1404 -14.87 -27.56 -29.95
CA ASP B 1404 -13.42 -27.86 -29.95
C ASP B 1404 -12.68 -26.86 -29.04
N ASN B 1405 -13.01 -25.58 -29.15
CA ASN B 1405 -12.28 -24.58 -28.38
C ASN B 1405 -12.37 -24.88 -26.89
N GLU B 1406 -13.57 -25.23 -26.41
CA GLU B 1406 -13.73 -25.51 -24.98
C GLU B 1406 -13.01 -26.77 -24.57
N ILE B 1407 -13.02 -27.80 -25.42
CA ILE B 1407 -12.28 -29.02 -25.11
C ILE B 1407 -10.78 -28.72 -25.04
N PHE B 1408 -10.28 -27.93 -25.99
CA PHE B 1408 -8.87 -27.55 -25.98
C PHE B 1408 -8.52 -26.78 -24.71
N ARG B 1409 -9.34 -25.81 -24.34
CA ARG B 1409 -9.05 -24.99 -23.17
C ARG B 1409 -9.16 -25.80 -21.89
N LEU B 1410 -10.11 -26.75 -21.82
CA LEU B 1410 -10.23 -27.60 -20.64
C LEU B 1410 -9.06 -28.56 -20.52
N LYS B 1411 -8.56 -29.06 -21.65
CA LYS B 1411 -7.34 -29.87 -21.60
C LYS B 1411 -6.17 -29.03 -21.11
N ILE B 1412 -6.02 -27.81 -21.63
CA ILE B 1412 -5.03 -26.87 -21.11
C ILE B 1412 -5.15 -26.77 -19.59
N LEU B 1413 -6.34 -26.43 -19.11
CA LEU B 1413 -6.56 -26.24 -17.68
C LEU B 1413 -6.14 -27.48 -16.92
N ARG B 1414 -6.86 -28.58 -17.12
CA ARG B 1414 -6.60 -29.82 -16.39
C ARG B 1414 -5.11 -30.15 -16.37
N TYR B 1415 -4.54 -30.43 -17.55
CA TYR B 1415 -3.20 -30.97 -17.56
C TYR B 1415 -2.16 -29.91 -17.19
N LEU B 1416 -2.11 -28.82 -17.95
CA LEU B 1416 -1.03 -27.86 -17.75
C LEU B 1416 -1.10 -27.22 -16.36
N VAL B 1417 -2.28 -26.77 -15.94
CA VAL B 1417 -2.37 -26.11 -14.64
C VAL B 1417 -2.23 -27.11 -13.50
N LEU B 1418 -2.88 -28.28 -13.61
CA LEU B 1418 -2.95 -29.20 -12.48
C LEU B 1418 -1.81 -30.21 -12.47
N ASP B 1419 -1.71 -31.06 -13.50
CA ASP B 1419 -0.69 -32.11 -13.57
C ASP B 1419 0.19 -31.83 -14.78
N ALA B 1420 1.20 -30.97 -14.59
CA ALA B 1420 1.99 -30.45 -15.69
C ALA B 1420 2.64 -31.57 -16.48
N GLU B 1421 2.35 -31.64 -17.78
CA GLU B 1421 2.92 -32.64 -18.66
C GLU B 1421 3.79 -32.03 -19.76
N MET B 1422 3.67 -30.73 -20.01
CA MET B 1422 4.58 -30.01 -20.91
C MET B 1422 5.55 -29.22 -20.06
N ASP B 1423 6.82 -29.60 -20.10
CA ASP B 1423 7.84 -28.85 -19.39
C ASP B 1423 8.13 -27.56 -20.14
N PRO B 1424 7.95 -26.39 -19.54
CA PRO B 1424 8.24 -25.13 -20.24
C PRO B 1424 9.71 -24.97 -20.60
N SER B 1425 10.60 -25.71 -19.95
CA SER B 1425 12.02 -25.70 -20.28
C SER B 1425 12.57 -27.10 -19.98
N ASP B 1426 13.88 -27.24 -20.00
CA ASP B 1426 14.54 -28.49 -19.60
C ASP B 1426 14.72 -28.44 -18.11
N ILE B 1427 13.79 -29.07 -17.38
CA ILE B 1427 13.78 -28.97 -15.92
C ILE B 1427 14.69 -30.04 -15.33
N MET B 1428 15.98 -29.76 -15.30
CA MET B 1428 16.98 -30.70 -14.80
C MET B 1428 17.43 -30.42 -13.38
N GLY B 1429 17.63 -29.16 -13.03
CA GLY B 1429 18.08 -28.81 -11.70
C GLY B 1429 17.16 -27.84 -10.99
N GLU B 1430 15.98 -27.63 -11.56
CA GLU B 1430 15.03 -26.68 -11.00
C GLU B 1430 14.45 -27.23 -9.69
N THR B 1431 14.34 -26.36 -8.70
CA THR B 1431 13.71 -26.70 -7.44
C THR B 1431 12.19 -26.66 -7.59
N SER B 1432 11.47 -26.86 -6.50
CA SER B 1432 10.03 -26.67 -6.50
C SER B 1432 9.66 -25.23 -6.25
N ASP B 1433 10.33 -24.32 -6.97
CA ASP B 1433 10.08 -22.89 -6.87
C ASP B 1433 10.02 -22.18 -8.21
N MET B 1434 10.60 -22.73 -9.28
CA MET B 1434 10.86 -21.99 -10.51
C MET B 1434 9.84 -22.28 -11.61
N ARG B 1435 8.58 -22.51 -11.26
CA ARG B 1435 7.54 -22.66 -12.27
C ARG B 1435 6.54 -21.52 -12.12
N GLY B 1436 6.33 -20.79 -13.21
CA GLY B 1436 5.24 -19.84 -13.31
C GLY B 1436 4.04 -20.46 -13.97
N ARG B 1437 3.29 -19.63 -14.70
CA ARG B 1437 2.19 -20.13 -15.50
C ARG B 1437 2.51 -20.19 -16.98
N SER B 1438 3.62 -19.57 -17.40
CA SER B 1438 3.98 -19.58 -18.81
C SER B 1438 4.30 -21.00 -19.29
N ILE B 1439 3.80 -21.34 -20.47
CA ILE B 1439 4.07 -22.62 -21.08
C ILE B 1439 5.22 -22.53 -22.08
N LEU B 1440 5.19 -21.53 -22.93
CA LEU B 1440 6.22 -21.29 -23.95
C LEU B 1440 7.10 -20.15 -23.43
N THR B 1441 8.15 -20.50 -22.69
CA THR B 1441 9.04 -19.52 -22.13
C THR B 1441 10.28 -19.40 -22.99
N PRO B 1442 10.50 -18.29 -23.69
CA PRO B 1442 11.72 -18.14 -24.48
C PRO B 1442 12.97 -18.17 -23.61
N ARG B 1443 14.03 -18.74 -24.17
CA ARG B 1443 15.32 -18.75 -23.49
C ARG B 1443 15.89 -17.35 -23.43
N LYS B 1444 16.70 -17.08 -22.41
CA LYS B 1444 17.33 -15.79 -22.22
C LYS B 1444 18.85 -15.93 -22.29
N PHE B 1445 19.54 -14.83 -22.02
CA PHE B 1445 21.00 -14.82 -22.10
C PHE B 1445 21.63 -15.71 -21.05
N THR B 1446 22.82 -16.22 -21.38
CA THR B 1446 23.67 -16.92 -20.43
C THR B 1446 25.09 -16.37 -20.56
N THR B 1447 25.62 -15.85 -19.46
CA THR B 1447 26.91 -15.14 -19.48
C THR B 1447 27.99 -16.07 -18.94
N ALA B 1448 28.91 -16.46 -19.81
CA ALA B 1448 30.00 -17.35 -19.40
C ALA B 1448 30.90 -16.68 -18.37
N GLY B 1449 31.18 -15.39 -18.55
CA GLY B 1449 32.09 -14.70 -17.64
C GLY B 1449 31.55 -14.60 -16.23
N SER B 1450 30.26 -14.25 -16.09
CA SER B 1450 29.67 -14.14 -14.76
C SER B 1450 29.69 -15.48 -14.04
N LEU B 1451 29.39 -16.57 -14.76
CA LEU B 1451 29.47 -17.89 -14.16
C LEU B 1451 30.90 -18.24 -13.78
N ARG B 1452 31.86 -17.90 -14.64
CA ARG B 1452 33.25 -18.22 -14.34
C ARG B 1452 33.75 -17.43 -13.14
N LYS B 1453 33.13 -16.28 -12.87
CA LYS B 1453 33.46 -15.54 -11.66
C LYS B 1453 33.09 -16.32 -10.40
N LEU B 1454 31.96 -17.04 -10.44
CA LEU B 1454 31.47 -17.72 -9.26
C LEU B 1454 32.41 -18.83 -8.82
N TYR B 1455 32.63 -18.93 -7.52
CA TYR B 1455 33.53 -19.94 -6.97
C TYR B 1455 32.87 -21.31 -6.98
N SER B 1456 31.55 -21.36 -6.79
CA SER B 1456 30.85 -22.64 -6.79
C SER B 1456 30.71 -23.22 -8.20
N PHE B 1457 30.76 -22.36 -9.23
CA PHE B 1457 30.63 -22.84 -10.60
C PHE B 1457 31.82 -23.70 -11.00
N SER B 1458 33.01 -23.36 -10.52
CA SER B 1458 34.17 -24.22 -10.76
C SER B 1458 33.98 -25.59 -10.11
N LYS B 1459 33.43 -25.60 -8.89
CA LYS B 1459 33.13 -26.87 -8.23
C LYS B 1459 32.12 -27.69 -9.03
N TYR B 1460 31.08 -27.03 -9.56
CA TYR B 1460 30.11 -27.72 -10.39
C TYR B 1460 30.76 -28.29 -11.64
N GLN B 1461 31.62 -27.50 -12.29
CA GLN B 1461 32.25 -27.97 -13.51
C GLN B 1461 33.19 -29.15 -13.26
N ASP B 1462 33.98 -29.09 -12.18
CA ASP B 1462 34.89 -30.19 -11.91
C ASP B 1462 34.14 -31.44 -11.46
N ARG B 1463 33.05 -31.26 -10.72
CA ARG B 1463 32.19 -32.40 -10.40
C ARG B 1463 31.56 -32.98 -11.66
N LEU B 1464 31.11 -32.11 -12.57
CA LEU B 1464 30.57 -32.59 -13.83
C LEU B 1464 31.65 -33.25 -14.68
N SER B 1465 32.90 -32.81 -14.52
CA SER B 1465 34.00 -33.44 -15.26
C SER B 1465 34.30 -34.83 -14.74
N SER B 1466 33.85 -35.14 -13.53
CA SER B 1466 34.08 -36.46 -12.96
C SER B 1466 33.34 -37.51 -13.79
N PRO B 1467 33.87 -38.74 -13.88
CA PRO B 1467 33.21 -39.74 -14.73
C PRO B 1467 31.78 -40.05 -14.33
N GLY B 1468 31.47 -40.06 -13.04
CA GLY B 1468 30.13 -40.39 -12.58
C GLY B 1468 29.67 -39.57 -11.41
N GLY B 1469 30.25 -38.39 -11.23
CA GLY B 1469 29.93 -37.57 -10.07
C GLY B 1469 28.47 -37.12 -10.04
N MET B 1470 27.93 -36.75 -11.21
CA MET B 1470 26.58 -36.21 -11.25
C MET B 1470 25.55 -37.26 -10.88
N VAL B 1471 25.81 -38.53 -11.22
CA VAL B 1471 24.87 -39.61 -10.90
C VAL B 1471 24.77 -39.79 -9.39
N GLU B 1472 25.90 -39.69 -8.68
CA GLU B 1472 25.88 -39.83 -7.23
C GLU B 1472 25.06 -38.71 -6.59
N LEU B 1473 25.22 -37.48 -7.05
CA LEU B 1473 24.42 -36.38 -6.53
C LEU B 1473 22.94 -36.58 -6.85
N PHE B 1474 22.65 -37.05 -8.06
CA PHE B 1474 21.26 -37.28 -8.45
C PHE B 1474 20.60 -38.32 -7.55
N THR B 1475 21.30 -39.44 -7.29
CA THR B 1475 20.71 -40.46 -6.44
C THR B 1475 20.66 -40.03 -4.98
N TYR B 1476 21.60 -39.20 -4.54
CA TYR B 1476 21.54 -38.65 -3.20
C TYR B 1476 20.31 -37.76 -3.04
N LEU B 1477 20.00 -36.96 -4.06
CA LEU B 1477 18.77 -36.17 -4.04
C LEU B 1477 17.55 -37.07 -4.08
N LEU B 1478 17.59 -38.14 -4.87
CA LEU B 1478 16.49 -39.08 -4.92
C LEU B 1478 16.24 -39.71 -3.56
N GLU B 1479 17.29 -39.93 -2.77
CA GLU B 1479 17.13 -40.43 -1.41
C GLU B 1479 16.69 -39.35 -0.44
N LYS B 1480 16.83 -38.07 -0.79
CA LYS B 1480 16.47 -36.95 0.07
C LYS B 1480 15.66 -35.95 -0.74
N PRO B 1481 14.40 -36.28 -1.05
CA PRO B 1481 13.58 -35.37 -1.87
C PRO B 1481 13.27 -34.05 -1.18
N GLU B 1482 13.64 -33.90 0.10
CA GLU B 1482 13.38 -32.66 0.81
C GLU B 1482 14.16 -31.50 0.20
N LEU B 1483 15.31 -31.77 -0.40
CA LEU B 1483 16.15 -30.71 -0.93
C LEU B 1483 15.56 -30.05 -2.17
N LEU B 1484 14.53 -30.64 -2.79
CA LEU B 1484 13.91 -30.01 -3.94
C LEU B 1484 13.08 -28.79 -3.52
N VAL B 1485 12.25 -28.95 -2.50
CA VAL B 1485 11.45 -27.81 -2.03
C VAL B 1485 12.33 -26.78 -1.33
N THR B 1486 13.16 -27.24 -0.40
CA THR B 1486 14.07 -26.37 0.32
C THR B 1486 15.33 -26.14 -0.51
N LYS B 1487 16.34 -25.54 0.12
CA LYS B 1487 17.66 -25.45 -0.48
C LYS B 1487 18.72 -26.02 0.46
N GLY B 1488 18.31 -26.76 1.48
CA GLY B 1488 19.25 -27.37 2.41
C GLY B 1488 19.33 -26.66 3.74
N GLU B 1489 18.64 -27.20 4.75
CA GLU B 1489 18.70 -26.62 6.09
C GLU B 1489 20.10 -26.77 6.68
N ASP B 1490 20.72 -27.94 6.48
CA ASP B 1490 22.05 -28.20 7.00
C ASP B 1490 23.10 -27.50 6.15
N MET B 1491 24.37 -27.80 6.44
CA MET B 1491 25.46 -27.27 5.64
C MET B 1491 25.70 -28.11 4.39
N LYS B 1492 25.83 -29.42 4.57
CA LYS B 1492 26.18 -30.31 3.45
C LYS B 1492 25.04 -30.40 2.45
N ASP B 1493 23.80 -30.53 2.92
CA ASP B 1493 22.68 -30.63 2.00
C ASP B 1493 22.49 -29.36 1.20
N TYR B 1494 22.71 -28.20 1.82
CA TYR B 1494 22.69 -26.94 1.07
C TYR B 1494 23.79 -26.92 0.02
N MET B 1495 24.96 -27.45 0.36
CA MET B 1495 26.06 -27.53 -0.59
C MET B 1495 25.66 -28.37 -1.80
N GLU B 1496 25.08 -29.54 -1.56
CA GLU B 1496 24.66 -30.40 -2.66
C GLU B 1496 23.56 -29.74 -3.48
N SER B 1497 22.61 -29.09 -2.82
CA SER B 1497 21.50 -28.45 -3.53
C SER B 1497 22.01 -27.32 -4.43
N VAL B 1498 22.91 -26.49 -3.93
CA VAL B 1498 23.41 -25.38 -4.74
C VAL B 1498 24.28 -25.90 -5.88
N ILE B 1499 25.01 -27.00 -5.65
CA ILE B 1499 25.74 -27.62 -6.75
C ILE B 1499 24.77 -28.14 -7.80
N PHE B 1500 23.70 -28.80 -7.37
CA PHE B 1500 22.75 -29.43 -8.29
C PHE B 1500 21.95 -28.40 -9.07
N ARG B 1501 21.69 -27.23 -8.49
CA ARG B 1501 20.86 -26.23 -9.15
C ARG B 1501 21.50 -25.70 -10.42
N TYR B 1502 22.80 -25.94 -10.63
CA TYR B 1502 23.50 -25.50 -11.81
C TYR B 1502 23.12 -26.28 -13.07
N ASN B 1503 22.32 -27.33 -12.94
CA ASN B 1503 21.91 -28.15 -14.08
C ASN B 1503 20.62 -27.66 -14.73
N SER B 1504 19.95 -26.68 -14.13
CA SER B 1504 18.62 -26.27 -14.60
C SER B 1504 18.66 -25.46 -15.88
N LYS B 1505 19.68 -24.61 -16.04
CA LYS B 1505 19.84 -23.71 -17.18
C LYS B 1505 18.84 -22.56 -17.09
N ARG B 1506 17.92 -22.64 -16.12
CA ARG B 1506 17.09 -21.49 -15.76
C ARG B 1506 17.74 -20.72 -14.62
N PHE B 1507 18.15 -21.43 -13.57
CA PHE B 1507 18.96 -20.81 -12.52
C PHE B 1507 20.28 -20.33 -13.08
N LYS B 1508 20.84 -21.04 -14.05
CA LYS B 1508 22.07 -20.60 -14.70
C LYS B 1508 21.87 -19.28 -15.44
N GLU B 1509 20.75 -19.15 -16.15
CA GLU B 1509 20.49 -17.92 -16.89
C GLU B 1509 19.92 -16.81 -16.02
N SER B 1510 19.56 -17.11 -14.77
CA SER B 1510 19.12 -16.07 -13.84
C SER B 1510 20.30 -15.27 -13.29
N LEU B 1511 21.42 -15.95 -13.05
CA LEU B 1511 22.63 -15.29 -12.48
C LEU B 1511 23.32 -14.51 -13.59
N SER B 1512 22.92 -14.73 -14.83
CA SER B 1512 23.58 -14.06 -15.99
C SER B 1512 23.23 -12.58 -16.03
N ILE B 1513 24.09 -11.77 -16.65
CA ILE B 1513 23.82 -10.31 -16.80
C ILE B 1513 22.92 -10.14 -18.01
N GLN B 1514 21.68 -9.68 -17.81
CA GLN B 1514 20.76 -9.42 -18.94
C GLN B 1514 20.15 -8.02 -18.79
N ASN B 1515 20.19 -7.19 -19.85
CA ASN B 1515 19.69 -5.80 -19.72
C ASN B 1515 18.46 -5.61 -20.62
N PRO B 1516 17.39 -4.86 -20.24
CA PRO B 1516 16.25 -4.72 -21.15
C PRO B 1516 16.62 -4.27 -22.55
N ALA B 1517 17.68 -3.47 -22.70
CA ALA B 1517 18.03 -2.95 -24.01
C ALA B 1517 18.48 -4.06 -24.96
N GLN B 1518 19.39 -4.91 -24.51
CA GLN B 1518 19.88 -5.99 -25.36
C GLN B 1518 18.79 -7.02 -25.64
N LEU B 1519 17.96 -7.32 -24.65
CA LEU B 1519 16.86 -8.24 -24.87
C LEU B 1519 15.87 -7.68 -25.88
N PHE B 1520 15.58 -6.38 -25.79
CA PHE B 1520 14.68 -5.74 -26.75
C PHE B 1520 15.27 -5.78 -28.16
N ILE B 1521 16.56 -5.47 -28.29
CA ILE B 1521 17.17 -5.48 -29.61
C ILE B 1521 17.27 -6.89 -30.16
N GLU B 1522 17.43 -7.89 -29.30
CA GLU B 1522 17.43 -9.28 -29.75
C GLU B 1522 16.04 -9.69 -30.23
N GLN B 1523 15.00 -9.27 -29.52
CA GLN B 1523 13.64 -9.61 -29.93
C GLN B 1523 13.30 -8.94 -31.26
N ILE B 1524 13.70 -7.68 -31.44
CA ILE B 1524 13.37 -6.97 -32.67
C ILE B 1524 14.29 -7.39 -33.81
N LEU B 1525 15.44 -7.98 -33.51
CA LEU B 1525 16.40 -8.38 -34.53
C LEU B 1525 16.19 -9.84 -34.97
N PHE B 1526 16.18 -10.76 -34.01
CA PHE B 1526 16.07 -12.19 -34.29
C PHE B 1526 14.68 -12.66 -33.85
N SER B 1527 13.75 -12.71 -34.81
CA SER B 1527 12.41 -13.23 -34.54
C SER B 1527 12.21 -14.66 -35.01
N HIS B 1528 13.00 -15.11 -35.98
CA HIS B 1528 12.91 -16.46 -36.50
C HIS B 1528 13.88 -17.42 -35.83
N LYS B 1529 14.70 -16.94 -34.91
CA LYS B 1529 15.64 -17.81 -34.21
C LYS B 1529 14.89 -18.74 -33.26
N PRO B 1530 15.29 -20.01 -33.17
CA PRO B 1530 14.69 -20.89 -32.17
C PRO B 1530 15.06 -20.42 -30.77
N VAL B 1531 14.05 -20.29 -29.90
CA VAL B 1531 14.26 -19.71 -28.58
C VAL B 1531 13.57 -20.54 -27.52
N ILE B 1532 12.72 -21.47 -27.93
CA ILE B 1532 11.86 -22.23 -27.01
C ILE B 1532 12.30 -23.67 -27.01
N ASP B 1533 12.46 -24.24 -25.81
CA ASP B 1533 12.80 -25.66 -25.64
C ASP B 1533 11.51 -26.40 -25.29
N PHE B 1534 10.97 -27.09 -26.29
CA PHE B 1534 9.73 -27.87 -26.08
C PHE B 1534 10.11 -29.35 -26.13
N SER B 1535 10.38 -29.94 -24.96
CA SER B 1535 10.74 -31.39 -24.89
C SER B 1535 9.56 -32.22 -25.39
N GLY B 1536 8.32 -31.78 -25.12
CA GLY B 1536 7.14 -32.58 -25.51
C GLY B 1536 6.43 -33.10 -24.27
N ILE B 1537 5.54 -34.09 -24.43
CA ILE B 1537 4.89 -34.70 -23.24
C ILE B 1537 5.99 -35.33 -22.40
N ARG B 1538 5.96 -35.12 -21.08
CA ARG B 1538 7.06 -35.62 -20.20
C ARG B 1538 8.39 -35.39 -20.93
N ASP B 1539 9.10 -36.47 -21.30
CA ASP B 1539 10.34 -36.31 -22.08
C ASP B 1539 10.10 -36.92 -23.47
N LYS B 1540 10.46 -36.19 -24.54
CA LYS B 1540 10.31 -36.69 -25.93
C LYS B 1540 8.84 -37.10 -26.17
N GLU B 1551 28.51 -25.23 -35.03
CA GLU B 1551 29.49 -24.24 -34.57
C GLU B 1551 28.86 -22.85 -34.52
N LYS B 1552 29.62 -21.90 -33.95
CA LYS B 1552 29.19 -20.50 -33.79
C LYS B 1552 27.75 -20.39 -33.28
N GLU B 1553 27.39 -21.26 -32.35
CA GLU B 1553 26.05 -21.24 -31.80
C GLU B 1553 25.81 -19.94 -31.04
N PRO B 1554 24.65 -19.32 -31.20
CA PRO B 1554 24.37 -18.07 -30.48
C PRO B 1554 24.17 -18.30 -29.00
N ASP B 1555 24.11 -17.19 -28.26
CA ASP B 1555 23.98 -17.26 -26.80
C ASP B 1555 22.57 -17.67 -26.39
N ILE B 1556 21.58 -17.35 -27.21
CA ILE B 1556 20.18 -17.51 -26.83
C ILE B 1556 19.52 -18.53 -27.74
N LEU B 1557 20.29 -19.52 -28.19
CA LEU B 1557 19.75 -20.55 -29.06
C LEU B 1557 18.71 -21.38 -28.32
N GLY B 1558 17.70 -21.85 -29.07
CA GLY B 1558 16.63 -22.65 -28.49
C GLY B 1558 16.36 -23.87 -29.34
N LYS B 1559 15.22 -24.50 -29.07
CA LYS B 1559 14.88 -25.73 -29.78
C LYS B 1559 13.91 -25.47 -30.93
N VAL B 1560 12.85 -24.71 -30.68
CA VAL B 1560 11.81 -24.45 -31.69
C VAL B 1560 11.63 -22.96 -31.85
N THR B 1561 11.04 -22.57 -32.99
CA THR B 1561 11.01 -21.19 -33.45
C THR B 1561 9.71 -20.47 -33.08
N PHE B 1562 9.09 -20.85 -31.96
CA PHE B 1562 7.98 -20.10 -31.36
C PHE B 1562 6.71 -20.27 -32.21
N THR B 1563 6.84 -20.91 -33.37
CA THR B 1563 5.67 -21.13 -34.21
C THR B 1563 5.40 -22.62 -34.36
N GLU B 1564 6.43 -23.41 -34.57
CA GLU B 1564 6.30 -24.87 -34.56
C GLU B 1564 6.01 -25.40 -33.18
N ALA B 1565 6.16 -24.58 -32.15
CA ALA B 1565 5.75 -24.93 -30.81
C ALA B 1565 4.24 -25.01 -30.67
N TYR B 1566 3.50 -24.14 -31.37
CA TYR B 1566 2.05 -24.25 -31.40
C TYR B 1566 1.62 -25.58 -32.02
N ARG B 1567 2.23 -25.96 -33.14
CA ARG B 1567 1.90 -27.22 -33.78
C ARG B 1567 2.25 -28.40 -32.89
N LEU B 1568 3.41 -28.36 -32.24
CA LEU B 1568 3.79 -29.43 -31.33
C LEU B 1568 2.84 -29.50 -30.14
N LEU B 1569 2.48 -28.34 -29.57
CA LEU B 1569 1.58 -28.33 -28.43
C LEU B 1569 0.20 -28.87 -28.81
N MET B 1570 -0.33 -28.44 -29.95
CA MET B 1570 -1.63 -28.94 -30.40
C MET B 1570 -1.57 -30.44 -30.68
N ARG B 1571 -0.50 -30.90 -31.31
CA ARG B 1571 -0.35 -32.33 -31.60
C ARG B 1571 -0.31 -33.15 -30.32
N ASP B 1572 0.42 -32.68 -29.31
CA ASP B 1572 0.49 -33.40 -28.04
C ASP B 1572 -0.85 -33.32 -27.30
N LEU B 1573 -1.56 -32.20 -27.43
CA LEU B 1573 -2.87 -32.08 -26.80
C LEU B 1573 -3.87 -33.05 -27.43
N SER B 1574 -3.77 -33.29 -28.74
CA SER B 1574 -4.67 -34.22 -29.38
C SER B 1574 -4.53 -35.62 -28.81
N SER B 1575 -3.33 -35.95 -28.31
CA SER B 1575 -3.13 -37.26 -27.70
C SER B 1575 -3.90 -37.39 -26.39
N LEU B 1576 -3.95 -36.31 -25.61
CA LEU B 1576 -4.66 -36.35 -24.33
C LEU B 1576 -6.17 -36.39 -24.56
N GLU B 1577 -6.88 -36.95 -23.58
CA GLU B 1577 -8.32 -37.14 -23.66
C GLU B 1577 -9.01 -36.50 -22.47
N LEU B 1578 -10.29 -36.19 -22.65
CA LEU B 1578 -11.09 -35.47 -21.68
C LEU B 1578 -12.33 -36.30 -21.33
N THR B 1579 -12.66 -36.35 -20.04
CA THR B 1579 -13.81 -37.09 -19.55
C THR B 1579 -14.56 -36.25 -18.52
N ASN B 1580 -15.70 -36.75 -18.08
CA ASN B 1580 -16.49 -36.03 -17.07
C ASN B 1580 -15.73 -35.92 -15.75
N ASP B 1581 -14.93 -36.94 -15.42
CA ASP B 1581 -14.12 -36.88 -14.21
C ASP B 1581 -13.10 -35.75 -14.29
N ASP B 1582 -12.53 -35.54 -15.49
CA ASP B 1582 -11.58 -34.45 -15.67
C ASP B 1582 -12.25 -33.10 -15.42
N ILE B 1583 -13.45 -32.89 -15.98
CA ILE B 1583 -14.16 -31.65 -15.75
C ILE B 1583 -14.49 -31.48 -14.27
N GLN B 1584 -14.92 -32.56 -13.63
CA GLN B 1584 -15.27 -32.51 -12.21
C GLN B 1584 -14.07 -32.10 -11.38
N VAL B 1585 -12.89 -32.60 -11.75
CA VAL B 1585 -11.64 -32.21 -11.03
C VAL B 1585 -11.35 -30.73 -11.32
N ILE B 1586 -11.53 -30.28 -12.56
CA ILE B 1586 -11.16 -28.88 -12.90
C ILE B 1586 -12.01 -27.92 -12.07
N TYR B 1587 -13.32 -28.13 -12.04
CA TYR B 1587 -14.21 -27.27 -11.21
C TYR B 1587 -13.92 -27.47 -9.74
N SER B 1588 -13.66 -28.71 -9.33
CA SER B 1588 -13.45 -29.00 -7.90
C SER B 1588 -12.24 -28.23 -7.40
N TYR B 1589 -11.19 -28.16 -8.20
CA TYR B 1589 -9.98 -27.50 -7.64
C TYR B 1589 -9.91 -26.02 -8.03
N ILE B 1590 -9.86 -25.68 -9.31
CA ILE B 1590 -9.68 -24.23 -9.59
C ILE B 1590 -10.80 -23.38 -8.94
N ILE B 1591 -11.98 -23.94 -8.65
CA ILE B 1591 -13.04 -23.07 -8.05
C ILE B 1591 -13.35 -23.38 -6.58
N LEU B 1592 -13.70 -24.65 -6.28
CA LEU B 1592 -14.18 -25.00 -4.92
C LEU B 1592 -13.04 -25.09 -3.90
N ASN B 1593 -11.80 -25.30 -4.34
CA ASN B 1593 -10.75 -25.45 -3.32
C ASN B 1593 -10.68 -24.13 -2.54
N ASP B 1594 -10.82 -23.00 -3.22
CA ASP B 1594 -10.63 -21.68 -2.55
C ASP B 1594 -11.98 -21.01 -2.25
N PRO B 1595 -12.32 -20.63 -0.99
CA PRO B 1595 -13.55 -19.88 -0.74
C PRO B 1595 -13.53 -18.59 -1.57
N MET B 1596 -12.36 -18.00 -1.78
CA MET B 1596 -12.27 -16.72 -2.54
C MET B 1596 -12.82 -16.93 -3.96
N MET B 1597 -12.51 -18.05 -4.60
CA MET B 1597 -12.97 -18.24 -5.99
C MET B 1597 -14.48 -18.45 -5.97
N ILE B 1598 -14.98 -19.29 -5.05
CA ILE B 1598 -16.44 -19.50 -4.90
C ILE B 1598 -17.05 -18.10 -4.77
N THR B 1599 -16.51 -17.27 -3.87
CA THR B 1599 -17.12 -15.94 -3.64
C THR B 1599 -17.16 -15.12 -4.93
N ILE B 1600 -16.07 -15.03 -5.69
CA ILE B 1600 -16.05 -14.15 -6.91
C ILE B 1600 -17.01 -14.68 -7.98
N ALA B 1601 -17.03 -15.99 -8.20
CA ALA B 1601 -17.97 -16.56 -9.17
C ALA B 1601 -19.38 -16.32 -8.65
N ASN B 1602 -19.56 -16.35 -7.34
CA ASN B 1602 -20.90 -16.01 -6.78
C ASN B 1602 -21.23 -14.56 -7.14
N THR B 1603 -20.24 -13.67 -7.08
CA THR B 1603 -20.52 -12.23 -7.36
C THR B 1603 -20.98 -12.10 -8.81
N HIS B 1604 -20.34 -12.83 -9.73
CA HIS B 1604 -20.68 -12.66 -11.16
C HIS B 1604 -22.03 -13.31 -11.46
N ILE B 1605 -22.39 -14.37 -10.73
CA ILE B 1605 -23.74 -14.99 -10.93
C ILE B 1605 -24.91 -14.29 -10.23
N LEU B 1606 -24.77 -13.82 -8.98
CA LEU B 1606 -25.95 -13.33 -8.18
C LEU B 1606 -26.07 -11.81 -8.13
N SER B 1607 -25.58 -11.15 -9.16
CA SER B 1607 -25.48 -9.66 -9.14
C SER B 1607 -26.70 -8.96 -9.73
N ILE B 1608 -27.21 -7.94 -9.02
CA ILE B 1608 -28.34 -7.13 -9.54
C ILE B 1608 -27.91 -5.67 -9.38
N TYR B 1609 -27.47 -5.02 -10.47
CA TYR B 1609 -26.97 -3.64 -10.38
C TYR B 1609 -28.11 -2.71 -9.95
N GLY B 1610 -27.81 -1.71 -9.12
CA GLY B 1610 -28.88 -0.86 -8.55
C GLY B 1610 -28.81 0.60 -8.94
N SER B 1611 -29.06 1.49 -7.97
CA SER B 1611 -29.15 2.94 -8.26
C SER B 1611 -27.80 3.66 -8.35
N PRO B 1612 -27.53 4.55 -9.35
CA PRO B 1612 -26.29 5.34 -9.35
C PRO B 1612 -26.31 6.41 -8.28
N GLN B 1613 -25.11 6.84 -7.89
CA GLN B 1613 -24.98 7.91 -6.92
C GLN B 1613 -23.56 8.43 -6.93
N ARG B 1614 -23.40 9.63 -6.39
CA ARG B 1614 -22.10 10.31 -6.51
C ARG B 1614 -20.99 9.74 -5.63
N ARG B 1615 -19.76 9.94 -6.07
CA ARG B 1615 -18.55 9.51 -5.37
C ARG B 1615 -18.12 10.69 -4.50
N MET B 1616 -18.67 10.77 -3.29
CA MET B 1616 -18.40 11.90 -2.41
C MET B 1616 -17.23 11.61 -1.48
N GLY B 1617 -17.36 10.62 -0.60
CA GLY B 1617 -16.30 10.27 0.31
C GLY B 1617 -15.69 8.91 0.07
N MET B 1618 -14.45 8.88 -0.41
CA MET B 1618 -13.75 7.61 -0.62
C MET B 1618 -13.11 7.15 0.69
N SER B 1619 -12.98 5.84 0.83
CA SER B 1619 -12.43 5.26 2.05
C SER B 1619 -11.63 4.01 1.72
N CYS B 1620 -10.73 3.65 2.63
CA CYS B 1620 -9.88 2.48 2.46
C CYS B 1620 -10.37 1.34 3.34
N SER B 1621 -10.72 0.22 2.72
CA SER B 1621 -11.06 -1.02 3.43
C SER B 1621 -10.26 -2.13 2.78
N THR B 1622 -9.55 -2.91 3.60
CA THR B 1622 -8.60 -3.87 3.03
C THR B 1622 -9.32 -5.14 2.60
N MET B 1623 -9.79 -5.93 3.55
CA MET B 1623 -10.54 -7.15 3.26
C MET B 1623 -11.23 -7.65 4.53
N PRO B 1624 -12.46 -7.23 4.81
CA PRO B 1624 -13.11 -7.66 6.05
C PRO B 1624 -13.20 -9.18 6.14
N GLU B 1625 -12.97 -9.69 7.36
CA GLU B 1625 -12.93 -11.12 7.68
C GLU B 1625 -12.13 -11.90 6.64
N PHE B 1626 -10.84 -11.57 6.57
CA PHE B 1626 -9.93 -12.26 5.66
C PHE B 1626 -9.82 -13.74 5.99
N ARG B 1627 -9.69 -14.08 7.27
CA ARG B 1627 -9.37 -15.44 7.66
C ARG B 1627 -10.45 -16.42 7.23
N ASN B 1628 -11.69 -15.95 7.14
CA ASN B 1628 -12.78 -16.82 6.68
C ASN B 1628 -12.69 -17.11 5.19
N LEU B 1629 -11.80 -16.45 4.46
CA LEU B 1629 -11.63 -16.69 3.03
C LEU B 1629 -10.28 -17.30 2.69
N LYS B 1630 -9.46 -17.65 3.68
CA LYS B 1630 -8.14 -18.21 3.44
C LYS B 1630 -8.17 -19.71 3.70
N LEU B 1631 -7.85 -20.50 2.67
CA LEU B 1631 -7.84 -21.95 2.79
C LEU B 1631 -6.59 -22.46 3.49
N ILE B 1632 -5.41 -22.11 2.96
CA ILE B 1632 -4.14 -22.53 3.51
C ILE B 1632 -3.57 -21.40 4.36
N HIS B 1633 -3.26 -21.70 5.61
CA HIS B 1633 -2.84 -20.66 6.55
C HIS B 1633 -1.42 -20.16 6.24
N HIS B 1634 -0.49 -21.07 5.97
CA HIS B 1634 0.91 -20.71 5.86
C HIS B 1634 1.35 -20.55 4.40
N SER B 1635 2.59 -20.12 4.24
CA SER B 1635 3.16 -19.90 2.92
C SER B 1635 3.33 -21.23 2.20
N PRO B 1636 3.20 -21.26 0.86
CA PRO B 1636 3.38 -22.53 0.13
C PRO B 1636 4.75 -23.16 0.32
N ALA B 1637 5.79 -22.37 0.53
CA ALA B 1637 7.11 -22.94 0.80
C ALA B 1637 7.09 -23.76 2.08
N LEU B 1638 6.48 -23.24 3.14
CA LEU B 1638 6.42 -23.97 4.40
C LEU B 1638 5.50 -25.18 4.30
N VAL B 1639 4.42 -25.07 3.54
CA VAL B 1639 3.48 -26.19 3.42
C VAL B 1639 4.14 -27.38 2.75
N LEU B 1640 4.83 -27.14 1.64
CA LEU B 1640 5.55 -28.25 1.00
C LEU B 1640 6.77 -28.66 1.80
N ARG B 1641 7.33 -27.74 2.59
CA ARG B 1641 8.40 -28.11 3.50
C ARG B 1641 7.92 -29.14 4.52
N ALA B 1642 6.72 -28.93 5.08
CA ALA B 1642 6.15 -29.89 6.01
C ALA B 1642 5.57 -31.11 5.31
N TYR B 1643 5.30 -31.02 4.01
CA TYR B 1643 4.86 -32.20 3.28
C TYR B 1643 6.02 -33.14 2.96
N SER B 1644 7.15 -32.57 2.52
CA SER B 1644 8.32 -33.37 2.18
C SER B 1644 8.81 -34.16 3.38
N LYS B 1645 9.23 -33.45 4.43
CA LYS B 1645 9.48 -34.09 5.71
C LYS B 1645 8.16 -34.46 6.34
N ASN B 1646 7.88 -35.76 6.46
CA ASN B 1646 6.56 -36.22 6.89
C ASN B 1646 6.38 -35.98 8.39
N ASN B 1647 6.43 -34.70 8.76
CA ASN B 1647 6.30 -34.25 10.13
C ASN B 1647 5.75 -32.84 10.13
N PRO B 1648 4.56 -32.60 10.66
CA PRO B 1648 3.97 -31.26 10.68
C PRO B 1648 4.56 -30.32 11.72
N ASP B 1649 5.60 -30.74 12.46
CA ASP B 1649 6.19 -29.94 13.52
C ASP B 1649 7.48 -29.26 13.09
N ILE B 1650 7.59 -28.86 11.82
CA ILE B 1650 8.81 -28.21 11.34
C ILE B 1650 8.94 -26.84 11.98
N GLN B 1651 10.17 -26.45 12.29
CA GLN B 1651 10.43 -25.13 12.85
C GLN B 1651 10.04 -24.05 11.86
N GLY B 1652 9.50 -22.95 12.39
CA GLY B 1652 9.00 -21.87 11.57
C GLY B 1652 7.54 -21.99 11.17
N ALA B 1653 6.89 -23.09 11.52
CA ALA B 1653 5.49 -23.31 11.21
C ALA B 1653 4.72 -23.53 12.51
N ASP B 1654 3.40 -23.69 12.37
CA ASP B 1654 2.52 -23.86 13.51
C ASP B 1654 1.99 -25.27 13.56
N PRO B 1655 2.28 -26.05 14.60
CA PRO B 1655 1.66 -27.36 14.73
C PRO B 1655 0.15 -27.26 14.88
N THR B 1656 -0.54 -28.31 14.45
CA THR B 1656 -2.00 -28.39 14.40
C THR B 1656 -2.57 -27.41 13.38
N GLU B 1657 -1.69 -26.65 12.72
CA GLU B 1657 -2.07 -25.87 11.55
C GLU B 1657 -1.44 -26.43 10.29
N MET B 1658 -0.22 -26.97 10.40
CA MET B 1658 0.30 -27.83 9.35
C MET B 1658 -0.60 -29.03 9.12
N ALA B 1659 -1.34 -29.46 10.15
CA ALA B 1659 -2.24 -30.60 9.99
C ALA B 1659 -3.30 -30.33 8.94
N ARG B 1660 -4.00 -29.19 9.06
CA ARG B 1660 -5.06 -28.86 8.12
C ARG B 1660 -4.50 -28.67 6.71
N ASP B 1661 -3.36 -27.99 6.60
CA ASP B 1661 -2.77 -27.72 5.30
C ASP B 1661 -2.32 -29.01 4.62
N LEU B 1662 -1.70 -29.92 5.38
CA LEU B 1662 -1.29 -31.19 4.79
C LEU B 1662 -2.49 -32.03 4.44
N VAL B 1663 -3.57 -31.94 5.21
CA VAL B 1663 -4.80 -32.64 4.85
C VAL B 1663 -5.32 -32.14 3.51
N HIS B 1664 -5.35 -30.82 3.32
CA HIS B 1664 -5.78 -30.26 2.04
C HIS B 1664 -4.88 -30.70 0.90
N LEU B 1665 -3.56 -30.61 1.10
CA LEU B 1665 -2.62 -30.97 0.05
C LEU B 1665 -2.74 -32.45 -0.31
N LYS B 1666 -2.77 -33.27 0.74
CA LYS B 1666 -2.86 -34.73 0.53
C LYS B 1666 -4.15 -35.00 -0.22
N GLU B 1667 -5.20 -34.25 0.11
CA GLU B 1667 -6.51 -34.47 -0.54
C GLU B 1667 -6.33 -34.22 -2.04
N PHE B 1668 -5.61 -33.15 -2.40
CA PHE B 1668 -5.46 -32.80 -3.82
C PHE B 1668 -4.75 -33.94 -4.52
N VAL B 1669 -3.67 -34.43 -3.91
CA VAL B 1669 -2.86 -35.50 -4.56
C VAL B 1669 -3.74 -36.73 -4.74
N GLU B 1670 -4.53 -37.08 -3.72
CA GLU B 1670 -5.36 -38.30 -3.75
C GLU B 1670 -6.45 -38.19 -4.82
N ASN B 1671 -7.09 -37.03 -4.93
CA ASN B 1671 -8.26 -36.94 -5.85
C ASN B 1671 -7.76 -36.67 -7.27
N THR B 1672 -6.56 -36.13 -7.39
CA THR B 1672 -6.04 -35.92 -8.74
C THR B 1672 -5.16 -37.07 -9.22
N ASN B 1673 -4.99 -38.12 -8.41
CA ASN B 1673 -4.12 -39.26 -8.75
C ASN B 1673 -2.72 -38.78 -9.12
N LEU B 1674 -2.20 -37.85 -8.32
CA LEU B 1674 -0.91 -37.26 -8.63
C LEU B 1674 0.23 -38.25 -8.37
N GLU B 1675 0.13 -39.04 -7.31
CA GLU B 1675 1.13 -40.05 -6.99
C GLU B 1675 0.96 -41.35 -7.77
N GLU B 1676 -0.28 -41.83 -7.94
CA GLU B 1676 -0.50 -43.09 -8.62
C GLU B 1676 -0.01 -43.02 -10.07
N LYS B 1677 -0.31 -41.91 -10.75
CA LYS B 1677 0.15 -41.75 -12.13
C LYS B 1677 1.67 -41.72 -12.21
N MET B 1678 2.32 -41.02 -11.27
CA MET B 1678 3.78 -40.97 -11.26
C MET B 1678 4.37 -42.34 -11.02
N LYS B 1679 3.80 -43.10 -10.09
CA LYS B 1679 4.29 -44.45 -9.84
C LYS B 1679 4.14 -45.33 -11.06
N VAL B 1680 3.00 -45.23 -11.75
CA VAL B 1680 2.80 -46.01 -12.97
C VAL B 1680 3.82 -45.63 -14.03
N ARG B 1681 4.06 -44.32 -14.20
CA ARG B 1681 5.02 -43.87 -15.19
C ARG B 1681 6.42 -44.36 -14.87
N ILE B 1682 6.83 -44.29 -13.59
CA ILE B 1682 8.15 -44.75 -13.19
C ILE B 1682 8.29 -46.25 -13.45
N ALA B 1683 7.27 -47.01 -13.07
CA ALA B 1683 7.31 -48.46 -13.26
C ALA B 1683 7.40 -48.82 -14.73
N MET B 1684 6.61 -48.13 -15.58
CA MET B 1684 6.63 -48.46 -17.00
C MET B 1684 7.94 -48.06 -17.64
N ASN B 1685 8.52 -46.93 -17.23
CA ASN B 1685 9.82 -46.52 -17.77
C ASN B 1685 10.91 -47.50 -17.37
N GLU B 1686 10.91 -47.93 -16.10
CA GLU B 1686 11.91 -48.89 -15.65
C GLU B 1686 11.74 -50.23 -16.36
N ALA B 1687 10.49 -50.64 -16.58
CA ALA B 1687 10.23 -51.91 -17.27
C ALA B 1687 10.70 -51.85 -18.72
N GLU B 1688 10.40 -50.76 -19.43
CA GLU B 1688 10.79 -50.68 -20.83
C GLU B 1688 12.30 -50.52 -20.98
N LYS B 1689 12.94 -49.81 -20.05
CA LYS B 1689 14.39 -49.71 -20.08
C LYS B 1689 15.05 -50.99 -19.57
N GLY B 1690 14.42 -51.66 -18.61
CA GLY B 1690 14.98 -52.85 -18.00
C GLY B 1690 15.79 -52.59 -16.75
N GLN B 1691 16.11 -51.33 -16.46
CA GLN B 1691 16.83 -50.96 -15.24
C GLN B 1691 16.40 -49.55 -14.85
N ARG B 1692 16.52 -49.25 -13.56
CA ARG B 1692 16.01 -47.98 -13.03
C ARG B 1692 16.81 -46.81 -13.60
N ASP B 1693 16.11 -45.73 -13.91
CA ASP B 1693 16.72 -44.50 -14.38
C ASP B 1693 16.59 -43.44 -13.28
N ILE B 1694 17.73 -43.00 -12.75
CA ILE B 1694 17.72 -41.99 -11.70
C ILE B 1694 17.22 -40.67 -12.25
N VAL B 1695 17.61 -40.32 -13.47
CA VAL B 1695 17.25 -39.03 -14.04
C VAL B 1695 15.74 -38.92 -14.21
N PHE B 1696 15.11 -39.96 -14.74
CA PHE B 1696 13.67 -39.92 -14.96
C PHE B 1696 12.90 -39.83 -13.65
N GLU B 1697 13.32 -40.59 -12.64
CA GLU B 1697 12.66 -40.51 -11.34
C GLU B 1697 12.82 -39.13 -10.73
N LEU B 1698 14.01 -38.54 -10.86
CA LEU B 1698 14.23 -37.18 -10.37
C LEU B 1698 13.31 -36.20 -11.09
N LYS B 1699 13.18 -36.34 -12.41
CA LYS B 1699 12.30 -35.47 -13.17
C LYS B 1699 10.87 -35.58 -12.69
N GLU B 1700 10.38 -36.81 -12.51
CA GLU B 1700 9.00 -37.00 -12.07
C GLU B 1700 8.77 -36.44 -10.67
N MET B 1701 9.70 -36.68 -9.76
CA MET B 1701 9.52 -36.22 -8.38
C MET B 1701 9.57 -34.69 -8.33
N THR B 1702 10.48 -34.10 -9.10
CA THR B 1702 10.54 -32.65 -9.20
C THR B 1702 9.24 -32.08 -9.76
N ARG B 1703 8.69 -32.72 -10.80
CA ARG B 1703 7.41 -32.27 -11.34
C ARG B 1703 6.30 -32.36 -10.29
N PHE B 1704 6.31 -33.43 -9.50
CA PHE B 1704 5.30 -33.57 -8.46
C PHE B 1704 5.37 -32.41 -7.46
N TYR B 1705 6.56 -32.17 -6.90
CA TYR B 1705 6.68 -31.05 -5.96
C TYR B 1705 6.38 -29.72 -6.63
N GLN B 1706 6.72 -29.58 -7.91
CA GLN B 1706 6.55 -28.31 -8.60
C GLN B 1706 5.07 -28.00 -8.81
N VAL B 1707 4.29 -29.00 -9.24
CA VAL B 1707 2.85 -28.79 -9.38
C VAL B 1707 2.18 -28.63 -8.02
N CYS B 1708 2.69 -29.31 -6.99
CA CYS B 1708 2.14 -29.11 -5.65
C CYS B 1708 2.35 -27.68 -5.18
N TYR B 1709 3.56 -27.15 -5.39
CA TYR B 1709 3.84 -25.77 -5.03
C TYR B 1709 2.97 -24.80 -5.81
N GLU B 1710 2.79 -25.06 -7.12
CA GLU B 1710 1.93 -24.20 -7.92
C GLU B 1710 0.49 -24.23 -7.41
N TYR B 1711 -0.01 -25.42 -7.07
CA TYR B 1711 -1.37 -25.52 -6.56
C TYR B 1711 -1.53 -24.77 -5.25
N VAL B 1712 -0.60 -24.97 -4.32
CA VAL B 1712 -0.73 -24.31 -3.02
C VAL B 1712 -0.60 -22.80 -3.16
N LYS B 1713 0.31 -22.31 -4.00
CA LYS B 1713 0.42 -20.88 -4.27
C LYS B 1713 -0.84 -20.34 -4.93
N SER B 1714 -1.52 -21.14 -5.75
CA SER B 1714 -2.75 -20.71 -6.38
C SER B 1714 -3.86 -20.42 -5.38
N THR B 1715 -3.82 -21.06 -4.22
CA THR B 1715 -4.80 -20.81 -3.17
C THR B 1715 -4.44 -19.63 -2.28
N GLU B 1716 -3.29 -19.01 -2.51
CA GLU B 1716 -2.85 -17.84 -1.75
C GLU B 1716 -3.14 -16.58 -2.56
N HIS B 1717 -3.91 -15.67 -1.99
CA HIS B 1717 -4.26 -14.41 -2.63
C HIS B 1717 -3.75 -13.26 -1.77
N LYS B 1718 -2.97 -12.38 -2.38
CA LYS B 1718 -2.43 -11.20 -1.69
C LYS B 1718 -3.22 -9.99 -2.18
N ILE B 1719 -4.32 -9.68 -1.49
CA ILE B 1719 -5.14 -8.52 -1.79
C ILE B 1719 -4.89 -7.47 -0.71
N LYS B 1720 -4.29 -6.36 -1.12
CA LYS B 1720 -3.90 -5.29 -0.21
C LYS B 1720 -5.01 -4.23 -0.14
N VAL B 1721 -4.69 -3.06 0.40
CA VAL B 1721 -5.70 -2.03 0.65
C VAL B 1721 -6.36 -1.61 -0.67
N PHE B 1722 -7.68 -1.40 -0.62
CA PHE B 1722 -8.43 -0.89 -1.74
C PHE B 1722 -9.02 0.47 -1.39
N ILE B 1723 -9.33 1.26 -2.42
CA ILE B 1723 -10.01 2.54 -2.27
C ILE B 1723 -11.41 2.39 -2.83
N LEU B 1724 -12.41 2.57 -1.96
CA LEU B 1724 -13.80 2.33 -2.30
C LEU B 1724 -14.65 3.54 -1.94
N PRO B 1725 -15.79 3.72 -2.61
CA PRO B 1725 -16.65 4.88 -2.30
C PRO B 1725 -17.25 4.85 -0.91
N ALA B 1726 -17.10 3.76 -0.17
CA ALA B 1726 -17.47 3.69 1.23
C ALA B 1726 -16.48 2.75 1.92
N LYS B 1727 -16.75 2.40 3.18
CA LYS B 1727 -15.93 1.42 3.87
C LYS B 1727 -16.78 0.19 4.15
N SER B 1728 -16.27 -0.97 3.77
CA SER B 1728 -17.02 -2.21 3.92
C SER B 1728 -17.07 -2.64 5.39
N TYR B 1729 -18.11 -3.38 5.74
CA TYR B 1729 -18.22 -4.02 7.03
C TYR B 1729 -18.13 -5.53 6.97
N THR B 1730 -18.55 -6.13 5.87
CA THR B 1730 -18.46 -7.58 5.64
C THR B 1730 -17.94 -7.83 4.24
N THR B 1731 -17.64 -9.10 3.96
CA THR B 1731 -17.18 -9.48 2.64
C THR B 1731 -18.21 -9.15 1.57
N THR B 1732 -19.48 -9.34 1.88
CA THR B 1732 -20.54 -8.98 0.94
C THR B 1732 -20.48 -7.50 0.60
N ASP B 1733 -20.31 -6.64 1.61
CA ASP B 1733 -20.21 -5.21 1.37
C ASP B 1733 -18.97 -4.88 0.55
N PHE B 1734 -17.84 -5.54 0.83
CA PHE B 1734 -16.61 -5.26 0.10
C PHE B 1734 -16.75 -5.60 -1.38
N CYS B 1735 -17.30 -6.80 -1.68
CA CYS B 1735 -17.51 -7.18 -3.06
C CYS B 1735 -18.53 -6.26 -3.74
N SER B 1736 -19.57 -5.86 -3.00
CA SER B 1736 -20.57 -4.95 -3.56
C SER B 1736 -19.94 -3.61 -3.91
N LEU B 1737 -19.08 -3.08 -3.03
CA LEU B 1737 -18.41 -1.83 -3.31
C LEU B 1737 -17.49 -1.96 -4.53
N MET B 1738 -16.78 -3.08 -4.63
CA MET B 1738 -15.92 -3.30 -5.78
C MET B 1738 -16.71 -3.28 -7.09
N GLN B 1739 -17.78 -4.07 -7.16
CA GLN B 1739 -18.55 -4.12 -8.40
C GLN B 1739 -19.21 -2.78 -8.70
N GLY B 1740 -19.72 -2.10 -7.67
CA GLY B 1740 -20.31 -0.80 -7.90
C GLY B 1740 -19.33 0.22 -8.42
N ASN B 1741 -18.11 0.23 -7.88
CA ASN B 1741 -17.12 1.21 -8.28
C ASN B 1741 -16.49 0.89 -9.63
N LEU B 1742 -16.45 -0.38 -10.02
CA LEU B 1742 -15.69 -0.80 -11.21
C LEU B 1742 -16.59 -1.07 -12.41
N ILE B 1743 -17.60 -0.24 -12.64
CA ILE B 1743 -18.45 -0.41 -13.86
C ILE B 1743 -18.47 0.88 -14.69
N LYS B 1744 -19.01 1.96 -14.13
CA LYS B 1744 -19.11 3.25 -14.88
C LYS B 1744 -18.18 4.27 -14.25
N ASP B 1745 -17.40 4.97 -15.06
CA ASP B 1745 -16.45 5.99 -14.54
C ASP B 1745 -17.19 7.14 -13.87
N LYS B 1746 -18.29 7.61 -14.47
CA LYS B 1746 -18.97 8.82 -13.92
C LYS B 1746 -19.57 8.58 -12.54
N GLU B 1747 -20.26 7.45 -12.32
CA GLU B 1747 -20.96 7.24 -11.02
C GLU B 1747 -20.77 5.80 -10.54
N TRP B 1748 -20.96 5.56 -9.25
CA TRP B 1748 -20.83 4.19 -8.68
C TRP B 1748 -22.21 3.66 -8.33
N TYR B 1749 -22.48 2.38 -8.59
CA TYR B 1749 -23.82 1.80 -8.36
C TYR B 1749 -23.82 0.92 -7.11
N THR B 1750 -24.98 0.41 -6.72
CA THR B 1750 -25.10 -0.48 -5.52
C THR B 1750 -25.59 -1.84 -6.01
N VAL B 1751 -24.92 -2.93 -5.64
CA VAL B 1751 -25.31 -4.26 -6.21
C VAL B 1751 -25.91 -5.13 -5.10
N HIS B 1752 -26.84 -6.02 -5.46
CA HIS B 1752 -27.53 -6.85 -4.44
C HIS B 1752 -27.33 -8.34 -4.73
N TYR B 1753 -26.49 -9.03 -3.97
CA TYR B 1753 -26.28 -10.45 -4.32
C TYR B 1753 -27.56 -11.19 -3.95
N LEU B 1754 -28.26 -11.74 -4.94
CA LEU B 1754 -29.59 -12.36 -4.66
C LEU B 1754 -29.52 -13.55 -3.70
N LYS B 1755 -28.47 -14.38 -3.75
CA LYS B 1755 -28.49 -15.60 -2.91
C LYS B 1755 -27.25 -15.83 -2.04
N GLN B 1756 -27.07 -15.09 -0.94
CA GLN B 1756 -25.98 -15.40 0.02
C GLN B 1756 -24.62 -15.63 -0.65
N ILE B 1757 -24.06 -14.57 -1.26
CA ILE B 1757 -22.78 -14.67 -2.03
C ILE B 1757 -21.67 -15.43 -1.29
N LEU B 1758 -21.48 -15.20 0.01
CA LEU B 1758 -20.30 -15.82 0.67
C LEU B 1758 -20.38 -17.34 0.50
N SER B 1759 -21.52 -17.95 0.79
CA SER B 1759 -21.71 -19.40 0.51
C SER B 1759 -20.50 -20.20 1.04
N GLY B 1760 -20.04 -19.91 2.25
CA GLY B 1760 -18.94 -20.71 2.82
C GLY B 1760 -19.47 -21.94 3.53
N GLY B 1761 -20.03 -22.88 2.77
CA GLY B 1761 -20.58 -24.12 3.36
C GLY B 1761 -19.50 -24.98 4.01
N HIS B 1762 -18.34 -25.10 3.35
CA HIS B 1762 -17.24 -25.94 3.88
C HIS B 1762 -16.41 -25.10 4.86
N LYS B 1763 -16.28 -23.80 4.58
CA LYS B 1763 -15.48 -22.90 5.46
C LYS B 1763 -16.16 -22.76 6.82
N ALA B 1764 -17.49 -22.73 6.85
CA ALA B 1764 -18.23 -22.56 8.13
C ALA B 1764 -17.89 -23.74 9.05
N ILE B 1765 -17.80 -24.94 8.48
CA ILE B 1765 -17.41 -26.14 9.29
C ILE B 1765 -16.00 -25.92 9.83
N MET B 1766 -15.10 -25.37 9.00
CA MET B 1766 -13.72 -25.07 9.45
C MET B 1766 -13.77 -23.94 10.48
N GLN B 1767 -12.84 -23.94 11.46
CA GLN B 1767 -12.76 -22.82 12.43
C GLN B 1767 -14.11 -22.63 13.14
N HIS B 1768 -14.78 -23.72 13.53
CA HIS B 1768 -16.05 -23.59 14.31
C HIS B 1768 -15.78 -24.05 15.75
N ASN B 1769 -16.21 -23.28 16.75
CA ASN B 1769 -15.89 -23.61 18.16
C ASN B 1769 -17.09 -23.30 19.05
N ALA B 1770 -17.04 -23.70 20.33
CA ALA B 1770 -18.13 -23.39 21.28
C ALA B 1770 -18.47 -21.90 21.22
N THR B 1771 -17.51 -21.03 21.53
CA THR B 1771 -17.80 -19.60 21.56
C THR B 1771 -18.22 -19.09 20.20
N SER B 1772 -17.90 -19.81 19.12
CA SER B 1772 -18.22 -19.26 17.79
C SER B 1772 -19.74 -19.21 17.63
N GLU B 1773 -20.40 -20.34 17.89
CA GLU B 1773 -21.88 -20.40 17.72
C GLU B 1773 -22.53 -19.40 18.68
N GLN B 1774 -22.00 -19.29 19.90
CA GLN B 1774 -22.62 -18.38 20.90
C GLN B 1774 -22.52 -16.94 20.41
N ASN B 1775 -21.37 -16.52 19.86
CA ASN B 1775 -21.27 -15.14 19.33
C ASN B 1775 -22.24 -14.98 18.15
N ILE B 1776 -22.34 -15.99 17.29
CA ILE B 1776 -23.22 -15.88 16.09
C ILE B 1776 -24.66 -15.59 16.54
N ALA B 1777 -25.17 -16.28 17.56
CA ALA B 1777 -26.54 -16.14 18.05
C ALA B 1777 -26.78 -14.75 18.64
N PHE B 1778 -25.80 -14.23 19.38
CA PHE B 1778 -25.91 -12.89 19.95
C PHE B 1778 -26.15 -11.86 18.86
N GLU B 1779 -25.31 -11.89 17.83
CA GLU B 1779 -25.43 -10.93 16.73
C GLU B 1779 -26.75 -11.10 16.00
N CYS B 1780 -27.17 -12.35 15.77
CA CYS B 1780 -28.43 -12.63 15.09
C CYS B 1780 -29.60 -12.00 15.83
N PHE B 1781 -29.67 -12.22 17.14
CA PHE B 1781 -30.83 -11.73 17.87
C PHE B 1781 -30.77 -10.23 18.11
N LYS B 1782 -29.57 -9.67 18.30
CA LYS B 1782 -29.46 -8.21 18.34
C LYS B 1782 -30.00 -7.60 17.05
N LEU B 1783 -29.53 -8.12 15.90
CA LEU B 1783 -29.98 -7.61 14.61
C LEU B 1783 -31.49 -7.73 14.48
N ILE B 1784 -32.04 -8.91 14.77
CA ILE B 1784 -33.46 -9.12 14.50
C ILE B 1784 -34.33 -8.29 15.43
N THR B 1785 -33.95 -8.17 16.71
CA THR B 1785 -34.76 -7.36 17.62
C THR B 1785 -34.71 -5.89 17.26
N HIS B 1786 -33.51 -5.36 16.98
CA HIS B 1786 -33.41 -3.94 16.64
C HIS B 1786 -34.10 -3.64 15.32
N PHE B 1787 -33.97 -4.52 14.33
CA PHE B 1787 -34.70 -4.35 13.09
C PHE B 1787 -36.21 -4.37 13.33
N ALA B 1788 -36.67 -5.28 14.19
CA ALA B 1788 -38.10 -5.41 14.45
C ALA B 1788 -38.67 -4.14 15.07
N ASP B 1789 -37.98 -3.54 16.04
CA ASP B 1789 -38.56 -2.34 16.63
C ASP B 1789 -38.09 -1.07 15.95
N SER B 1790 -37.28 -1.17 14.89
CA SER B 1790 -36.88 0.01 14.13
C SER B 1790 -37.59 0.16 12.79
N PHE B 1791 -38.10 -0.92 12.21
CA PHE B 1791 -38.72 -0.84 10.89
C PHE B 1791 -40.12 -1.42 10.81
N ILE B 1792 -40.56 -2.20 11.79
CA ILE B 1792 -41.85 -2.89 11.73
C ILE B 1792 -42.83 -2.19 12.65
N ASP B 1793 -44.09 -2.16 12.23
CA ASP B 1793 -45.15 -1.59 13.06
C ASP B 1793 -45.21 -2.30 14.40
N SER B 1794 -45.41 -1.54 15.48
CA SER B 1794 -45.30 -2.09 16.82
C SER B 1794 -46.32 -3.20 17.06
N LEU B 1795 -47.54 -3.03 16.55
CA LEU B 1795 -48.58 -4.02 16.81
C LEU B 1795 -48.29 -5.35 16.11
N SER B 1796 -47.42 -5.34 15.10
CA SER B 1796 -47.09 -6.54 14.34
C SER B 1796 -45.67 -7.04 14.62
N ARG B 1797 -45.02 -6.53 15.66
CA ARG B 1797 -43.59 -6.90 15.89
C ARG B 1797 -43.47 -8.33 16.43
N SER B 1798 -44.48 -8.83 17.14
CA SER B 1798 -44.37 -10.15 17.77
C SER B 1798 -44.50 -11.27 16.73
N ALA B 1799 -45.50 -11.17 15.85
CA ALA B 1799 -45.68 -12.17 14.81
C ALA B 1799 -44.48 -12.22 13.88
N PHE B 1800 -43.93 -11.05 13.55
CA PHE B 1800 -42.73 -11.00 12.71
C PHE B 1800 -41.56 -11.73 13.37
N LEU B 1801 -41.34 -11.45 14.66
CA LEU B 1801 -40.25 -12.10 15.38
C LEU B 1801 -40.45 -13.61 15.43
N GLN B 1802 -41.68 -14.05 15.68
CA GLN B 1802 -41.97 -15.48 15.71
C GLN B 1802 -41.73 -16.12 14.35
N LEU B 1803 -42.14 -15.44 13.29
CA LEU B 1803 -41.94 -15.98 11.94
C LEU B 1803 -40.46 -16.11 11.62
N ILE B 1804 -39.67 -15.11 12.00
CA ILE B 1804 -38.22 -15.17 11.79
C ILE B 1804 -37.62 -16.32 12.60
N ILE B 1805 -38.01 -16.44 13.87
CA ILE B 1805 -37.41 -17.42 14.76
C ILE B 1805 -37.83 -18.83 14.33
N ASP B 1806 -38.91 -18.92 13.56
CA ASP B 1806 -39.39 -20.23 13.13
C ASP B 1806 -38.80 -20.65 11.78
N GLU B 1807 -38.83 -19.77 10.78
CA GLU B 1807 -38.50 -20.19 9.41
C GLU B 1807 -37.43 -19.30 8.80
N PHE B 1808 -36.35 -19.03 9.52
CA PHE B 1808 -35.22 -18.28 8.99
C PHE B 1808 -33.92 -18.90 9.46
N SER B 1809 -32.82 -18.42 8.87
CA SER B 1809 -31.49 -18.92 9.19
C SER B 1809 -30.48 -17.79 9.10
N TYR B 1810 -29.50 -17.82 10.01
CA TYR B 1810 -28.42 -16.83 10.04
C TYR B 1810 -27.09 -17.54 9.88
N LYS B 1811 -26.26 -17.05 8.96
CA LYS B 1811 -24.93 -17.60 8.72
C LYS B 1811 -24.98 -19.10 8.46
N ASP B 1812 -25.97 -19.52 7.65
CA ASP B 1812 -26.17 -20.92 7.30
C ASP B 1812 -26.46 -21.77 8.53
N VAL B 1813 -27.06 -21.16 9.55
CA VAL B 1813 -27.43 -21.84 10.78
C VAL B 1813 -28.89 -21.53 11.07
N LYS B 1814 -29.67 -22.56 11.39
CA LYS B 1814 -31.08 -22.37 11.70
C LYS B 1814 -31.24 -21.47 12.91
N VAL B 1815 -32.19 -20.54 12.83
CA VAL B 1815 -32.37 -19.56 13.90
C VAL B 1815 -32.85 -20.21 15.18
N SER B 1816 -33.70 -21.23 15.08
CA SER B 1816 -34.22 -21.89 16.27
C SER B 1816 -33.09 -22.51 17.09
N LYS B 1817 -32.08 -23.06 16.42
CA LYS B 1817 -30.91 -23.58 17.12
C LYS B 1817 -30.19 -22.47 17.88
N LEU B 1818 -30.08 -21.29 17.26
CA LEU B 1818 -29.48 -20.15 17.93
C LEU B 1818 -30.29 -19.73 19.14
N TYR B 1819 -31.62 -19.76 19.04
CA TYR B 1819 -32.46 -19.43 20.19
C TYR B 1819 -32.28 -20.43 21.32
N ASP B 1820 -32.17 -21.72 20.98
CA ASP B 1820 -31.90 -22.72 22.00
C ASP B 1820 -30.54 -22.48 22.65
N ILE B 1821 -29.55 -22.07 21.87
CA ILE B 1821 -28.25 -21.70 22.42
C ILE B 1821 -28.40 -20.53 23.38
N ILE B 1822 -29.22 -19.53 23.02
CA ILE B 1822 -29.42 -18.37 23.87
C ILE B 1822 -30.04 -18.79 25.20
N LYS B 1823 -31.09 -19.62 25.14
CA LYS B 1823 -31.77 -20.03 26.36
C LYS B 1823 -30.86 -20.86 27.25
N ASN B 1824 -30.07 -21.75 26.67
CA ASN B 1824 -29.22 -22.63 27.48
C ASN B 1824 -27.94 -21.94 27.92
N GLY B 1825 -27.60 -20.80 27.30
CA GLY B 1825 -26.40 -20.09 27.69
C GLY B 1825 -26.51 -19.48 29.07
N TYR B 1826 -25.36 -19.20 29.67
CA TYR B 1826 -25.36 -18.59 31.00
C TYR B 1826 -25.82 -17.14 30.95
N ASN B 1827 -25.39 -16.38 29.93
CA ASN B 1827 -25.70 -14.95 29.85
C ASN B 1827 -27.07 -14.72 29.22
N ARG B 1828 -28.09 -15.21 29.92
CA ARG B 1828 -29.47 -14.99 29.50
C ARG B 1828 -29.93 -13.57 29.76
N THR B 1829 -29.29 -12.86 30.69
CA THR B 1829 -29.76 -11.53 31.07
C THR B 1829 -29.56 -10.52 29.94
N ASP B 1830 -28.60 -10.78 29.04
CA ASP B 1830 -28.36 -9.85 27.95
C ASP B 1830 -29.51 -9.79 26.96
N PHE B 1831 -30.42 -10.76 26.99
CA PHE B 1831 -31.56 -10.81 26.08
C PHE B 1831 -32.86 -10.93 26.87
N ILE B 1832 -32.94 -10.22 28.00
CA ILE B 1832 -34.16 -10.26 28.81
C ILE B 1832 -35.39 -9.79 28.03
N PRO B 1833 -35.37 -8.65 27.32
CA PRO B 1833 -36.57 -8.29 26.56
C PRO B 1833 -36.98 -9.32 25.52
N LEU B 1834 -36.01 -9.95 24.87
CA LEU B 1834 -36.33 -11.00 23.89
C LEU B 1834 -36.99 -12.19 24.56
N LEU B 1835 -36.42 -12.64 25.68
CA LEU B 1835 -37.01 -13.77 26.40
C LEU B 1835 -38.38 -13.43 26.95
N PHE B 1836 -38.62 -12.15 27.24
CA PHE B 1836 -39.94 -11.74 27.74
C PHE B 1836 -40.92 -11.76 26.58
N ARG B 1837 -40.55 -11.12 25.48
CA ARG B 1837 -41.50 -11.03 24.34
C ARG B 1837 -41.79 -12.44 23.83
N THR B 1838 -40.78 -13.30 23.71
CA THR B 1838 -41.07 -14.64 23.13
C THR B 1838 -40.69 -15.75 24.10
N GLY B 1839 -41.65 -16.59 24.47
CA GLY B 1839 -41.38 -17.75 25.33
C GLY B 1839 -41.54 -17.41 26.80
N ASP B 1840 -41.52 -16.12 27.14
CA ASP B 1840 -41.76 -15.69 28.54
C ASP B 1840 -40.87 -16.48 29.50
N LEU B 1841 -39.58 -16.63 29.19
CA LEU B 1841 -38.67 -17.33 30.12
C LEU B 1841 -38.22 -16.34 31.19
N ARG B 1842 -38.53 -16.58 32.47
CA ARG B 1842 -38.25 -15.55 33.51
C ARG B 1842 -37.96 -16.16 34.88
N GLN B 1843 -37.78 -15.30 35.90
CA GLN B 1843 -37.57 -15.71 37.33
C GLN B 1843 -36.10 -16.04 37.59
N ALA B 1844 -35.39 -16.52 36.57
CA ALA B 1844 -33.97 -16.89 36.73
C ALA B 1844 -33.13 -15.78 36.11
N ASP B 1845 -33.52 -15.32 34.93
CA ASP B 1845 -32.79 -14.18 34.33
C ASP B 1845 -33.01 -12.97 35.24
N LEU B 1846 -34.23 -12.74 35.69
CA LEU B 1846 -34.54 -11.53 36.50
C LEU B 1846 -33.75 -11.59 37.79
N ASP B 1847 -33.65 -12.77 38.41
CA ASP B 1847 -32.94 -12.81 39.72
C ASP B 1847 -31.47 -12.41 39.50
N LYS B 1848 -30.83 -12.95 38.46
CA LYS B 1848 -29.41 -12.60 38.19
C LYS B 1848 -29.32 -11.12 37.88
N TYR B 1849 -30.31 -10.58 37.15
CA TYR B 1849 -30.31 -9.15 36.76
C TYR B 1849 -30.38 -8.27 38.01
N ASP B 1850 -31.20 -8.63 39.00
CA ASP B 1850 -31.19 -7.75 40.21
C ASP B 1850 -30.03 -8.17 41.10
N ALA B 1851 -29.33 -9.25 40.72
CA ALA B 1851 -28.25 -9.76 41.55
C ALA B 1851 -26.88 -9.24 41.18
N MET B 1852 -26.55 -9.05 39.89
CA MET B 1852 -25.20 -8.59 39.57
C MET B 1852 -25.01 -7.10 39.86
N LYS B 1853 -25.97 -6.46 40.52
CA LYS B 1853 -25.75 -5.12 41.04
C LYS B 1853 -24.79 -5.11 42.22
N SER B 1854 -24.20 -6.25 42.57
CA SER B 1854 -23.14 -6.29 43.57
C SER B 1854 -22.00 -5.36 43.18
N HIS B 1855 -21.53 -5.47 41.94
CA HIS B 1855 -20.71 -4.43 41.33
C HIS B 1855 -21.65 -3.43 40.65
N GLU B 1856 -21.29 -2.16 40.72
CA GLU B 1856 -22.16 -1.11 40.22
C GLU B 1856 -22.49 -1.34 38.75
N ARG B 1857 -23.79 -1.43 38.45
CA ARG B 1857 -24.27 -1.69 37.10
C ARG B 1857 -24.94 -0.44 36.57
N VAL B 1858 -24.73 -0.18 35.29
CA VAL B 1858 -25.30 0.99 34.62
C VAL B 1858 -26.16 0.52 33.45
N THR B 1859 -27.34 1.10 33.32
CA THR B 1859 -28.22 0.85 32.20
C THR B 1859 -28.47 2.16 31.46
N TRP B 1860 -28.84 2.03 30.18
CA TRP B 1860 -29.19 3.19 29.36
C TRP B 1860 -30.62 2.98 28.87
N ASN B 1861 -31.55 3.73 29.46
CA ASN B 1861 -32.96 3.58 29.08
C ASN B 1861 -33.18 3.96 27.63
N ASP B 1862 -32.49 5.00 27.15
CA ASP B 1862 -32.58 5.41 25.76
C ASP B 1862 -31.18 5.68 25.25
N TRP B 1863 -30.86 5.12 24.08
CA TRP B 1863 -29.56 5.35 23.47
C TRP B 1863 -29.41 6.82 23.06
N GLN B 1864 -28.20 7.35 23.18
CA GLN B 1864 -27.94 8.76 22.82
C GLN B 1864 -27.67 8.83 21.32
N THR B 1865 -28.29 9.76 20.60
CA THR B 1865 -28.13 9.80 19.12
C THR B 1865 -26.67 10.09 18.77
N SER B 1866 -26.02 10.99 19.50
CA SER B 1866 -24.58 11.27 19.28
C SER B 1866 -23.82 11.13 20.58
N ARG B 1867 -22.84 10.22 20.63
CA ARG B 1867 -22.14 9.95 21.88
C ARG B 1867 -20.94 10.86 22.12
N HIS B 1868 -20.23 11.25 21.07
CA HIS B 1868 -19.06 12.11 21.21
C HIS B 1868 -19.37 13.59 21.01
N LEU B 1869 -20.27 13.93 20.09
CA LEU B 1869 -20.69 15.31 19.93
C LEU B 1869 -21.65 15.76 21.01
N ASP B 1870 -22.11 14.84 21.87
CA ASP B 1870 -23.03 15.15 22.97
C ASP B 1870 -24.30 15.78 22.41
N MET B 1871 -25.13 14.96 21.75
CA MET B 1871 -26.34 15.53 21.11
C MET B 1871 -27.44 14.47 21.03
N GLY B 1872 -28.01 14.07 22.17
CA GLY B 1872 -29.12 13.11 22.15
C GLY B 1872 -29.90 13.11 23.45
N SER B 1873 -31.07 12.48 23.47
CA SER B 1873 -31.82 12.36 24.74
C SER B 1873 -31.14 11.31 25.61
N ILE B 1874 -30.81 11.66 26.86
CA ILE B 1874 -30.08 10.73 27.71
C ILE B 1874 -30.98 10.32 28.87
N ASN B 1875 -31.07 9.02 29.10
CA ASN B 1875 -31.78 8.46 30.26
C ASN B 1875 -30.92 7.36 30.84
N LEU B 1876 -30.39 7.60 32.03
CA LEU B 1876 -29.38 6.72 32.61
C LEU B 1876 -29.82 6.30 34.01
N THR B 1877 -29.45 5.08 34.40
CA THR B 1877 -29.74 4.55 35.72
C THR B 1877 -28.58 3.69 36.20
N ILE B 1878 -28.12 3.94 37.41
CA ILE B 1878 -27.05 3.18 38.04
C ILE B 1878 -27.58 2.64 39.37
N THR B 1879 -27.42 1.34 39.59
CA THR B 1879 -27.97 0.67 40.75
C THR B 1879 -26.87 -0.08 41.51
N GLY B 1880 -26.91 0.03 42.84
CA GLY B 1880 -26.00 -0.69 43.70
C GLY B 1880 -26.70 -1.10 44.97
N TYR B 1881 -25.88 -1.42 45.99
CA TYR B 1881 -26.42 -1.78 47.29
C TYR B 1881 -27.18 -0.61 47.91
N ASN B 1882 -28.51 -0.75 47.97
CA ASN B 1882 -29.37 0.25 48.61
C ASN B 1882 -29.16 1.64 48.05
N ARG B 1883 -28.89 1.74 46.76
CA ARG B 1883 -28.61 3.02 46.12
C ARG B 1883 -29.02 2.94 44.66
N SER B 1884 -29.58 4.03 44.14
CA SER B 1884 -30.03 4.08 42.75
C SER B 1884 -30.20 5.52 42.34
N ILE B 1885 -29.55 5.88 41.23
CA ILE B 1885 -29.62 7.24 40.68
C ILE B 1885 -30.16 7.14 39.25
N THR B 1886 -30.99 8.11 38.89
CA THR B 1886 -31.55 8.20 37.55
C THR B 1886 -31.29 9.59 37.00
N ILE B 1887 -30.72 9.67 35.80
CA ILE B 1887 -30.28 10.92 35.21
C ILE B 1887 -31.12 11.17 33.97
N ILE B 1888 -31.75 12.35 33.91
CA ILE B 1888 -32.58 12.76 32.79
C ILE B 1888 -32.02 14.06 32.24
N GLY B 1889 -31.79 14.09 30.93
CA GLY B 1889 -31.30 15.29 30.28
C GLY B 1889 -31.39 15.16 28.78
N GLU B 1890 -31.10 16.26 28.09
CA GLU B 1890 -31.12 16.30 26.64
C GLU B 1890 -29.97 17.16 26.15
N ASP B 1891 -29.14 16.60 25.26
CA ASP B 1891 -28.01 17.29 24.64
C ASP B 1891 -27.09 17.80 25.75
N ASN B 1892 -26.76 19.08 25.79
CA ASN B 1892 -25.74 19.61 26.69
C ASN B 1892 -26.29 19.98 28.06
N LYS B 1893 -27.60 19.88 28.29
CA LYS B 1893 -28.21 20.29 29.54
C LYS B 1893 -28.76 19.09 30.27
N LEU B 1894 -28.44 18.98 31.56
CA LEU B 1894 -28.96 17.95 32.43
C LEU B 1894 -30.12 18.54 33.22
N THR B 1895 -31.31 17.96 33.08
CA THR B 1895 -32.49 18.52 33.73
C THR B 1895 -32.45 18.27 35.24
N TYR B 1896 -32.48 17.01 35.64
CA TYR B 1896 -32.51 16.67 37.06
C TYR B 1896 -32.00 15.25 37.23
N ALA B 1897 -31.63 14.93 38.47
CA ALA B 1897 -31.15 13.60 38.83
C ALA B 1897 -31.92 13.14 40.06
N GLU B 1898 -32.53 11.95 39.97
CA GLU B 1898 -33.28 11.41 41.10
C GLU B 1898 -32.42 10.38 41.81
N LEU B 1899 -32.18 10.59 43.10
CA LEU B 1899 -31.38 9.69 43.93
C LEU B 1899 -32.31 9.04 44.95
N CYS B 1900 -32.63 7.78 44.73
CA CYS B 1900 -33.44 7.00 45.66
C CYS B 1900 -32.53 6.21 46.59
N LEU B 1901 -31.87 6.95 47.49
CA LEU B 1901 -30.99 6.34 48.47
C LEU B 1901 -31.80 5.74 49.62
N THR B 1902 -31.18 4.79 50.31
CA THR B 1902 -31.88 4.09 51.39
C THR B 1902 -32.12 4.99 52.59
N ARG B 1903 -31.19 5.91 52.88
CA ARG B 1903 -31.26 6.74 54.06
C ARG B 1903 -30.92 8.18 53.70
N LYS B 1904 -31.53 9.11 54.44
CA LYS B 1904 -31.54 10.52 54.08
C LYS B 1904 -30.38 11.31 54.71
N THR B 1905 -29.56 10.67 55.52
CA THR B 1905 -28.51 11.39 56.24
C THR B 1905 -27.52 12.00 55.25
N PRO B 1906 -27.01 13.22 55.52
CA PRO B 1906 -26.08 13.85 54.57
C PRO B 1906 -24.69 13.23 54.54
N GLU B 1907 -24.45 12.17 55.31
CA GLU B 1907 -23.18 11.45 55.20
C GLU B 1907 -23.27 10.33 54.17
N ASN B 1908 -24.39 9.60 54.16
CA ASN B 1908 -24.59 8.57 53.15
C ASN B 1908 -24.69 9.15 51.75
N ILE B 1909 -25.09 10.41 51.62
CA ILE B 1909 -25.31 10.99 50.30
C ILE B 1909 -24.01 11.06 49.51
N THR B 1910 -22.92 11.46 50.17
CA THR B 1910 -21.65 11.63 49.46
C THR B 1910 -21.03 10.30 49.07
N ILE B 1911 -21.02 9.33 49.99
CA ILE B 1911 -20.49 8.00 49.67
C ILE B 1911 -21.33 7.35 48.57
N SER B 1912 -22.66 7.51 48.64
CA SER B 1912 -23.51 6.98 47.59
C SER B 1912 -23.21 7.65 46.25
N GLY B 1913 -23.00 8.97 46.25
CA GLY B 1913 -22.71 9.66 45.01
C GLY B 1913 -21.40 9.22 44.39
N ARG B 1914 -20.34 9.12 45.19
CA ARG B 1914 -19.07 8.69 44.64
C ARG B 1914 -19.15 7.24 44.14
N LYS B 1915 -19.79 6.36 44.91
CA LYS B 1915 -19.90 4.97 44.48
C LYS B 1915 -20.70 4.85 43.18
N LEU B 1916 -21.79 5.62 43.07
CA LEU B 1916 -22.64 5.52 41.88
C LEU B 1916 -21.96 6.13 40.66
N LEU B 1917 -21.31 7.28 40.81
CA LEU B 1917 -20.71 7.97 39.69
C LEU B 1917 -19.31 7.46 39.34
N GLY B 1918 -18.73 6.59 40.17
CA GLY B 1918 -17.46 6.00 39.85
C GLY B 1918 -17.53 4.78 38.95
N SER B 1919 -18.72 4.38 38.54
CA SER B 1919 -18.88 3.20 37.71
C SER B 1919 -18.61 3.52 36.24
N ARG B 1920 -18.68 2.50 35.39
CA ARG B 1920 -18.42 2.70 33.94
C ARG B 1920 -19.68 3.26 33.27
N HIS B 1921 -20.22 4.36 33.79
CA HIS B 1921 -21.48 4.93 33.24
C HIS B 1921 -21.26 5.39 31.79
N GLY B 1922 -20.12 6.00 31.50
CA GLY B 1922 -19.82 6.46 30.13
C GLY B 1922 -20.36 7.85 29.87
N LEU B 1923 -21.01 8.47 30.84
CA LEU B 1923 -21.46 9.88 30.68
C LEU B 1923 -20.27 10.77 31.02
N LYS B 1924 -19.69 11.45 30.04
CA LYS B 1924 -18.49 12.24 30.27
C LYS B 1924 -18.67 13.29 31.33
N PHE B 1925 -19.90 13.77 31.56
CA PHE B 1925 -20.17 14.87 32.48
C PHE B 1925 -19.36 16.10 32.10
N GLU B 1926 -19.09 16.25 30.81
CA GLU B 1926 -18.46 17.45 30.28
C GLU B 1926 -19.47 18.46 29.77
N ASN B 1927 -20.69 18.44 30.31
CA ASN B 1927 -21.71 19.40 29.94
C ASN B 1927 -21.41 20.74 30.59
N MET B 1928 -20.76 21.62 29.82
CA MET B 1928 -20.41 22.97 30.34
C MET B 1928 -21.69 23.72 30.68
N SER B 1929 -22.80 23.00 30.82
CA SER B 1929 -24.05 23.64 31.27
C SER B 1929 -23.96 23.73 32.79
N LYS B 1930 -23.04 24.55 33.31
CA LYS B 1930 -22.94 24.74 34.77
C LYS B 1930 -24.26 25.33 35.21
N ILE B 1931 -24.77 24.90 36.36
CA ILE B 1931 -26.12 25.37 36.76
C ILE B 1931 -25.97 26.45 37.84
N GLN B 1932 -26.85 27.45 37.80
CA GLN B 1932 -26.84 28.47 38.87
C GLN B 1932 -27.15 27.75 40.17
N THR B 1933 -26.45 28.10 41.25
CA THR B 1933 -26.62 27.36 42.53
C THR B 1933 -27.66 28.02 43.43
N TYR B 1934 -28.58 27.24 44.01
CA TYR B 1934 -29.57 27.74 44.95
C TYR B 1934 -29.22 27.23 46.34
N PRO B 1935 -29.49 27.99 47.41
CA PRO B 1935 -29.18 27.51 48.76
C PRO B 1935 -29.89 26.21 49.08
N GLY B 1936 -29.23 25.33 49.83
CA GLY B 1936 -29.78 24.03 50.11
C GLY B 1936 -29.55 23.06 48.97
N ASN B 1937 -30.18 21.89 49.11
CA ASN B 1937 -30.20 20.80 48.12
C ASN B 1937 -28.80 20.36 47.71
N TYR B 1938 -28.72 19.49 46.70
CA TYR B 1938 -27.44 18.89 46.31
C TYR B 1938 -27.28 18.94 44.81
N TYR B 1939 -26.04 19.11 44.35
CA TYR B 1939 -25.71 19.20 42.94
C TYR B 1939 -24.60 18.20 42.60
N ILE B 1940 -24.69 17.60 41.42
CA ILE B 1940 -23.57 16.85 40.87
C ILE B 1940 -22.53 17.84 40.37
N THR B 1941 -21.25 17.52 40.61
CA THR B 1941 -20.17 18.38 40.13
C THR B 1941 -18.99 17.50 39.77
N TYR B 1942 -18.23 18.00 38.80
CA TYR B 1942 -17.04 17.26 38.31
C TYR B 1942 -15.78 18.10 38.54
N ARG B 1943 -14.90 17.63 39.42
CA ARG B 1943 -13.60 18.32 39.66
C ARG B 1943 -12.63 17.85 38.57
N LYS B 1944 -11.51 18.54 38.41
CA LYS B 1944 -10.55 18.17 37.34
C LYS B 1944 -9.35 17.42 37.92
N LYS B 1945 -9.01 16.27 37.36
CA LYS B 1945 -7.77 15.56 37.77
C LYS B 1945 -6.93 15.45 36.49
N ASP B 1946 -5.61 15.65 36.58
CA ASP B 1946 -4.74 15.63 35.42
C ASP B 1946 -4.94 14.35 34.61
N ARG B 1947 -4.46 14.38 33.36
CA ARG B 1947 -4.65 13.34 32.37
C ARG B 1947 -6.13 13.22 31.99
N HIS B 1948 -6.89 14.30 32.21
CA HIS B 1948 -8.32 14.35 31.89
C HIS B 1948 -9.11 13.26 32.61
N GLN B 1949 -8.70 12.92 33.83
CA GLN B 1949 -9.42 11.95 34.64
C GLN B 1949 -10.33 12.67 35.64
N PHE B 1950 -11.31 13.38 35.08
CA PHE B 1950 -12.24 14.14 35.91
C PHE B 1950 -12.98 13.23 36.88
N VAL B 1951 -13.08 13.67 38.14
CA VAL B 1951 -13.75 12.92 39.18
C VAL B 1951 -15.13 13.53 39.40
N TYR B 1952 -16.15 12.66 39.46
CA TYR B 1952 -17.53 13.09 39.61
C TYR B 1952 -17.97 12.85 41.04
N GLN B 1953 -18.50 13.90 41.68
CA GLN B 1953 -18.91 13.83 43.07
C GLN B 1953 -20.23 14.58 43.24
N ILE B 1954 -20.91 14.27 44.34
CA ILE B 1954 -22.13 14.95 44.74
C ILE B 1954 -21.78 15.85 45.93
N HIS B 1955 -22.24 17.09 45.89
CA HIS B 1955 -21.93 18.07 46.93
C HIS B 1955 -23.13 18.98 47.15
N SER B 1956 -23.14 19.62 48.32
CA SER B 1956 -24.20 20.55 48.66
C SER B 1956 -23.86 21.94 48.16
N HIS B 1957 -24.86 22.83 48.15
CA HIS B 1957 -24.65 24.20 47.70
C HIS B 1957 -23.64 24.93 48.57
N GLU B 1958 -23.86 24.93 49.90
CA GLU B 1958 -22.96 25.66 50.78
C GLU B 1958 -21.56 25.08 50.76
N SER B 1959 -21.44 23.75 50.68
CA SER B 1959 -20.13 23.13 50.59
C SER B 1959 -19.42 23.55 49.31
N ILE B 1960 -20.13 23.52 48.18
CA ILE B 1960 -19.53 23.90 46.91
C ILE B 1960 -19.04 25.35 46.97
N THR B 1961 -19.90 26.25 47.45
CA THR B 1961 -19.53 27.66 47.51
C THR B 1961 -18.35 27.88 48.44
N ARG B 1962 -18.35 27.24 49.61
CA ARG B 1962 -17.29 27.44 50.58
C ARG B 1962 -15.96 26.92 50.05
N ARG B 1963 -15.96 25.72 49.47
CA ARG B 1963 -14.71 25.18 48.92
C ARG B 1963 -14.20 26.01 47.76
N ASN B 1964 -15.10 26.50 46.90
CA ASN B 1964 -14.65 27.32 45.77
C ASN B 1964 -14.09 28.65 46.25
N GLU B 1965 -14.72 29.27 47.25
CA GLU B 1965 -14.20 30.52 47.79
C GLU B 1965 -12.85 30.30 48.47
N GLU B 1966 -12.69 29.17 49.18
CA GLU B 1966 -11.40 28.86 49.77
C GLU B 1966 -10.33 28.66 48.72
N HIS B 1967 -10.68 27.98 47.61
CA HIS B 1967 -9.70 27.71 46.58
C HIS B 1967 -9.42 28.94 45.73
N MET B 1968 -10.21 30.01 45.92
CA MET B 1968 -9.94 31.26 45.23
C MET B 1968 -8.62 31.87 45.68
N ALA B 1969 -8.12 31.50 46.86
CA ALA B 1969 -6.85 32.01 47.34
C ALA B 1969 -5.72 31.59 46.40
N ILE B 1970 -4.78 32.51 46.18
CA ILE B 1970 -3.69 32.29 45.24
C ILE B 1970 -2.70 31.27 45.79
N ILE B 1974 -2.64 25.38 39.40
CA ILE B 1974 -3.77 25.66 38.51
C ILE B 1974 -5.06 25.79 39.32
N TYR B 1975 -5.87 26.79 38.96
CA TYR B 1975 -7.16 27.00 39.67
C TYR B 1975 -8.14 25.92 39.22
N ASN B 1976 -8.37 24.92 40.08
CA ASN B 1976 -9.34 23.83 39.77
C ASN B 1976 -10.61 24.10 40.56
N GLU B 1977 -11.71 24.40 39.87
CA GLU B 1977 -12.97 24.76 40.56
C GLU B 1977 -13.99 23.66 40.25
N ILE B 1978 -14.78 23.28 41.24
CA ILE B 1978 -15.83 22.30 41.01
C ILE B 1978 -17.04 23.00 40.39
N THR B 1979 -17.48 22.51 39.23
CA THR B 1979 -18.58 23.13 38.51
C THR B 1979 -19.84 22.31 38.70
N PRO B 1980 -20.83 22.80 39.44
CA PRO B 1980 -22.05 22.02 39.67
C PRO B 1980 -22.86 21.90 38.39
N VAL B 1981 -23.13 20.66 37.99
CA VAL B 1981 -23.96 20.35 36.83
C VAL B 1981 -25.09 19.44 37.28
N CYS B 1982 -26.32 19.78 36.90
CA CYS B 1982 -27.51 19.01 37.24
C CYS B 1982 -27.85 19.11 38.72
N VAL B 1983 -29.13 18.94 39.06
CA VAL B 1983 -29.60 19.01 40.43
C VAL B 1983 -30.00 17.60 40.87
N VAL B 1984 -29.89 17.34 42.16
CA VAL B 1984 -30.15 16.02 42.73
C VAL B 1984 -31.38 16.09 43.62
N ASN B 1985 -32.32 15.19 43.39
CA ASN B 1985 -33.48 15.01 44.26
C ASN B 1985 -33.24 13.78 45.12
N VAL B 1986 -33.35 13.95 46.43
CA VAL B 1986 -32.98 12.93 47.40
C VAL B 1986 -34.23 12.43 48.10
N ALA B 1987 -34.40 11.11 48.11
CA ALA B 1987 -35.53 10.47 48.77
C ALA B 1987 -35.08 9.15 49.38
N GLU B 1988 -35.87 8.66 50.33
CA GLU B 1988 -35.57 7.41 51.03
C GLU B 1988 -36.49 6.31 50.50
N VAL B 1989 -35.89 5.17 50.12
CA VAL B 1989 -36.62 4.04 49.58
C VAL B 1989 -36.07 2.78 50.24
N ASP B 1990 -36.88 1.72 50.23
CA ASP B 1990 -36.52 0.46 50.84
C ASP B 1990 -35.56 -0.33 49.95
N GLY B 1991 -35.10 -1.47 50.46
CA GLY B 1991 -34.19 -2.32 49.73
C GLY B 1991 -34.86 -3.55 49.14
N ASP B 1992 -36.17 -3.51 49.01
CA ASP B 1992 -36.92 -4.64 48.49
C ASP B 1992 -36.55 -4.93 47.04
N GLN B 1993 -36.63 -6.20 46.66
CA GLN B 1993 -36.40 -6.58 45.27
C GLN B 1993 -37.39 -5.86 44.36
N ARG B 1994 -36.90 -5.42 43.21
CA ARG B 1994 -37.68 -4.55 42.32
C ARG B 1994 -38.14 -5.23 41.05
N ILE B 1995 -37.91 -6.53 40.89
CA ILE B 1995 -38.39 -7.29 39.74
C ILE B 1995 -39.19 -8.49 40.23
N LEU B 1996 -40.41 -8.61 39.71
CA LEU B 1996 -41.27 -9.80 39.98
C LEU B 1996 -41.77 -10.22 38.61
N ILE B 1997 -41.79 -11.51 38.28
CA ILE B 1997 -42.16 -11.93 36.89
C ILE B 1997 -43.57 -11.44 36.58
N ARG B 1998 -44.49 -11.52 37.56
CA ARG B 1998 -45.90 -11.12 37.35
C ARG B 1998 -45.99 -9.64 36.99
N SER B 1999 -45.18 -8.79 37.62
CA SER B 1999 -45.29 -7.32 37.41
C SER B 1999 -45.01 -6.91 35.97
N LEU B 2000 -44.03 -7.53 35.31
CA LEU B 2000 -43.61 -7.09 33.96
C LEU B 2000 -44.77 -6.85 33.00
N ASP B 2001 -45.79 -7.70 32.97
CA ASP B 2001 -46.83 -7.54 31.96
C ASP B 2001 -47.56 -6.21 32.13
N TYR B 2002 -47.75 -5.80 33.37
CA TYR B 2002 -48.46 -4.52 33.66
C TYR B 2002 -47.58 -3.34 33.21
N LEU B 2003 -46.33 -3.32 33.66
CA LEU B 2003 -45.43 -2.17 33.35
C LEU B 2003 -45.21 -2.10 31.83
N ASN B 2004 -45.06 -3.24 31.16
CA ASN B 2004 -44.74 -3.25 29.72
C ASN B 2004 -46.01 -3.31 28.86
N ASN B 2005 -47.20 -3.25 29.46
CA ASN B 2005 -48.44 -3.39 28.66
C ASN B 2005 -48.54 -2.25 27.65
N ASP B 2006 -48.26 -1.02 28.09
CA ASP B 2006 -48.38 0.17 27.20
C ASP B 2006 -47.36 0.10 26.06
N ILE B 2007 -46.14 -0.33 26.34
CA ILE B 2007 -45.07 -0.28 25.30
C ILE B 2007 -44.99 -1.60 24.52
N PHE B 2008 -44.68 -1.51 23.23
CA PHE B 2008 -44.47 -2.73 22.45
C PHE B 2008 -43.13 -2.59 21.73
N SER B 2009 -42.05 -3.00 22.40
CA SER B 2009 -40.71 -2.98 21.84
C SER B 2009 -40.01 -4.29 22.19
N LEU B 2010 -39.44 -4.94 21.18
CA LEU B 2010 -38.83 -6.24 21.39
C LEU B 2010 -37.47 -6.13 22.09
N SER B 2011 -36.71 -5.08 21.80
CA SER B 2011 -35.38 -4.94 22.38
C SER B 2011 -35.36 -4.14 23.68
N ARG B 2012 -36.50 -3.60 24.11
CA ARG B 2012 -36.55 -2.75 25.29
C ARG B 2012 -37.83 -3.00 26.07
N ILE B 2013 -37.70 -3.29 27.35
CA ILE B 2013 -38.84 -3.44 28.26
C ILE B 2013 -38.55 -2.67 29.53
N LYS B 2014 -39.61 -2.25 30.21
CA LYS B 2014 -39.50 -1.54 31.48
C LYS B 2014 -39.31 -2.57 32.59
N VAL B 2015 -38.05 -2.91 32.88
CA VAL B 2015 -37.77 -3.81 33.99
C VAL B 2015 -38.18 -3.18 35.31
N GLY B 2016 -38.08 -1.84 35.39
CA GLY B 2016 -38.62 -1.11 36.52
C GLY B 2016 -39.54 0.00 36.02
N LEU B 2017 -40.05 0.79 36.97
CA LEU B 2017 -40.90 1.90 36.60
C LEU B 2017 -40.14 2.92 35.77
N ASP B 2018 -38.92 3.25 36.19
CA ASP B 2018 -38.03 4.11 35.40
C ASP B 2018 -36.80 3.38 34.90
N GLU B 2019 -36.70 2.07 35.13
CA GLU B 2019 -35.56 1.28 34.70
C GLU B 2019 -35.95 0.44 33.50
N PHE B 2020 -35.14 0.47 32.46
CA PHE B 2020 -35.40 -0.24 31.22
C PHE B 2020 -34.37 -1.33 31.02
N ALA B 2021 -34.85 -2.55 30.76
CA ALA B 2021 -33.96 -3.62 30.32
C ALA B 2021 -33.77 -3.52 28.81
N THR B 2022 -32.52 -3.48 28.37
CA THR B 2022 -32.20 -3.19 26.98
C THR B 2022 -31.30 -4.28 26.41
N ILE B 2023 -31.32 -4.39 25.09
CA ILE B 2023 -30.48 -5.31 24.35
C ILE B 2023 -29.42 -4.51 23.60
N LYS B 2024 -28.18 -4.98 23.62
CA LYS B 2024 -27.10 -4.30 22.94
C LYS B 2024 -27.41 -4.17 21.45
N LYS B 2025 -26.93 -3.07 20.87
CA LYS B 2025 -27.15 -2.79 19.47
C LYS B 2025 -26.03 -3.40 18.63
N ALA B 2026 -26.33 -3.61 17.35
CA ALA B 2026 -25.36 -4.13 16.40
C ALA B 2026 -25.62 -3.51 15.03
N HIS B 2027 -24.57 -3.41 14.24
CA HIS B 2027 -24.69 -2.78 12.93
C HIS B 2027 -25.59 -3.60 12.00
N PHE B 2028 -26.32 -2.91 11.14
CA PHE B 2028 -27.28 -3.56 10.26
C PHE B 2028 -26.64 -4.09 8.98
N SER B 2029 -25.34 -3.89 8.79
CA SER B 2029 -24.67 -4.43 7.61
C SER B 2029 -24.66 -5.95 7.61
N LYS B 2030 -24.74 -6.57 8.80
CA LYS B 2030 -24.68 -8.05 8.90
C LYS B 2030 -26.03 -8.65 8.55
N MET B 2031 -27.02 -7.82 8.27
CA MET B 2031 -28.38 -8.30 8.00
C MET B 2031 -28.48 -9.11 6.71
N VAL B 2032 -27.50 -8.99 5.81
CA VAL B 2032 -27.54 -9.73 4.56
C VAL B 2032 -27.42 -11.24 4.79
N SER B 2033 -26.75 -11.65 5.86
CA SER B 2033 -26.53 -13.07 6.13
C SER B 2033 -27.83 -13.80 6.49
N PHE B 2034 -28.89 -13.07 6.82
CA PHE B 2034 -30.18 -13.71 7.09
C PHE B 2034 -30.73 -14.34 5.82
N GLU B 2035 -31.33 -15.51 5.98
CA GLU B 2035 -31.89 -16.26 4.85
C GLU B 2035 -33.24 -16.84 5.27
N GLY B 2036 -34.22 -16.74 4.37
CA GLY B 2036 -35.54 -17.28 4.62
C GLY B 2036 -36.50 -17.00 3.49
N PRO B 2037 -37.67 -17.64 3.53
CA PRO B 2037 -38.68 -17.41 2.50
C PRO B 2037 -39.26 -16.01 2.61
N PRO B 2038 -39.78 -15.46 1.52
CA PRO B 2038 -40.34 -14.10 1.57
C PRO B 2038 -41.48 -14.00 2.57
N ILE B 2039 -41.53 -12.88 3.27
CA ILE B 2039 -42.60 -12.57 4.21
C ILE B 2039 -43.55 -11.61 3.51
N LYS B 2040 -44.81 -12.01 3.38
CA LYS B 2040 -45.75 -11.31 2.52
C LYS B 2040 -46.68 -10.46 3.38
N THR B 2041 -46.31 -9.18 3.52
CA THR B 2041 -47.17 -8.24 4.28
C THR B 2041 -47.91 -7.39 3.24
N GLY B 2042 -48.96 -7.94 2.64
CA GLY B 2042 -49.67 -7.24 1.56
C GLY B 2042 -48.73 -6.98 0.39
N LEU B 2043 -48.73 -5.76 -0.14
CA LEU B 2043 -47.85 -5.41 -1.29
C LEU B 2043 -46.38 -5.50 -0.88
N LEU B 2044 -46.03 -5.04 0.32
CA LEU B 2044 -44.60 -4.99 0.74
C LEU B 2044 -44.04 -6.39 1.02
N ASP B 2045 -42.79 -6.64 0.64
CA ASP B 2045 -42.11 -7.93 0.98
C ASP B 2045 -41.02 -7.56 1.99
N LEU B 2046 -41.03 -8.15 3.18
CA LEU B 2046 -40.08 -7.70 4.20
C LEU B 2046 -38.74 -8.40 4.06
N THR B 2047 -38.72 -9.58 3.44
CA THR B 2047 -37.46 -10.29 3.25
C THR B 2047 -36.52 -9.51 2.34
N GLU B 2048 -37.05 -8.93 1.26
CA GLU B 2048 -36.21 -8.11 0.40
C GLU B 2048 -35.86 -6.78 1.05
N LEU B 2049 -36.76 -6.26 1.89
CA LEU B 2049 -36.43 -5.05 2.66
C LEU B 2049 -35.24 -5.30 3.58
N MET B 2050 -35.27 -6.41 4.31
CA MET B 2050 -34.19 -6.72 5.24
C MET B 2050 -32.95 -7.21 4.50
N LYS B 2051 -33.11 -7.64 3.25
CA LYS B 2051 -31.95 -7.88 2.39
C LYS B 2051 -31.41 -6.58 1.80
N SER B 2052 -32.24 -5.53 1.71
CA SER B 2052 -31.81 -4.25 1.16
C SER B 2052 -30.94 -3.51 2.15
N GLN B 2053 -29.85 -2.93 1.64
CA GLN B 2053 -28.93 -2.17 2.48
C GLN B 2053 -29.12 -0.66 2.39
N ASP B 2054 -29.67 -0.15 1.29
CA ASP B 2054 -29.82 1.29 1.16
C ASP B 2054 -31.02 1.80 1.95
N LEU B 2055 -32.07 0.99 2.10
CA LEU B 2055 -33.26 1.43 2.81
C LEU B 2055 -33.24 1.08 4.29
N LEU B 2056 -32.17 0.48 4.79
CA LEU B 2056 -32.03 0.20 6.22
C LEU B 2056 -31.47 1.39 6.99
N ASN B 2057 -31.27 2.52 6.34
CA ASN B 2057 -30.74 3.69 7.03
C ASN B 2057 -31.76 4.23 8.02
N LEU B 2058 -31.26 4.83 9.09
CA LEU B 2058 -32.09 5.37 10.16
C LEU B 2058 -32.34 6.86 10.02
N ASN B 2059 -31.98 7.44 8.87
CA ASN B 2059 -32.22 8.89 8.64
C ASN B 2059 -33.45 9.07 7.75
N TYR B 2060 -34.45 9.82 8.22
CA TYR B 2060 -35.70 10.06 7.45
C TYR B 2060 -35.33 10.77 6.15
N ASP B 2061 -34.40 11.71 6.23
CA ASP B 2061 -33.98 12.48 5.03
C ASP B 2061 -33.37 11.55 3.99
N ASN B 2062 -32.57 10.57 4.41
CA ASN B 2062 -31.86 9.70 3.44
C ASN B 2062 -32.84 8.75 2.74
N ILE B 2063 -34.01 8.51 3.33
CA ILE B 2063 -35.04 7.68 2.70
C ILE B 2063 -36.05 8.54 1.96
N ARG B 2064 -36.38 9.71 2.50
CA ARG B 2064 -37.23 10.66 1.79
C ARG B 2064 -36.60 11.13 0.49
N ASN B 2065 -35.27 11.10 0.41
CA ASN B 2065 -34.59 11.62 -0.81
C ASN B 2065 -33.95 10.44 -1.55
N SER B 2066 -34.55 9.26 -1.46
CA SER B 2066 -33.97 8.04 -2.10
C SER B 2066 -34.44 7.95 -3.56
N ASN B 2067 -34.15 6.82 -4.22
CA ASN B 2067 -34.54 6.62 -5.64
C ASN B 2067 -35.49 5.44 -5.72
N LEU B 2068 -36.32 5.39 -6.76
CA LEU B 2068 -37.32 4.30 -6.89
C LEU B 2068 -36.57 2.96 -6.99
N ILE B 2069 -35.44 2.93 -7.69
CA ILE B 2069 -34.69 1.66 -7.91
C ILE B 2069 -34.39 0.97 -6.56
N SER B 2070 -33.97 1.73 -5.54
CA SER B 2070 -33.73 1.12 -4.23
C SER B 2070 -35.02 0.60 -3.60
N PHE B 2071 -36.13 1.30 -3.79
CA PHE B 2071 -37.41 0.85 -3.25
C PHE B 2071 -38.06 -0.23 -4.09
N SER B 2072 -37.64 -0.37 -5.35
CA SER B 2072 -38.30 -1.33 -6.28
C SER B 2072 -38.13 -2.79 -5.82
N LYS B 2073 -36.93 -3.16 -5.35
CA LYS B 2073 -36.67 -4.59 -5.00
C LYS B 2073 -37.65 -5.04 -3.90
N LEU B 2074 -38.26 -4.08 -3.21
CA LEU B 2074 -39.17 -4.41 -2.07
C LEU B 2074 -40.55 -4.79 -2.63
N ILE B 2075 -40.98 -4.13 -3.71
CA ILE B 2075 -42.35 -4.36 -4.25
C ILE B 2075 -42.50 -5.80 -4.74
N CYS B 2076 -43.48 -6.53 -4.17
CA CYS B 2076 -43.84 -7.90 -4.64
C CYS B 2076 -45.37 -7.87 -4.75
N CYS B 2077 -45.92 -7.59 -5.94
CA CYS B 2077 -47.39 -7.34 -6.05
C CYS B 2077 -48.32 -8.49 -5.65
N GLU B 2078 -48.13 -9.69 -6.19
CA GLU B 2078 -49.08 -10.80 -5.90
C GLU B 2078 -50.52 -10.36 -6.13
N GLY B 2079 -50.81 -9.61 -7.20
CA GLY B 2079 -52.20 -9.22 -7.54
C GLY B 2079 -52.73 -7.98 -6.82
N SER B 2080 -51.91 -7.31 -6.01
CA SER B 2080 -52.32 -6.07 -5.28
C SER B 2080 -52.38 -4.86 -6.23
N ASP B 2081 -53.10 -3.79 -5.86
CA ASP B 2081 -53.13 -2.54 -6.67
C ASP B 2081 -52.91 -1.36 -5.72
N ASN B 2082 -53.51 -1.38 -4.53
CA ASN B 2082 -53.28 -0.36 -3.47
C ASN B 2082 -51.89 -0.53 -2.85
N ILE B 2083 -51.13 0.58 -2.74
CA ILE B 2083 -49.77 0.54 -2.14
C ILE B 2083 -49.88 0.75 -0.62
N ASN B 2084 -50.86 1.54 -0.19
CA ASN B 2084 -50.98 1.89 1.26
C ASN B 2084 -51.14 0.62 2.11
N ASP B 2085 -51.85 -0.40 1.62
CA ASP B 2085 -52.10 -1.61 2.46
C ASP B 2085 -50.76 -2.18 2.96
N GLY B 2086 -49.73 -2.14 2.11
CA GLY B 2086 -48.44 -2.72 2.44
C GLY B 2086 -47.68 -1.90 3.47
N LEU B 2087 -47.72 -0.58 3.35
CA LEU B 2087 -46.97 0.29 4.25
C LEU B 2087 -47.51 0.33 5.66
N GLU B 2088 -48.74 -0.16 5.88
CA GLU B 2088 -49.29 -0.19 7.23
C GLU B 2088 -48.43 -1.05 8.16
N PHE B 2089 -47.74 -2.06 7.60
CA PHE B 2089 -46.89 -2.90 8.42
C PHE B 2089 -45.60 -2.19 8.82
N LEU B 2090 -45.26 -1.11 8.14
CA LEU B 2090 -44.04 -0.37 8.46
C LEU B 2090 -44.23 0.45 9.73
N SER B 2091 -43.13 0.70 10.42
CA SER B 2091 -43.18 1.39 11.71
C SER B 2091 -43.52 2.86 11.53
N ASP B 2092 -44.20 3.42 12.53
CA ASP B 2092 -44.52 4.84 12.58
C ASP B 2092 -43.79 5.57 13.71
N ASP B 2093 -42.71 5.00 14.22
CA ASP B 2093 -41.93 5.68 15.25
C ASP B 2093 -41.13 6.81 14.62
N PRO B 2094 -40.86 7.88 15.38
CA PRO B 2094 -40.09 9.00 14.83
C PRO B 2094 -38.67 8.56 14.46
N MET B 2095 -38.17 9.14 13.38
CA MET B 2095 -36.83 8.84 12.88
C MET B 2095 -35.96 10.09 12.94
N ASN B 2096 -34.69 9.91 12.58
CA ASN B 2096 -33.73 11.00 12.62
C ASN B 2096 -33.72 11.77 11.31
N PHE B 2097 -33.45 13.07 11.41
CA PHE B 2097 -33.28 13.93 10.25
C PHE B 2097 -32.01 14.74 10.43
N THR B 2098 -31.32 15.01 9.32
CA THR B 2098 -30.00 15.62 9.38
C THR B 2098 -30.08 17.07 9.81
N GLU B 2099 -29.05 17.52 10.53
CA GLU B 2099 -28.93 18.90 10.99
C GLU B 2099 -27.56 19.42 10.62
N GLY B 2100 -27.51 20.66 10.14
CA GLY B 2100 -26.28 21.26 9.66
C GLY B 2100 -25.75 22.28 10.66
N GLU B 2101 -24.42 22.24 10.85
CA GLU B 2101 -23.74 23.17 11.73
C GLU B 2101 -22.45 23.62 11.06
N ALA B 2102 -22.01 24.83 11.39
CA ALA B 2102 -20.79 25.41 10.86
C ALA B 2102 -19.70 25.34 11.93
N ILE B 2103 -18.56 24.75 11.57
CA ILE B 2103 -17.45 24.61 12.51
C ILE B 2103 -16.51 25.79 12.34
N HIS B 2104 -16.22 26.47 13.45
CA HIS B 2104 -15.36 27.65 13.44
C HIS B 2104 -13.91 27.20 13.50
N SER B 2105 -13.27 27.12 12.33
CA SER B 2105 -11.87 26.71 12.23
C SER B 2105 -11.28 27.30 10.96
N THR B 2106 -9.95 27.37 10.92
CA THR B 2106 -9.29 27.95 9.76
C THR B 2106 -9.61 27.23 8.46
N PRO B 2107 -9.66 25.87 8.40
CA PRO B 2107 -10.36 25.25 7.27
C PRO B 2107 -11.86 25.34 7.49
N ILE B 2108 -12.55 26.19 6.74
CA ILE B 2108 -13.97 26.39 6.96
C ILE B 2108 -14.75 25.24 6.33
N PHE B 2109 -15.51 24.53 7.15
CA PHE B 2109 -16.34 23.43 6.67
C PHE B 2109 -17.56 23.31 7.57
N ASN B 2110 -18.57 22.62 7.07
CA ASN B 2110 -19.82 22.41 7.79
C ASN B 2110 -20.00 20.92 8.07
N ILE B 2111 -20.51 20.60 9.26
CA ILE B 2111 -20.75 19.23 9.68
C ILE B 2111 -22.24 18.99 9.69
N TYR B 2112 -22.65 17.82 9.19
CA TYR B 2112 -24.06 17.44 9.14
C TYR B 2112 -24.23 16.13 9.91
N TYR B 2113 -25.11 16.16 10.91
CA TYR B 2113 -25.32 15.04 11.81
C TYR B 2113 -26.81 14.78 11.97
N SER B 2114 -27.13 13.71 12.68
CA SER B 2114 -28.52 13.34 12.89
C SER B 2114 -29.08 13.98 14.17
N LYS B 2115 -30.40 14.20 14.16
CA LYS B 2115 -31.11 14.73 15.31
C LYS B 2115 -32.32 13.83 15.60
N ARG B 2116 -32.97 14.10 16.73
CA ARG B 2116 -34.10 13.26 17.12
C ARG B 2116 -35.26 13.37 16.13
N GLY B 2117 -35.54 14.57 15.66
CA GLY B 2117 -36.60 14.75 14.68
C GLY B 2117 -37.92 15.16 15.32
N GLU B 2118 -38.99 14.91 14.56
CA GLU B 2118 -40.34 15.25 14.98
C GLU B 2118 -41.23 14.01 14.89
N ARG B 2119 -42.50 14.20 15.24
CA ARG B 2119 -43.44 13.09 15.21
C ARG B 2119 -43.76 12.67 13.79
N HIS B 2120 -43.86 13.63 12.86
CA HIS B 2120 -44.30 13.32 11.51
C HIS B 2120 -43.22 12.60 10.71
N MET B 2121 -41.96 12.72 11.12
CA MET B 2121 -40.87 12.02 10.43
C MET B 2121 -40.88 10.56 10.83
N THR B 2122 -41.63 9.75 10.08
CA THR B 2122 -41.72 8.32 10.34
C THR B 2122 -41.28 7.57 9.09
N TYR B 2123 -41.05 6.27 9.27
CA TYR B 2123 -40.67 5.43 8.13
C TYR B 2123 -41.77 5.39 7.08
N ARG B 2124 -43.02 5.21 7.52
CA ARG B 2124 -44.12 5.13 6.56
C ARG B 2124 -44.30 6.43 5.80
N ASN B 2125 -44.17 7.57 6.48
CA ASN B 2125 -44.28 8.86 5.80
C ASN B 2125 -43.17 9.03 4.77
N ALA B 2126 -41.94 8.64 5.13
CA ALA B 2126 -40.83 8.72 4.19
C ALA B 2126 -41.08 7.86 2.97
N ILE B 2127 -41.58 6.63 3.19
CA ILE B 2127 -41.86 5.75 2.06
C ILE B 2127 -42.98 6.32 1.19
N LYS B 2128 -44.00 6.90 1.81
CA LYS B 2128 -45.10 7.49 1.04
C LYS B 2128 -44.60 8.63 0.16
N LEU B 2129 -43.80 9.54 0.74
CA LEU B 2129 -43.26 10.65 -0.04
C LEU B 2129 -42.35 10.14 -1.15
N LEU B 2130 -41.50 9.16 -0.84
CA LEU B 2130 -40.63 8.59 -1.86
C LEU B 2130 -41.44 7.99 -3.00
N ILE B 2131 -42.49 7.23 -2.67
CA ILE B 2131 -43.33 6.63 -3.69
C ILE B 2131 -43.93 7.71 -4.58
N GLU B 2132 -44.54 8.73 -3.97
CA GLU B 2132 -45.20 9.76 -4.77
C GLU B 2132 -44.21 10.46 -5.70
N ARG B 2133 -43.11 10.97 -5.13
CA ARG B 2133 -42.15 11.74 -5.94
C ARG B 2133 -41.55 10.88 -7.04
N GLU B 2134 -41.04 9.70 -6.69
CA GLU B 2134 -40.33 8.89 -7.68
C GLU B 2134 -41.28 8.34 -8.73
N THR B 2135 -42.52 8.01 -8.36
CA THR B 2135 -43.48 7.55 -9.35
C THR B 2135 -43.85 8.67 -10.31
N LYS B 2136 -44.03 9.90 -9.81
CA LYS B 2136 -44.28 11.02 -10.70
C LYS B 2136 -43.11 11.24 -11.66
N ILE B 2137 -41.89 11.17 -11.13
CA ILE B 2137 -40.71 11.36 -11.96
C ILE B 2137 -40.59 10.26 -13.01
N PHE B 2138 -40.88 9.02 -12.63
CA PHE B 2138 -40.82 7.93 -13.60
C PHE B 2138 -41.89 8.07 -14.68
N GLU B 2139 -43.09 8.51 -14.28
CA GLU B 2139 -44.16 8.71 -15.25
C GLU B 2139 -43.78 9.80 -16.26
N GLU B 2140 -43.19 10.90 -15.78
CA GLU B 2140 -42.81 11.96 -16.70
C GLU B 2140 -41.59 11.56 -17.52
N ALA B 2141 -40.74 10.69 -16.98
CA ALA B 2141 -39.52 10.31 -17.69
C ALA B 2141 -39.80 9.36 -18.84
N PHE B 2142 -40.63 8.35 -18.61
CA PHE B 2142 -40.93 7.35 -19.63
C PHE B 2142 -42.24 7.61 -20.36
N THR B 2143 -42.64 8.88 -20.50
CA THR B 2143 -43.83 9.19 -21.25
C THR B 2143 -43.60 8.99 -22.75
N PHE B 2144 -42.68 9.77 -23.32
CA PHE B 2144 -42.40 9.82 -24.76
C PHE B 2144 -43.67 9.67 -25.59
N SER B 2145 -44.73 10.36 -25.18
CA SER B 2145 -46.00 10.35 -25.87
C SER B 2145 -46.67 11.69 -25.68
N GLU B 2146 -47.51 12.07 -26.64
CA GLU B 2146 -48.16 13.38 -26.58
C GLU B 2146 -49.18 13.45 -25.44
N ASN B 2147 -50.01 12.41 -25.31
CA ASN B 2147 -51.12 12.48 -24.36
C ASN B 2147 -50.63 12.37 -22.93
N GLY B 2148 -49.92 11.29 -22.59
CA GLY B 2148 -49.46 11.10 -21.23
C GLY B 2148 -49.00 9.66 -21.02
N PHE B 2149 -48.81 9.33 -19.74
CA PHE B 2149 -48.24 8.03 -19.38
C PHE B 2149 -49.22 6.89 -19.65
N ILE B 2150 -50.47 7.05 -19.19
CA ILE B 2150 -51.45 5.97 -19.34
C ILE B 2150 -52.05 5.92 -20.73
N SER B 2151 -51.57 6.77 -21.65
CA SER B 2151 -52.06 6.81 -23.02
C SER B 2151 -51.82 5.48 -23.73
N PRO B 2152 -52.73 5.05 -24.60
CA PRO B 2152 -52.54 3.76 -25.29
C PRO B 2152 -51.22 3.67 -26.04
N GLU B 2153 -50.76 4.76 -26.65
CA GLU B 2153 -49.49 4.72 -27.37
C GLU B 2153 -48.32 4.44 -26.41
N ASN B 2154 -48.31 5.11 -25.26
CA ASN B 2154 -47.26 4.85 -24.27
C ASN B 2154 -47.41 3.46 -23.70
N LEU B 2155 -48.65 2.98 -23.56
CA LEU B 2155 -48.86 1.60 -23.11
C LEU B 2155 -48.24 0.61 -24.09
N GLY B 2156 -48.43 0.84 -25.39
CA GLY B 2156 -47.81 -0.02 -26.37
C GLY B 2156 -46.29 0.06 -26.37
N CYS B 2157 -45.76 1.28 -26.17
CA CYS B 2157 -44.31 1.43 -26.09
C CYS B 2157 -43.73 0.69 -24.89
N LEU B 2158 -44.38 0.79 -23.73
CA LEU B 2158 -43.91 0.05 -22.56
C LEU B 2158 -44.07 -1.45 -22.75
N GLU B 2159 -45.14 -1.87 -23.44
CA GLU B 2159 -45.28 -3.28 -23.77
C GLU B 2159 -44.13 -3.76 -24.64
N ALA B 2160 -43.74 -2.94 -25.62
CA ALA B 2160 -42.58 -3.28 -26.46
C ALA B 2160 -41.31 -3.37 -25.62
N VAL B 2161 -41.14 -2.43 -24.67
CA VAL B 2161 -39.95 -2.44 -23.84
C VAL B 2161 -39.87 -3.71 -22.99
N VAL B 2162 -40.98 -4.07 -22.34
CA VAL B 2162 -40.98 -5.25 -21.49
C VAL B 2162 -40.86 -6.52 -22.33
N SER B 2163 -41.43 -6.52 -23.54
CA SER B 2163 -41.27 -7.65 -24.43
C SER B 2163 -39.82 -7.82 -24.86
N LEU B 2164 -39.16 -6.71 -25.19
CA LEU B 2164 -37.73 -6.77 -25.58
C LEU B 2164 -37.00 -7.58 -24.50
N ILE B 2165 -37.16 -7.18 -23.23
CA ILE B 2165 -36.52 -7.91 -22.10
C ILE B 2165 -37.10 -9.32 -21.97
N LYS B 2166 -38.42 -9.47 -22.12
CA LYS B 2166 -39.06 -10.82 -21.97
C LYS B 2166 -38.51 -11.73 -23.07
N LEU B 2167 -37.72 -11.15 -24.00
CA LEU B 2167 -37.17 -11.93 -25.10
C LEU B 2167 -35.65 -11.98 -25.04
N LEU B 2168 -35.01 -10.82 -24.91
CA LEU B 2168 -33.57 -10.75 -24.74
C LEU B 2168 -33.19 -11.33 -23.37
N LYS B 2169 -32.00 -11.91 -23.31
CA LYS B 2169 -31.51 -12.46 -22.06
C LYS B 2169 -31.41 -11.37 -21.01
N THR B 2170 -31.70 -11.72 -19.77
CA THR B 2170 -31.68 -10.74 -18.68
C THR B 2170 -30.28 -10.16 -18.54
N ASN B 2171 -30.13 -8.89 -18.90
CA ASN B 2171 -28.86 -8.20 -18.78
C ASN B 2171 -28.77 -7.51 -17.42
N GLU B 2172 -27.77 -6.64 -17.29
CA GLU B 2172 -27.47 -6.03 -16.00
C GLU B 2172 -28.59 -5.15 -15.49
N TRP B 2173 -29.24 -4.40 -16.39
CA TRP B 2173 -30.15 -3.34 -15.99
C TRP B 2173 -31.59 -3.54 -16.47
N SER B 2174 -31.95 -4.75 -16.91
CA SER B 2174 -33.30 -4.97 -17.42
C SER B 2174 -34.34 -5.00 -16.31
N THR B 2175 -33.99 -5.58 -15.16
CA THR B 2175 -34.99 -5.85 -14.13
C THR B 2175 -35.57 -4.56 -13.56
N VAL B 2176 -34.74 -3.53 -13.38
CA VAL B 2176 -35.20 -2.31 -12.73
C VAL B 2176 -36.25 -1.60 -13.58
N ILE B 2177 -36.08 -1.66 -14.91
CA ILE B 2177 -37.06 -1.00 -15.82
C ILE B 2177 -38.40 -1.69 -15.62
N ASP B 2178 -38.42 -3.02 -15.71
CA ASP B 2178 -39.67 -3.80 -15.53
C ASP B 2178 -40.27 -3.51 -14.15
N LYS B 2179 -39.45 -3.58 -13.09
CA LYS B 2179 -39.96 -3.39 -11.71
C LYS B 2179 -40.61 -2.01 -11.56
N CYS B 2180 -39.95 -0.95 -12.03
CA CYS B 2180 -40.45 0.41 -11.86
C CYS B 2180 -41.70 0.64 -12.71
N ILE B 2181 -41.74 0.05 -13.91
CA ILE B 2181 -42.96 0.11 -14.71
C ILE B 2181 -44.12 -0.54 -13.96
N HIS B 2182 -43.83 -1.68 -13.34
CA HIS B 2182 -44.87 -2.39 -12.55
C HIS B 2182 -45.35 -1.47 -11.42
N ILE B 2183 -44.42 -0.83 -10.72
CA ILE B 2183 -44.77 0.04 -9.60
C ILE B 2183 -45.68 1.18 -10.06
N CYS B 2184 -45.30 1.84 -11.15
CA CYS B 2184 -46.09 2.96 -11.62
C CYS B 2184 -47.44 2.51 -12.19
N LEU B 2185 -47.51 1.29 -12.71
CA LEU B 2185 -48.82 0.73 -13.06
C LEU B 2185 -49.65 0.48 -11.81
N ILE B 2186 -49.00 0.06 -10.72
CA ILE B 2186 -49.69 -0.15 -9.45
C ILE B 2186 -50.27 1.16 -8.93
N LYS B 2187 -49.48 2.23 -9.05
CA LYS B 2187 -49.90 3.56 -8.54
C LYS B 2187 -51.02 4.12 -9.41
N ASN B 2188 -51.02 3.79 -10.71
CA ASN B 2188 -52.03 4.37 -11.63
C ASN B 2188 -53.25 3.44 -11.73
N GLY B 2189 -53.26 2.35 -10.96
CA GLY B 2189 -54.42 1.44 -10.95
C GLY B 2189 -54.47 0.55 -12.18
N MET B 2190 -53.38 0.51 -12.95
CA MET B 2190 -53.31 -0.38 -14.14
C MET B 2190 -52.54 -1.65 -13.76
N ASP B 2191 -52.71 -2.13 -12.53
CA ASP B 2191 -52.08 -3.41 -12.12
C ASP B 2191 -52.54 -4.46 -13.13
N HIS B 2192 -53.82 -4.41 -13.49
CA HIS B 2192 -54.40 -5.39 -14.45
C HIS B 2192 -53.59 -5.35 -15.75
N MET B 2193 -53.14 -4.17 -16.16
CA MET B 2193 -52.44 -4.08 -17.44
C MET B 2193 -50.93 -4.01 -17.23
N TYR B 2194 -50.42 -4.93 -16.43
CA TYR B 2194 -48.99 -5.25 -16.37
C TYR B 2194 -48.74 -6.74 -16.47
N HIS B 2195 -49.56 -7.52 -15.76
CA HIS B 2195 -49.45 -9.00 -15.82
C HIS B 2195 -50.03 -9.45 -17.16
N SER B 2196 -50.74 -8.55 -17.85
CA SER B 2196 -51.30 -8.86 -19.19
C SER B 2196 -50.31 -8.38 -20.24
N PHE B 2197 -49.05 -8.84 -20.17
CA PHE B 2197 -48.01 -8.36 -21.12
C PHE B 2197 -47.63 -9.49 -22.09
N ASP B 2198 -47.74 -9.25 -23.40
CA ASP B 2198 -47.43 -10.27 -24.39
C ASP B 2198 -46.44 -9.72 -25.41
N VAL B 2199 -46.26 -10.43 -26.52
CA VAL B 2199 -45.37 -10.02 -27.60
C VAL B 2199 -46.19 -9.23 -28.61
N PRO B 2200 -45.82 -7.98 -28.92
CA PRO B 2200 -46.56 -7.14 -29.87
C PRO B 2200 -46.38 -7.59 -31.32
N ILE B 2212 -39.05 -11.94 -33.68
CA ILE B 2212 -39.78 -11.84 -34.98
C ILE B 2212 -39.35 -10.55 -35.68
N ASN B 2213 -40.06 -9.45 -35.44
CA ASN B 2213 -39.70 -8.13 -36.04
C ASN B 2213 -38.52 -7.54 -35.27
N TRP B 2214 -37.34 -8.14 -35.38
CA TRP B 2214 -36.17 -7.66 -34.59
C TRP B 2214 -35.65 -6.35 -35.16
N VAL B 2215 -35.76 -6.16 -36.48
CA VAL B 2215 -35.36 -4.86 -37.10
C VAL B 2215 -36.28 -3.77 -36.54
N MET B 2216 -37.58 -4.07 -36.43
CA MET B 2216 -38.54 -3.09 -35.85
C MET B 2216 -38.19 -2.83 -34.37
N PHE B 2217 -37.81 -3.89 -33.63
CA PHE B 2217 -37.44 -3.72 -32.21
C PHE B 2217 -36.21 -2.81 -32.13
N ARG B 2218 -35.26 -2.99 -33.03
CA ARG B 2218 -34.04 -2.14 -33.06
C ARG B 2218 -34.46 -0.68 -33.34
N GLU B 2219 -35.39 -0.48 -34.27
CA GLU B 2219 -35.87 0.88 -34.59
C GLU B 2219 -36.44 1.52 -33.33
N PHE B 2220 -37.43 0.87 -32.71
CA PHE B 2220 -38.02 1.39 -31.47
C PHE B 2220 -36.94 1.79 -30.47
N ILE B 2221 -35.98 0.91 -30.21
CA ILE B 2221 -35.04 1.14 -29.12
C ILE B 2221 -34.12 2.31 -29.42
N ASN B 2222 -33.64 2.42 -30.65
CA ASN B 2222 -32.72 3.50 -30.99
C ASN B 2222 -33.40 4.85 -30.93
N SER B 2223 -34.72 4.89 -31.14
CA SER B 2223 -35.46 6.15 -31.20
C SER B 2223 -36.00 6.61 -29.86
N LEU B 2224 -35.86 5.81 -28.79
CA LEU B 2224 -36.42 6.21 -27.51
C LEU B 2224 -35.63 7.38 -26.93
N PRO B 2225 -36.28 8.47 -26.55
CA PRO B 2225 -35.56 9.63 -26.03
C PRO B 2225 -35.00 9.37 -24.63
N GLY B 2226 -33.97 10.14 -24.29
CA GLY B 2226 -33.35 10.08 -22.99
C GLY B 2226 -33.63 11.33 -22.19
N THR B 2227 -33.99 11.14 -20.92
CA THR B 2227 -34.31 12.25 -20.05
C THR B 2227 -33.04 12.84 -19.43
N ASP B 2228 -33.20 13.92 -18.67
CA ASP B 2228 -32.01 14.61 -18.11
C ASP B 2228 -32.13 14.80 -16.59
N ILE B 2229 -33.21 15.44 -16.13
CA ILE B 2229 -33.36 15.76 -14.68
C ILE B 2229 -33.42 14.51 -13.79
N PRO B 2230 -34.16 13.43 -14.14
CA PRO B 2230 -34.30 12.28 -13.23
C PRO B 2230 -33.01 11.47 -13.02
N PRO B 2231 -32.90 10.68 -11.93
CA PRO B 2231 -31.75 9.78 -11.74
C PRO B 2231 -31.82 8.76 -12.89
N TRP B 2232 -33.01 8.63 -13.49
CA TRP B 2232 -33.22 7.69 -14.64
C TRP B 2232 -32.42 8.15 -15.86
N ASN B 2233 -31.92 9.38 -15.88
CA ASN B 2233 -31.27 9.87 -17.11
C ASN B 2233 -30.12 8.93 -17.51
N VAL B 2234 -29.31 8.50 -16.55
CA VAL B 2234 -28.15 7.60 -16.85
C VAL B 2234 -28.70 6.18 -17.03
N MET B 2235 -29.61 5.74 -16.16
CA MET B 2235 -30.08 4.34 -16.23
C MET B 2235 -30.78 4.07 -17.57
N THR B 2236 -31.63 4.99 -18.03
CA THR B 2236 -32.39 4.70 -19.28
C THR B 2236 -31.40 4.58 -20.45
N GLU B 2237 -30.41 5.47 -20.53
CA GLU B 2237 -29.41 5.44 -21.62
C GLU B 2237 -28.57 4.16 -21.51
N ASN B 2238 -28.14 3.82 -20.30
CA ASN B 2238 -27.33 2.60 -20.10
C ASN B 2238 -28.16 1.41 -20.59
N PHE B 2239 -29.45 1.38 -20.23
CA PHE B 2239 -30.33 0.32 -20.67
C PHE B 2239 -30.37 0.23 -22.19
N LYS B 2240 -30.53 1.38 -22.85
CA LYS B 2240 -30.54 1.39 -24.32
C LYS B 2240 -29.19 0.94 -24.88
N LYS B 2241 -28.09 1.39 -24.28
CA LYS B 2241 -26.77 0.98 -24.77
C LYS B 2241 -26.59 -0.53 -24.67
N LYS B 2242 -26.91 -1.11 -23.52
CA LYS B 2242 -26.79 -2.55 -23.34
C LYS B 2242 -27.71 -3.30 -24.30
N CYS B 2243 -28.95 -2.82 -24.47
CA CYS B 2243 -29.88 -3.50 -25.35
C CYS B 2243 -29.40 -3.47 -26.80
N ILE B 2244 -28.91 -2.32 -27.27
CA ILE B 2244 -28.47 -2.23 -28.66
C ILE B 2244 -27.22 -3.05 -28.88
N ALA B 2245 -26.28 -3.04 -27.92
CA ALA B 2245 -25.10 -3.88 -28.06
C ALA B 2245 -25.48 -5.35 -28.10
N LEU B 2246 -26.38 -5.78 -27.21
CA LEU B 2246 -26.78 -7.19 -27.16
C LEU B 2246 -27.50 -7.61 -28.43
N ILE B 2247 -28.41 -6.78 -28.94
CA ILE B 2247 -29.14 -7.16 -30.14
C ILE B 2247 -28.23 -7.12 -31.37
N ASN B 2248 -27.28 -6.18 -31.42
CA ASN B 2248 -26.31 -6.18 -32.52
C ASN B 2248 -25.45 -7.43 -32.49
N SER B 2249 -25.04 -7.86 -31.30
CA SER B 2249 -24.34 -9.14 -31.17
C SER B 2249 -25.24 -10.30 -31.54
N LYS B 2250 -26.56 -10.15 -31.36
CA LYS B 2250 -27.51 -11.20 -31.68
C LYS B 2250 -28.12 -11.06 -33.07
#